data_3QYL
# 
_entry.id   3QYL 
# 
_audit_conform.dict_name       mmcif_pdbx.dic 
_audit_conform.dict_version    5.387 
_audit_conform.dict_location   http://mmcif.pdb.org/dictionaries/ascii/mmcif_pdbx.dic 
# 
loop_
_database_2.database_id 
_database_2.database_code 
_database_2.pdbx_database_accession 
_database_2.pdbx_DOI 
PDB   3QYL         pdb_00003qyl 10.2210/pdb3qyl/pdb 
RCSB  RCSB064266   ?            ?                   
WWPDB D_1000064266 ?            ?                   
# 
loop_
_pdbx_audit_revision_history.ordinal 
_pdbx_audit_revision_history.data_content_type 
_pdbx_audit_revision_history.major_revision 
_pdbx_audit_revision_history.minor_revision 
_pdbx_audit_revision_history.revision_date 
1 'Structure model' 1 0 2012-01-18 
2 'Structure model' 1 1 2012-04-25 
3 'Structure model' 1 2 2014-11-12 
4 'Structure model' 1 3 2024-02-21 
# 
_pdbx_audit_revision_details.ordinal             1 
_pdbx_audit_revision_details.revision_ordinal    1 
_pdbx_audit_revision_details.data_content_type   'Structure model' 
_pdbx_audit_revision_details.provider            repository 
_pdbx_audit_revision_details.type                'Initial release' 
_pdbx_audit_revision_details.description         ? 
_pdbx_audit_revision_details.details             ? 
# 
loop_
_pdbx_audit_revision_group.ordinal 
_pdbx_audit_revision_group.revision_ordinal 
_pdbx_audit_revision_group.data_content_type 
_pdbx_audit_revision_group.group 
1 2 'Structure model' 'Database references'  
2 3 'Structure model' 'Structure summary'    
3 4 'Structure model' 'Data collection'      
4 4 'Structure model' 'Database references'  
5 4 'Structure model' 'Derived calculations' 
# 
loop_
_pdbx_audit_revision_category.ordinal 
_pdbx_audit_revision_category.revision_ordinal 
_pdbx_audit_revision_category.data_content_type 
_pdbx_audit_revision_category.category 
1 4 'Structure model' chem_comp_atom         
2 4 'Structure model' chem_comp_bond         
3 4 'Structure model' database_2             
4 4 'Structure model' pdbx_struct_conn_angle 
5 4 'Structure model' struct_conn            
6 4 'Structure model' struct_ref_seq_dif     
7 4 'Structure model' struct_site            
# 
loop_
_pdbx_audit_revision_item.ordinal 
_pdbx_audit_revision_item.revision_ordinal 
_pdbx_audit_revision_item.data_content_type 
_pdbx_audit_revision_item.item 
1  4 'Structure model' '_database_2.pdbx_DOI'                      
2  4 'Structure model' '_database_2.pdbx_database_accession'       
3  4 'Structure model' '_pdbx_struct_conn_angle.ptnr1_auth_seq_id' 
4  4 'Structure model' '_pdbx_struct_conn_angle.ptnr3_auth_seq_id' 
5  4 'Structure model' '_pdbx_struct_conn_angle.value'             
6  4 'Structure model' '_struct_conn.pdbx_dist_value'              
7  4 'Structure model' '_struct_conn.ptnr1_auth_comp_id'           
8  4 'Structure model' '_struct_conn.ptnr1_auth_seq_id'            
9  4 'Structure model' '_struct_conn.ptnr1_label_asym_id'          
10 4 'Structure model' '_struct_conn.ptnr1_label_atom_id'          
11 4 'Structure model' '_struct_conn.ptnr1_label_comp_id'          
12 4 'Structure model' '_struct_conn.ptnr2_auth_comp_id'           
13 4 'Structure model' '_struct_conn.ptnr2_auth_seq_id'            
14 4 'Structure model' '_struct_conn.ptnr2_label_asym_id'          
15 4 'Structure model' '_struct_conn.ptnr2_label_atom_id'          
16 4 'Structure model' '_struct_conn.ptnr2_label_comp_id'          
17 4 'Structure model' '_struct_ref_seq_dif.details'               
18 4 'Structure model' '_struct_site.pdbx_auth_asym_id'            
19 4 'Structure model' '_struct_site.pdbx_auth_comp_id'            
20 4 'Structure model' '_struct_site.pdbx_auth_seq_id'             
# 
_database_PDB_caveat.id     1 
_database_PDB_caveat.text   'CHIRALITY ERROR AT C7 CENTER OF 7ME A 160, CONFORMER B' 
# 
_pdbx_database_status.status_code                     REL 
_pdbx_database_status.entry_id                        3QYL 
_pdbx_database_status.recvd_initial_deposition_date   2011-03-03 
_pdbx_database_status.deposit_site                    RCSB 
_pdbx_database_status.process_site                    RCSB 
_pdbx_database_status.status_code_sf                  REL 
_pdbx_database_status.status_code_mr                  ? 
_pdbx_database_status.SG_entry                        ? 
_pdbx_database_status.status_code_cs                  ? 
_pdbx_database_status.methods_development_category    ? 
_pdbx_database_status.pdb_format_compatible           Y 
_pdbx_database_status.status_code_nmr_data            ? 
# 
_pdbx_database_related.db_name        PDB 
_pdbx_database_related.db_id          3QYO 
_pdbx_database_related.details        . 
_pdbx_database_related.content_type   unspecified 
# 
loop_
_audit_author.name 
_audit_author.pdbx_ordinal 
'Collins, E.J.'   1 
'Lee, A.L.'       2 
'Carroll, M.J.'   3 
'Mauldin, R.V.'   4 
'Gromova, A.V.'   5 
'Singleton, S.F.' 6 
# 
_citation.id                        primary 
_citation.title                     'Evidence for dynamics in proteins as a mechanism for ligand dissociation.' 
_citation.journal_abbrev            Nat.Chem.Biol. 
_citation.journal_volume            8 
_citation.page_first                246 
_citation.page_last                 252 
_citation.year                      2012 
_citation.journal_id_ASTM           ? 
_citation.country                   US 
_citation.journal_id_ISSN           1552-4450 
_citation.journal_id_CSD            ? 
_citation.book_publisher            ? 
_citation.pdbx_database_id_PubMed   22246400 
_citation.pdbx_database_id_DOI      10.1038/nchembio.769 
# 
loop_
_citation_author.citation_id 
_citation_author.name 
_citation_author.ordinal 
_citation_author.identifier_ORCID 
primary 'Carroll, M.J.'   1 ? 
primary 'Mauldin, R.V.'   2 ? 
primary 'Gromova, A.V.'   3 ? 
primary 'Singleton, S.F.' 4 ? 
primary 'Collins, E.J.'   5 ? 
primary 'Lee, A.L.'       6 ? 
# 
loop_
_entity.id 
_entity.type 
_entity.src_method 
_entity.pdbx_description 
_entity.formula_weight 
_entity.pdbx_number_of_molecules 
_entity.pdbx_ec 
_entity.pdbx_mutation 
_entity.pdbx_fragment 
_entity.details 
1 polymer     nat 'Dihydrofolate reductase'                                   18020.326 1   1.5.1.3 ? ? ? 
2 non-polymer syn '(7S)-7-methyl-5,6,7,8-tetrahydroquinazoline-2,4-diamine'   178.234   1   ?       ? ? ? 
3 non-polymer syn 'NADPH DIHYDRO-NICOTINAMIDE-ADENINE-DINUCLEOTIDE PHOSPHATE' 745.421   1   ?       ? ? ? 
4 non-polymer syn 'CALCIUM ION'                                               40.078    2   ?       ? ? ? 
5 non-polymer syn 'CHLORIDE ION'                                              35.453    1   ?       ? ? ? 
6 water       nat water                                                       18.015    198 ?       ? ? ? 
# 
_entity_poly.entity_id                      1 
_entity_poly.type                           'polypeptide(L)' 
_entity_poly.nstd_linkage                   no 
_entity_poly.nstd_monomer                   no 
_entity_poly.pdbx_seq_one_letter_code       
;MISLIAALAVDRVIGMENAMPWNLPADLAWFKRNTLDKPVIMGRHTWESIGRPLPGRKNIILSSQPGTDDRVTWVKSVDE
AIAACGDVPEIMVIGGGRVYEQFLPKAQKLYLTHIDAEVEGDTHFPDYEPDDWESVFSEFHDADAQNSHSYCFEILERR
;
_entity_poly.pdbx_seq_one_letter_code_can   
;MISLIAALAVDRVIGMENAMPWNLPADLAWFKRNTLDKPVIMGRHTWESIGRPLPGRKNIILSSQPGTDDRVTWVKSVDE
AIAACGDVPEIMVIGGGRVYEQFLPKAQKLYLTHIDAEVEGDTHFPDYEPDDWESVFSEFHDADAQNSHSYCFEILERR
;
_entity_poly.pdbx_strand_id                 A 
_entity_poly.pdbx_target_identifier         ? 
# 
loop_
_pdbx_entity_nonpoly.entity_id 
_pdbx_entity_nonpoly.name 
_pdbx_entity_nonpoly.comp_id 
2 '(7S)-7-methyl-5,6,7,8-tetrahydroquinazoline-2,4-diamine'   7ME 
3 'NADPH DIHYDRO-NICOTINAMIDE-ADENINE-DINUCLEOTIDE PHOSPHATE' NDP 
4 'CALCIUM ION'                                               CA  
5 'CHLORIDE ION'                                              CL  
6 water                                                       HOH 
# 
loop_
_entity_poly_seq.entity_id 
_entity_poly_seq.num 
_entity_poly_seq.mon_id 
_entity_poly_seq.hetero 
1 1   MET n 
1 2   ILE n 
1 3   SER n 
1 4   LEU n 
1 5   ILE n 
1 6   ALA n 
1 7   ALA n 
1 8   LEU n 
1 9   ALA n 
1 10  VAL n 
1 11  ASP n 
1 12  ARG n 
1 13  VAL n 
1 14  ILE n 
1 15  GLY n 
1 16  MET n 
1 17  GLU n 
1 18  ASN n 
1 19  ALA n 
1 20  MET n 
1 21  PRO n 
1 22  TRP n 
1 23  ASN n 
1 24  LEU n 
1 25  PRO n 
1 26  ALA n 
1 27  ASP n 
1 28  LEU n 
1 29  ALA n 
1 30  TRP n 
1 31  PHE n 
1 32  LYS n 
1 33  ARG n 
1 34  ASN n 
1 35  THR n 
1 36  LEU n 
1 37  ASP n 
1 38  LYS n 
1 39  PRO n 
1 40  VAL n 
1 41  ILE n 
1 42  MET n 
1 43  GLY n 
1 44  ARG n 
1 45  HIS n 
1 46  THR n 
1 47  TRP n 
1 48  GLU n 
1 49  SER n 
1 50  ILE n 
1 51  GLY n 
1 52  ARG n 
1 53  PRO n 
1 54  LEU n 
1 55  PRO n 
1 56  GLY n 
1 57  ARG n 
1 58  LYS n 
1 59  ASN n 
1 60  ILE n 
1 61  ILE n 
1 62  LEU n 
1 63  SER n 
1 64  SER n 
1 65  GLN n 
1 66  PRO n 
1 67  GLY n 
1 68  THR n 
1 69  ASP n 
1 70  ASP n 
1 71  ARG n 
1 72  VAL n 
1 73  THR n 
1 74  TRP n 
1 75  VAL n 
1 76  LYS n 
1 77  SER n 
1 78  VAL n 
1 79  ASP n 
1 80  GLU n 
1 81  ALA n 
1 82  ILE n 
1 83  ALA n 
1 84  ALA n 
1 85  CYS n 
1 86  GLY n 
1 87  ASP n 
1 88  VAL n 
1 89  PRO n 
1 90  GLU n 
1 91  ILE n 
1 92  MET n 
1 93  VAL n 
1 94  ILE n 
1 95  GLY n 
1 96  GLY n 
1 97  GLY n 
1 98  ARG n 
1 99  VAL n 
1 100 TYR n 
1 101 GLU n 
1 102 GLN n 
1 103 PHE n 
1 104 LEU n 
1 105 PRO n 
1 106 LYS n 
1 107 ALA n 
1 108 GLN n 
1 109 LYS n 
1 110 LEU n 
1 111 TYR n 
1 112 LEU n 
1 113 THR n 
1 114 HIS n 
1 115 ILE n 
1 116 ASP n 
1 117 ALA n 
1 118 GLU n 
1 119 VAL n 
1 120 GLU n 
1 121 GLY n 
1 122 ASP n 
1 123 THR n 
1 124 HIS n 
1 125 PHE n 
1 126 PRO n 
1 127 ASP n 
1 128 TYR n 
1 129 GLU n 
1 130 PRO n 
1 131 ASP n 
1 132 ASP n 
1 133 TRP n 
1 134 GLU n 
1 135 SER n 
1 136 VAL n 
1 137 PHE n 
1 138 SER n 
1 139 GLU n 
1 140 PHE n 
1 141 HIS n 
1 142 ASP n 
1 143 ALA n 
1 144 ASP n 
1 145 ALA n 
1 146 GLN n 
1 147 ASN n 
1 148 SER n 
1 149 HIS n 
1 150 SER n 
1 151 TYR n 
1 152 CYS n 
1 153 PHE n 
1 154 GLU n 
1 155 ILE n 
1 156 LEU n 
1 157 GLU n 
1 158 ARG n 
1 159 ARG n 
# 
_entity_src_nat.entity_id                  1 
_entity_src_nat.pdbx_src_id                1 
_entity_src_nat.pdbx_alt_source_flag       sample 
_entity_src_nat.pdbx_beg_seq_num           ? 
_entity_src_nat.pdbx_end_seq_num           ? 
_entity_src_nat.common_name                ? 
_entity_src_nat.pdbx_organism_scientific   'Escherichia coli K-12' 
_entity_src_nat.pdbx_ncbi_taxonomy_id      83333 
_entity_src_nat.genus                      ? 
_entity_src_nat.species                    ? 
_entity_src_nat.strain                     K12 
_entity_src_nat.tissue                     ? 
_entity_src_nat.tissue_fraction            ? 
_entity_src_nat.pdbx_secretion             ? 
_entity_src_nat.pdbx_fragment              ? 
_entity_src_nat.pdbx_variant               ? 
_entity_src_nat.pdbx_cell_line             ? 
_entity_src_nat.pdbx_atcc                  ? 
_entity_src_nat.pdbx_cellular_location     ? 
_entity_src_nat.pdbx_organ                 ? 
_entity_src_nat.pdbx_organelle             ? 
_entity_src_nat.pdbx_cell                  ? 
_entity_src_nat.pdbx_plasmid_name          ? 
_entity_src_nat.pdbx_plasmid_details       ? 
_entity_src_nat.details                    ? 
# 
loop_
_chem_comp.id 
_chem_comp.type 
_chem_comp.mon_nstd_flag 
_chem_comp.name 
_chem_comp.pdbx_synonyms 
_chem_comp.formula 
_chem_comp.formula_weight 
7ME non-polymer         . '(7S)-7-methyl-5,6,7,8-tetrahydroquinazoline-2,4-diamine'   ? 'C9 H14 N4'         178.234 
ALA 'L-peptide linking' y ALANINE                                                     ? 'C3 H7 N O2'        89.093  
ARG 'L-peptide linking' y ARGININE                                                    ? 'C6 H15 N4 O2 1'    175.209 
ASN 'L-peptide linking' y ASPARAGINE                                                  ? 'C4 H8 N2 O3'       132.118 
ASP 'L-peptide linking' y 'ASPARTIC ACID'                                             ? 'C4 H7 N O4'        133.103 
CA  non-polymer         . 'CALCIUM ION'                                               ? 'Ca 2'              40.078  
CL  non-polymer         . 'CHLORIDE ION'                                              ? 'Cl -1'             35.453  
CYS 'L-peptide linking' y CYSTEINE                                                    ? 'C3 H7 N O2 S'      121.158 
GLN 'L-peptide linking' y GLUTAMINE                                                   ? 'C5 H10 N2 O3'      146.144 
GLU 'L-peptide linking' y 'GLUTAMIC ACID'                                             ? 'C5 H9 N O4'        147.129 
GLY 'peptide linking'   y GLYCINE                                                     ? 'C2 H5 N O2'        75.067  
HIS 'L-peptide linking' y HISTIDINE                                                   ? 'C6 H10 N3 O2 1'    156.162 
HOH non-polymer         . WATER                                                       ? 'H2 O'              18.015  
ILE 'L-peptide linking' y ISOLEUCINE                                                  ? 'C6 H13 N O2'       131.173 
LEU 'L-peptide linking' y LEUCINE                                                     ? 'C6 H13 N O2'       131.173 
LYS 'L-peptide linking' y LYSINE                                                      ? 'C6 H15 N2 O2 1'    147.195 
MET 'L-peptide linking' y METHIONINE                                                  ? 'C5 H11 N O2 S'     149.211 
NDP non-polymer         . 'NADPH DIHYDRO-NICOTINAMIDE-ADENINE-DINUCLEOTIDE PHOSPHATE' ? 'C21 H30 N7 O17 P3' 745.421 
PHE 'L-peptide linking' y PHENYLALANINE                                               ? 'C9 H11 N O2'       165.189 
PRO 'L-peptide linking' y PROLINE                                                     ? 'C5 H9 N O2'        115.130 
SER 'L-peptide linking' y SERINE                                                      ? 'C3 H7 N O3'        105.093 
THR 'L-peptide linking' y THREONINE                                                   ? 'C4 H9 N O3'        119.119 
TRP 'L-peptide linking' y TRYPTOPHAN                                                  ? 'C11 H12 N2 O2'     204.225 
TYR 'L-peptide linking' y TYROSINE                                                    ? 'C9 H11 N O3'       181.189 
VAL 'L-peptide linking' y VALINE                                                      ? 'C5 H11 N O2'       117.146 
# 
loop_
_pdbx_poly_seq_scheme.asym_id 
_pdbx_poly_seq_scheme.entity_id 
_pdbx_poly_seq_scheme.seq_id 
_pdbx_poly_seq_scheme.mon_id 
_pdbx_poly_seq_scheme.ndb_seq_num 
_pdbx_poly_seq_scheme.pdb_seq_num 
_pdbx_poly_seq_scheme.auth_seq_num 
_pdbx_poly_seq_scheme.pdb_mon_id 
_pdbx_poly_seq_scheme.auth_mon_id 
_pdbx_poly_seq_scheme.pdb_strand_id 
_pdbx_poly_seq_scheme.pdb_ins_code 
_pdbx_poly_seq_scheme.hetero 
A 1 1   MET 1   1   1   MET MET A . n 
A 1 2   ILE 2   2   2   ILE ILE A . n 
A 1 3   SER 3   3   3   SER SER A . n 
A 1 4   LEU 4   4   4   LEU LEU A . n 
A 1 5   ILE 5   5   5   ILE ILE A . n 
A 1 6   ALA 6   6   6   ALA ALA A . n 
A 1 7   ALA 7   7   7   ALA ALA A . n 
A 1 8   LEU 8   8   8   LEU LEU A . n 
A 1 9   ALA 9   9   9   ALA ALA A . n 
A 1 10  VAL 10  10  10  VAL VAL A . n 
A 1 11  ASP 11  11  11  ASP ASP A . n 
A 1 12  ARG 12  12  12  ARG ARG A . n 
A 1 13  VAL 13  13  13  VAL VAL A . n 
A 1 14  ILE 14  14  14  ILE ILE A . n 
A 1 15  GLY 15  15  15  GLY GLY A . n 
A 1 16  MET 16  16  16  MET MET A . n 
A 1 17  GLU 17  17  17  GLU GLU A . n 
A 1 18  ASN 18  18  18  ASN ASN A . n 
A 1 19  ALA 19  19  19  ALA ALA A . n 
A 1 20  MET 20  20  20  MET MET A . n 
A 1 21  PRO 21  21  21  PRO PRO A . n 
A 1 22  TRP 22  22  22  TRP TRP A . n 
A 1 23  ASN 23  23  23  ASN ASN A . n 
A 1 24  LEU 24  24  24  LEU LEU A . n 
A 1 25  PRO 25  25  25  PRO PRO A . n 
A 1 26  ALA 26  26  26  ALA ALA A . n 
A 1 27  ASP 27  27  27  ASP ASP A . n 
A 1 28  LEU 28  28  28  LEU LEU A . n 
A 1 29  ALA 29  29  29  ALA ALA A . n 
A 1 30  TRP 30  30  30  TRP TRP A . n 
A 1 31  PHE 31  31  31  PHE PHE A . n 
A 1 32  LYS 32  32  32  LYS LYS A . n 
A 1 33  ARG 33  33  33  ARG ARG A . n 
A 1 34  ASN 34  34  34  ASN ASN A . n 
A 1 35  THR 35  35  35  THR THR A . n 
A 1 36  LEU 36  36  36  LEU LEU A . n 
A 1 37  ASP 37  37  37  ASP ASP A . n 
A 1 38  LYS 38  38  38  LYS LYS A . n 
A 1 39  PRO 39  39  39  PRO PRO A . n 
A 1 40  VAL 40  40  40  VAL VAL A . n 
A 1 41  ILE 41  41  41  ILE ILE A . n 
A 1 42  MET 42  42  42  MET MET A . n 
A 1 43  GLY 43  43  43  GLY GLY A . n 
A 1 44  ARG 44  44  44  ARG ARG A . n 
A 1 45  HIS 45  45  45  HIS HIS A . n 
A 1 46  THR 46  46  46  THR THR A . n 
A 1 47  TRP 47  47  47  TRP TRP A . n 
A 1 48  GLU 48  48  48  GLU GLU A . n 
A 1 49  SER 49  49  49  SER SER A . n 
A 1 50  ILE 50  50  50  ILE ILE A . n 
A 1 51  GLY 51  51  51  GLY GLY A . n 
A 1 52  ARG 52  52  52  ARG ARG A . n 
A 1 53  PRO 53  53  53  PRO PRO A . n 
A 1 54  LEU 54  54  54  LEU LEU A . n 
A 1 55  PRO 55  55  55  PRO PRO A . n 
A 1 56  GLY 56  56  56  GLY GLY A . n 
A 1 57  ARG 57  57  57  ARG ARG A . n 
A 1 58  LYS 58  58  58  LYS LYS A . n 
A 1 59  ASN 59  59  59  ASN ASN A . n 
A 1 60  ILE 60  60  60  ILE ILE A . n 
A 1 61  ILE 61  61  61  ILE ILE A . n 
A 1 62  LEU 62  62  62  LEU LEU A . n 
A 1 63  SER 63  63  63  SER SER A . n 
A 1 64  SER 64  64  64  SER SER A . n 
A 1 65  GLN 65  65  65  GLN GLN A . n 
A 1 66  PRO 66  66  66  PRO PRO A . n 
A 1 67  GLY 67  67  67  GLY GLY A . n 
A 1 68  THR 68  68  68  THR THR A . n 
A 1 69  ASP 69  69  69  ASP ASP A . n 
A 1 70  ASP 70  70  70  ASP ASP A . n 
A 1 71  ARG 71  71  71  ARG ARG A . n 
A 1 72  VAL 72  72  72  VAL VAL A . n 
A 1 73  THR 73  73  73  THR THR A . n 
A 1 74  TRP 74  74  74  TRP TRP A . n 
A 1 75  VAL 75  75  75  VAL VAL A . n 
A 1 76  LYS 76  76  76  LYS LYS A . n 
A 1 77  SER 77  77  77  SER SER A . n 
A 1 78  VAL 78  78  78  VAL VAL A . n 
A 1 79  ASP 79  79  79  ASP ASP A . n 
A 1 80  GLU 80  80  80  GLU GLU A . n 
A 1 81  ALA 81  81  81  ALA ALA A . n 
A 1 82  ILE 82  82  82  ILE ILE A . n 
A 1 83  ALA 83  83  83  ALA ALA A . n 
A 1 84  ALA 84  84  84  ALA ALA A . n 
A 1 85  CYS 85  85  85  CYS CYS A . n 
A 1 86  GLY 86  86  86  GLY GLY A . n 
A 1 87  ASP 87  87  87  ASP ASP A . n 
A 1 88  VAL 88  88  88  VAL VAL A . n 
A 1 89  PRO 89  89  89  PRO PRO A . n 
A 1 90  GLU 90  90  90  GLU GLU A . n 
A 1 91  ILE 91  91  91  ILE ILE A . n 
A 1 92  MET 92  92  92  MET MET A . n 
A 1 93  VAL 93  93  93  VAL VAL A . n 
A 1 94  ILE 94  94  94  ILE ILE A . n 
A 1 95  GLY 95  95  95  GLY GLY A . n 
A 1 96  GLY 96  96  96  GLY GLY A . n 
A 1 97  GLY 97  97  97  GLY GLY A . n 
A 1 98  ARG 98  98  98  ARG ARG A . n 
A 1 99  VAL 99  99  99  VAL VAL A . n 
A 1 100 TYR 100 100 100 TYR TYR A . n 
A 1 101 GLU 101 101 101 GLU GLU A . n 
A 1 102 GLN 102 102 102 GLN GLN A . n 
A 1 103 PHE 103 103 103 PHE PHE A . n 
A 1 104 LEU 104 104 104 LEU LEU A . n 
A 1 105 PRO 105 105 105 PRO PRO A . n 
A 1 106 LYS 106 106 106 LYS LYS A . n 
A 1 107 ALA 107 107 107 ALA ALA A . n 
A 1 108 GLN 108 108 108 GLN GLN A . n 
A 1 109 LYS 109 109 109 LYS LYS A . n 
A 1 110 LEU 110 110 110 LEU LEU A . n 
A 1 111 TYR 111 111 111 TYR TYR A . n 
A 1 112 LEU 112 112 112 LEU LEU A . n 
A 1 113 THR 113 113 113 THR THR A . n 
A 1 114 HIS 114 114 114 HIS HIS A . n 
A 1 115 ILE 115 115 115 ILE ILE A . n 
A 1 116 ASP 116 116 116 ASP ASP A . n 
A 1 117 ALA 117 117 117 ALA ALA A . n 
A 1 118 GLU 118 118 118 GLU GLU A . n 
A 1 119 VAL 119 119 119 VAL VAL A . n 
A 1 120 GLU 120 120 120 GLU GLU A . n 
A 1 121 GLY 121 121 121 GLY GLY A . n 
A 1 122 ASP 122 122 122 ASP ASP A . n 
A 1 123 THR 123 123 123 THR THR A . n 
A 1 124 HIS 124 124 124 HIS HIS A . n 
A 1 125 PHE 125 125 125 PHE PHE A . n 
A 1 126 PRO 126 126 126 PRO PRO A . n 
A 1 127 ASP 127 127 127 ASP ASP A . n 
A 1 128 TYR 128 128 128 TYR TYR A . n 
A 1 129 GLU 129 129 129 GLU GLU A . n 
A 1 130 PRO 130 130 130 PRO PRO A . n 
A 1 131 ASP 131 131 131 ASP ASP A . n 
A 1 132 ASP 132 132 132 ASP ASP A . n 
A 1 133 TRP 133 133 133 TRP TRP A . n 
A 1 134 GLU 134 134 134 GLU GLU A . n 
A 1 135 SER 135 135 135 SER SER A . n 
A 1 136 VAL 136 136 136 VAL VAL A . n 
A 1 137 PHE 137 137 137 PHE PHE A . n 
A 1 138 SER 138 138 138 SER SER A . n 
A 1 139 GLU 139 139 139 GLU GLU A . n 
A 1 140 PHE 140 140 140 PHE PHE A . n 
A 1 141 HIS 141 141 141 HIS HIS A . n 
A 1 142 ASP 142 142 142 ASP ASP A . n 
A 1 143 ALA 143 143 143 ALA ALA A . n 
A 1 144 ASP 144 144 144 ASP ASP A . n 
A 1 145 ALA 145 145 145 ALA ALA A . n 
A 1 146 GLN 146 146 146 GLN GLN A . n 
A 1 147 ASN 147 147 147 ASN ASN A . n 
A 1 148 SER 148 148 148 SER SER A . n 
A 1 149 HIS 149 149 149 HIS HIS A . n 
A 1 150 SER 150 150 150 SER SER A . n 
A 1 151 TYR 151 151 151 TYR TYR A . n 
A 1 152 CYS 152 152 152 CYS CYS A . n 
A 1 153 PHE 153 153 153 PHE PHE A . n 
A 1 154 GLU 154 154 154 GLU GLU A . n 
A 1 155 ILE 155 155 155 ILE ILE A . n 
A 1 156 LEU 156 156 156 LEU LEU A . n 
A 1 157 GLU 157 157 157 GLU GLU A . n 
A 1 158 ARG 158 158 158 ARG ARG A . n 
A 1 159 ARG 159 159 159 ARG ARG A . n 
# 
loop_
_pdbx_nonpoly_scheme.asym_id 
_pdbx_nonpoly_scheme.entity_id 
_pdbx_nonpoly_scheme.mon_id 
_pdbx_nonpoly_scheme.ndb_seq_num 
_pdbx_nonpoly_scheme.pdb_seq_num 
_pdbx_nonpoly_scheme.auth_seq_num 
_pdbx_nonpoly_scheme.pdb_mon_id 
_pdbx_nonpoly_scheme.auth_mon_id 
_pdbx_nonpoly_scheme.pdb_strand_id 
_pdbx_nonpoly_scheme.pdb_ins_code 
B 2 7ME 1   160 160 7ME 7ME A . 
C 3 NDP 1   161 161 NDP NDP A . 
D 4 CA  1   213 213 CA  CA  A . 
E 5 CL  1   227 227 CL  CL  A . 
F 4 CA  1   300 300 CA  CA  A . 
G 6 HOH 1   162 162 HOH HOH A . 
G 6 HOH 2   163 163 HOH HOH A . 
G 6 HOH 3   164 164 HOH HOH A . 
G 6 HOH 4   165 165 HOH HOH A . 
G 6 HOH 5   166 166 HOH HOH A . 
G 6 HOH 6   167 167 HOH HOH A . 
G 6 HOH 7   168 168 HOH HOH A . 
G 6 HOH 8   169 169 HOH HOH A . 
G 6 HOH 9   170 170 HOH HOH A . 
G 6 HOH 10  171 171 HOH HOH A . 
G 6 HOH 11  172 172 HOH HOH A . 
G 6 HOH 12  173 173 HOH HOH A . 
G 6 HOH 13  174 174 HOH HOH A . 
G 6 HOH 14  175 175 HOH HOH A . 
G 6 HOH 15  176 176 HOH HOH A . 
G 6 HOH 16  177 177 HOH HOH A . 
G 6 HOH 17  178 178 HOH HOH A . 
G 6 HOH 18  179 179 HOH HOH A . 
G 6 HOH 19  180 180 HOH HOH A . 
G 6 HOH 20  181 181 HOH HOH A . 
G 6 HOH 21  182 182 HOH HOH A . 
G 6 HOH 22  183 183 HOH HOH A . 
G 6 HOH 23  184 184 HOH HOH A . 
G 6 HOH 24  185 185 HOH HOH A . 
G 6 HOH 25  186 186 HOH HOH A . 
G 6 HOH 26  187 187 HOH HOH A . 
G 6 HOH 27  188 188 HOH HOH A . 
G 6 HOH 28  189 189 HOH HOH A . 
G 6 HOH 29  190 190 HOH HOH A . 
G 6 HOH 30  191 191 HOH HOH A . 
G 6 HOH 31  192 192 HOH HOH A . 
G 6 HOH 32  193 193 HOH HOH A . 
G 6 HOH 33  194 194 HOH HOH A . 
G 6 HOH 34  195 195 HOH HOH A . 
G 6 HOH 35  196 196 HOH HOH A . 
G 6 HOH 36  197 197 HOH HOH A . 
G 6 HOH 37  198 198 HOH HOH A . 
G 6 HOH 38  199 199 HOH HOH A . 
G 6 HOH 39  200 200 HOH HOH A . 
G 6 HOH 40  201 201 HOH HOH A . 
G 6 HOH 41  202 202 HOH HOH A . 
G 6 HOH 42  203 203 HOH HOH A . 
G 6 HOH 43  204 204 HOH HOH A . 
G 6 HOH 44  205 205 HOH HOH A . 
G 6 HOH 45  206 206 HOH HOH A . 
G 6 HOH 46  207 207 HOH HOH A . 
G 6 HOH 47  208 208 HOH HOH A . 
G 6 HOH 48  209 209 HOH HOH A . 
G 6 HOH 49  210 210 HOH HOH A . 
G 6 HOH 50  211 211 HOH HOH A . 
G 6 HOH 51  212 212 HOH HOH A . 
G 6 HOH 52  214 214 HOH HOH A . 
G 6 HOH 53  215 215 HOH HOH A . 
G 6 HOH 54  216 216 HOH HOH A . 
G 6 HOH 55  217 217 HOH HOH A . 
G 6 HOH 56  218 218 HOH HOH A . 
G 6 HOH 57  219 219 HOH HOH A . 
G 6 HOH 58  220 220 HOH HOH A . 
G 6 HOH 59  221 221 HOH HOH A . 
G 6 HOH 60  222 222 HOH HOH A . 
G 6 HOH 61  223 223 HOH HOH A . 
G 6 HOH 62  224 224 HOH HOH A . 
G 6 HOH 63  225 225 HOH HOH A . 
G 6 HOH 64  226 226 HOH HOH A . 
G 6 HOH 65  228 228 HOH HOH A . 
G 6 HOH 66  229 229 HOH HOH A . 
G 6 HOH 67  230 230 HOH HOH A . 
G 6 HOH 68  231 231 HOH HOH A . 
G 6 HOH 69  232 232 HOH HOH A . 
G 6 HOH 70  233 233 HOH HOH A . 
G 6 HOH 71  234 234 HOH HOH A . 
G 6 HOH 72  235 235 HOH HOH A . 
G 6 HOH 73  236 236 HOH HOH A . 
G 6 HOH 74  237 237 HOH HOH A . 
G 6 HOH 75  238 238 HOH HOH A . 
G 6 HOH 76  239 239 HOH HOH A . 
G 6 HOH 77  240 240 HOH HOH A . 
G 6 HOH 78  241 241 HOH HOH A . 
G 6 HOH 79  242 242 HOH HOH A . 
G 6 HOH 80  243 243 HOH HOH A . 
G 6 HOH 81  244 244 HOH HOH A . 
G 6 HOH 82  245 245 HOH HOH A . 
G 6 HOH 83  246 246 HOH HOH A . 
G 6 HOH 84  247 247 HOH HOH A . 
G 6 HOH 85  248 248 HOH HOH A . 
G 6 HOH 86  249 249 HOH HOH A . 
G 6 HOH 87  250 250 HOH HOH A . 
G 6 HOH 88  251 251 HOH HOH A . 
G 6 HOH 89  252 252 HOH HOH A . 
G 6 HOH 90  253 253 HOH HOH A . 
G 6 HOH 91  254 254 HOH HOH A . 
G 6 HOH 92  255 255 HOH HOH A . 
G 6 HOH 93  256 256 HOH HOH A . 
G 6 HOH 94  257 257 HOH HOH A . 
G 6 HOH 95  258 258 HOH HOH A . 
G 6 HOH 96  259 259 HOH HOH A . 
G 6 HOH 97  260 260 HOH HOH A . 
G 6 HOH 98  261 261 HOH HOH A . 
G 6 HOH 99  262 262 HOH HOH A . 
G 6 HOH 100 263 263 HOH HOH A . 
G 6 HOH 101 264 264 HOH HOH A . 
G 6 HOH 102 265 265 HOH HOH A . 
G 6 HOH 103 266 266 HOH HOH A . 
G 6 HOH 104 267 267 HOH HOH A . 
G 6 HOH 105 268 268 HOH HOH A . 
G 6 HOH 106 269 269 HOH HOH A . 
G 6 HOH 107 270 270 HOH HOH A . 
G 6 HOH 108 271 271 HOH HOH A . 
G 6 HOH 109 272 272 HOH HOH A . 
G 6 HOH 110 273 273 HOH HOH A . 
G 6 HOH 111 274 274 HOH HOH A . 
G 6 HOH 112 275 275 HOH HOH A . 
G 6 HOH 113 276 276 HOH HOH A . 
G 6 HOH 114 277 277 HOH HOH A . 
G 6 HOH 115 278 278 HOH HOH A . 
G 6 HOH 116 279 279 HOH HOH A . 
G 6 HOH 117 280 280 HOH HOH A . 
G 6 HOH 118 281 281 HOH HOH A . 
G 6 HOH 119 282 282 HOH HOH A . 
G 6 HOH 120 283 283 HOH HOH A . 
G 6 HOH 121 284 284 HOH HOH A . 
G 6 HOH 122 285 285 HOH HOH A . 
G 6 HOH 123 286 286 HOH HOH A . 
G 6 HOH 124 287 287 HOH HOH A . 
G 6 HOH 125 288 288 HOH HOH A . 
G 6 HOH 126 289 289 HOH HOH A . 
G 6 HOH 127 290 290 HOH HOH A . 
G 6 HOH 128 291 291 HOH HOH A . 
G 6 HOH 129 292 292 HOH HOH A . 
G 6 HOH 130 293 293 HOH HOH A . 
G 6 HOH 131 294 294 HOH HOH A . 
G 6 HOH 132 295 295 HOH HOH A . 
G 6 HOH 133 296 296 HOH HOH A . 
G 6 HOH 134 297 297 HOH HOH A . 
G 6 HOH 135 298 298 HOH HOH A . 
G 6 HOH 136 299 299 HOH HOH A . 
G 6 HOH 137 301 301 HOH HOH A . 
G 6 HOH 138 302 302 HOH HOH A . 
G 6 HOH 139 303 303 HOH HOH A . 
G 6 HOH 140 304 304 HOH HOH A . 
G 6 HOH 141 305 305 HOH HOH A . 
G 6 HOH 142 306 306 HOH HOH A . 
G 6 HOH 143 307 307 HOH HOH A . 
G 6 HOH 144 308 308 HOH HOH A . 
G 6 HOH 145 309 309 HOH HOH A . 
G 6 HOH 146 310 310 HOH HOH A . 
G 6 HOH 147 311 311 HOH HOH A . 
G 6 HOH 148 312 312 HOH HOH A . 
G 6 HOH 149 313 313 HOH HOH A . 
G 6 HOH 150 314 314 HOH HOH A . 
G 6 HOH 151 315 315 HOH HOH A . 
G 6 HOH 152 316 316 HOH HOH A . 
G 6 HOH 153 317 317 HOH HOH A . 
G 6 HOH 154 318 318 HOH HOH A . 
G 6 HOH 155 319 319 HOH HOH A . 
G 6 HOH 156 320 320 HOH HOH A . 
G 6 HOH 157 321 321 HOH HOH A . 
G 6 HOH 158 322 322 HOH HOH A . 
G 6 HOH 159 323 300 HOH HOH A . 
G 6 HOH 160 324 324 HOH HOH A . 
G 6 HOH 161 325 325 HOH HOH A . 
G 6 HOH 162 326 326 HOH HOH A . 
G 6 HOH 163 327 327 HOH HOH A . 
G 6 HOH 164 328 328 HOH HOH A . 
G 6 HOH 165 329 329 HOH HOH A . 
G 6 HOH 166 330 330 HOH HOH A . 
G 6 HOH 167 331 331 HOH HOH A . 
G 6 HOH 168 332 332 HOH HOH A . 
G 6 HOH 169 333 333 HOH HOH A . 
G 6 HOH 170 334 334 HOH HOH A . 
G 6 HOH 171 336 336 HOH HOH A . 
G 6 HOH 172 337 337 HOH HOH A . 
G 6 HOH 173 338 338 HOH HOH A . 
G 6 HOH 174 339 339 HOH HOH A . 
G 6 HOH 175 340 340 HOH HOH A . 
G 6 HOH 176 341 341 HOH HOH A . 
G 6 HOH 177 342 342 HOH HOH A . 
G 6 HOH 178 343 343 HOH HOH A . 
G 6 HOH 179 344 344 HOH HOH A . 
G 6 HOH 180 345 345 HOH HOH A . 
G 6 HOH 181 347 347 HOH HOH A . 
G 6 HOH 182 348 348 HOH HOH A . 
G 6 HOH 183 349 349 HOH HOH A . 
G 6 HOH 184 351 351 HOH HOH A . 
G 6 HOH 185 352 352 HOH HOH A . 
G 6 HOH 186 353 353 HOH HOH A . 
G 6 HOH 187 354 354 HOH HOH A . 
G 6 HOH 188 358 358 HOH HOH A . 
G 6 HOH 189 359 359 HOH HOH A . 
G 6 HOH 190 360 360 HOH HOH A . 
G 6 HOH 191 361 361 HOH HOH A . 
G 6 HOH 192 362 362 HOH HOH A . 
G 6 HOH 193 363 363 HOH HOH A . 
G 6 HOH 194 364 364 HOH HOH A . 
G 6 HOH 195 365 365 HOH HOH A . 
G 6 HOH 196 366 366 HOH HOH A . 
G 6 HOH 197 367 367 HOH HOH A . 
G 6 HOH 198 369 369 HOH HOH A . 
# 
loop_
_software.name 
_software.classification 
_software.version 
_software.citation_id 
_software.pdbx_ordinal 
HKL-2000  'data collection' .     ? 1 
PHASER    phasing           .     ? 2 
BUSTER    refinement        2.8.0 ? 3 
HKL-2000  'data reduction'  .     ? 4 
SCALEPACK 'data scaling'    .     ? 5 
# 
_cell.entry_id           3QYL 
_cell.length_a           33.865 
_cell.length_b           44.820 
_cell.length_c           97.808 
_cell.angle_alpha        90.00 
_cell.angle_beta         90.00 
_cell.angle_gamma        90.00 
_cell.Z_PDB              4 
_cell.pdbx_unique_axis   ? 
_cell.length_a_esd       ? 
_cell.length_b_esd       ? 
_cell.length_c_esd       ? 
_cell.angle_alpha_esd    ? 
_cell.angle_beta_esd     ? 
_cell.angle_gamma_esd    ? 
# 
_symmetry.entry_id                         3QYL 
_symmetry.space_group_name_H-M             'P 21 21 21' 
_symmetry.pdbx_full_space_group_name_H-M   ? 
_symmetry.cell_setting                     ? 
_symmetry.Int_Tables_number                19 
_symmetry.space_group_name_Hall            ? 
# 
_exptl.entry_id          3QYL 
_exptl.method            'X-RAY DIFFRACTION' 
_exptl.crystals_number   1 
# 
_exptl_crystal.id                    1 
_exptl_crystal.density_meas          ? 
_exptl_crystal.density_Matthews      2.06 
_exptl_crystal.density_percent_sol   40.28 
_exptl_crystal.description           ? 
_exptl_crystal.F_000                 ? 
_exptl_crystal.preparation           ? 
# 
_exptl_crystal_grow.crystal_id      1 
_exptl_crystal_grow.method          ? 
_exptl_crystal_grow.temp            298 
_exptl_crystal_grow.temp_details    ? 
_exptl_crystal_grow.pH              8.0 
_exptl_crystal_grow.pdbx_pH_range   ? 
_exptl_crystal_grow.pdbx_details    
'20 mg/mL DHFR, 20 mM imidazole, 325 mM CaCl2, 34% PEG-6000, pH 8.0, VAPOR DIFFUSION, HANGING DROP, temperature 298K' 
# 
_diffrn.id                     1 
_diffrn.ambient_temp           100 
_diffrn.ambient_temp_details   ? 
_diffrn.crystal_id             1 
# 
_diffrn_detector.diffrn_id              1 
_diffrn_detector.detector               CCD 
_diffrn_detector.type                   'RIGAKU SATURN 944+' 
_diffrn_detector.pdbx_collection_date   2010-06-08 
_diffrn_detector.details                ? 
# 
_diffrn_radiation.diffrn_id                        1 
_diffrn_radiation.wavelength_id                    1 
_diffrn_radiation.pdbx_monochromatic_or_laue_m_l   M 
_diffrn_radiation.monochromator                    'VARIMAX HF OPTIC' 
_diffrn_radiation.pdbx_diffrn_protocol             'SINGLE WAVELENGTH' 
_diffrn_radiation.pdbx_scattering_type             x-ray 
# 
_diffrn_radiation_wavelength.id           1 
_diffrn_radiation_wavelength.wavelength   1.54 
_diffrn_radiation_wavelength.wt           1.0 
# 
_diffrn_source.diffrn_id                   1 
_diffrn_source.source                      'ROTATING ANODE' 
_diffrn_source.type                        'RIGAKU RU300' 
_diffrn_source.pdbx_synchrotron_site       ? 
_diffrn_source.pdbx_synchrotron_beamline   ? 
_diffrn_source.pdbx_wavelength             1.54 
_diffrn_source.pdbx_wavelength_list        ? 
# 
_reflns.pdbx_diffrn_id               1 
_reflns.pdbx_ordinal                 1 
_reflns.entry_id                     3QYL 
_reflns.observed_criterion_sigma_I   0.000 
_reflns.observed_criterion_sigma_F   ? 
_reflns.d_resolution_low             27.020 
_reflns.d_resolution_high            1.790 
_reflns.number_obs                   14401 
_reflns.number_all                   ? 
_reflns.percent_possible_obs         98.3 
_reflns.pdbx_Rmerge_I_obs            0.12300 
_reflns.pdbx_Rsym_value              ? 
_reflns.pdbx_netI_over_sigmaI        ? 
_reflns.B_iso_Wilson_estimate        18.04 
_reflns.pdbx_redundancy              ? 
_reflns.R_free_details               ? 
_reflns.limit_h_max                  ? 
_reflns.limit_h_min                  ? 
_reflns.limit_k_max                  ? 
_reflns.limit_k_min                  ? 
_reflns.limit_l_max                  ? 
_reflns.limit_l_min                  ? 
_reflns.observed_criterion_F_max     ? 
_reflns.observed_criterion_F_min     ? 
_reflns.pdbx_chi_squared             ? 
_reflns.pdbx_scaling_rejects         ? 
# 
_reflns_shell.pdbx_diffrn_id         1 
_reflns_shell.pdbx_ordinal           1 
_reflns_shell.d_res_high             1.79 
_reflns_shell.d_res_low              1.85 
_reflns_shell.percent_possible_all   89.3 
_reflns_shell.Rmerge_I_obs           ? 
_reflns_shell.pdbx_Rsym_value        ? 
_reflns_shell.meanI_over_sigI_obs    ? 
_reflns_shell.pdbx_redundancy        ? 
_reflns_shell.percent_possible_obs   ? 
_reflns_shell.number_unique_all      ? 
_reflns_shell.number_measured_all    ? 
_reflns_shell.number_measured_obs    ? 
_reflns_shell.number_unique_obs      ? 
_reflns_shell.pdbx_chi_squared       ? 
# 
_refine.pdbx_refine_id                           'X-RAY DIFFRACTION' 
_refine.entry_id                                 3QYL 
_refine.pdbx_diffrn_id                           1 
_refine.pdbx_TLS_residual_ADP_flag               ? 
_refine.ls_number_reflns_obs                     14401 
_refine.ls_number_reflns_all                     14650 
_refine.pdbx_ls_sigma_I                          ? 
_refine.pdbx_ls_sigma_F                          0.000 
_refine.pdbx_data_cutoff_high_absF               ? 
_refine.pdbx_data_cutoff_low_absF                ? 
_refine.pdbx_data_cutoff_high_rms_absF           ? 
_refine.ls_d_res_low                             27.02 
_refine.ls_d_res_high                            1.79 
_refine.ls_percent_reflns_obs                    ? 
_refine.ls_R_factor_obs                          0.177 
_refine.ls_R_factor_all                          ? 
_refine.ls_R_factor_R_work                       0.175 
_refine.ls_R_factor_R_free                       0.209 
_refine.ls_R_factor_R_free_error                 ? 
_refine.ls_R_factor_R_free_error_details         ? 
_refine.ls_percent_reflns_R_free                 5.060 
_refine.ls_number_reflns_R_free                  728 
_refine.ls_number_parameters                     ? 
_refine.ls_number_restraints                     ? 
_refine.occupancy_min                            ? 
_refine.occupancy_max                            ? 
_refine.correlation_coeff_Fo_to_Fc               0.940 
_refine.correlation_coeff_Fo_to_Fc_free          0.931 
_refine.B_iso_mean                               18.31 
_refine.aniso_B[1][1]                            -1.17250 
_refine.aniso_B[2][2]                            -4.25080 
_refine.aniso_B[3][3]                            5.42330 
_refine.aniso_B[1][2]                            0.00000 
_refine.aniso_B[1][3]                            0.00000 
_refine.aniso_B[2][3]                            0.00000 
_refine.solvent_model_details                    ? 
_refine.solvent_model_param_ksol                 ? 
_refine.solvent_model_param_bsol                 ? 
_refine.pdbx_solvent_vdw_probe_radii             ? 
_refine.pdbx_solvent_ion_probe_radii             ? 
_refine.pdbx_solvent_shrinkage_radii             ? 
_refine.pdbx_ls_cross_valid_method               THROUGHOUT 
_refine.details                                  ? 
_refine.pdbx_starting_model                      ? 
_refine.pdbx_method_to_determine_struct          'MOLECULAR REPLACEMENT' 
_refine.pdbx_isotropic_thermal_model             ? 
_refine.pdbx_stereochemistry_target_values       'Engh & Huber' 
_refine.pdbx_stereochem_target_val_spec_case     ? 
_refine.pdbx_R_Free_selection_details            RANDOM 
_refine.pdbx_overall_ESU_R_Free                  ? 
_refine.overall_SU_ML                            ? 
_refine.pdbx_overall_phase_error                 ? 
_refine.overall_SU_B                             ? 
_refine.overall_SU_R_Cruickshank_DPI             ? 
_refine.pdbx_overall_SU_R_free_Cruickshank_DPI   ? 
_refine.pdbx_overall_SU_R_Blow_DPI               ? 
_refine.pdbx_overall_SU_R_free_Blow_DPI          ? 
_refine.ls_redundancy_reflns_obs                 ? 
_refine.B_iso_min                                ? 
_refine.B_iso_max                                ? 
_refine.overall_SU_R_free                        ? 
_refine.ls_wR_factor_R_free                      ? 
_refine.ls_wR_factor_R_work                      ? 
_refine.overall_FOM_free_R_set                   ? 
_refine.overall_FOM_work_R_set                   ? 
_refine.pdbx_overall_ESU_R                       ? 
# 
_refine_analyze.pdbx_refine_id                  'X-RAY DIFFRACTION' 
_refine_analyze.entry_id                        3QYL 
_refine_analyze.Luzzati_coordinate_error_obs    0.18 
_refine_analyze.Luzzati_sigma_a_obs             ? 
_refine_analyze.Luzzati_d_res_low_obs           ? 
_refine_analyze.Luzzati_coordinate_error_free   ? 
_refine_analyze.Luzzati_sigma_a_free            ? 
_refine_analyze.Luzzati_d_res_low_free          ? 
_refine_analyze.number_disordered_residues      ? 
_refine_analyze.occupancy_sum_hydrogen          ? 
_refine_analyze.occupancy_sum_non_hydrogen      ? 
_refine_analyze.pdbx_Luzzati_d_res_high_obs     ? 
# 
_refine_hist.pdbx_refine_id                   'X-RAY DIFFRACTION' 
_refine_hist.cycle_id                         LAST 
_refine_hist.pdbx_number_atoms_protein        1268 
_refine_hist.pdbx_number_atoms_nucleic_acid   0 
_refine_hist.pdbx_number_atoms_ligand         64 
_refine_hist.number_atoms_solvent             198 
_refine_hist.number_atoms_total               1530 
_refine_hist.d_res_high                       1.79 
_refine_hist.d_res_low                        27.02 
# 
loop_
_refine_ls_restr.type 
_refine_ls_restr.dev_ideal 
_refine_ls_restr.dev_ideal_target 
_refine_ls_restr.weight 
_refine_ls_restr.number 
_refine_ls_restr.pdbx_refine_id 
_refine_ls_restr.pdbx_restraint_function 
t_bond_d                  0.010 ? 2.000  1437 'X-RAY DIFFRACTION' ? 
t_angle_deg               1.14  ? 2.000  1980 'X-RAY DIFFRACTION' ? 
t_dihedral_angle_d        ?     ? 2.000  474  'X-RAY DIFFRACTION' ? 
t_incorr_chiral_ct        ?     ? ?      ?    'X-RAY DIFFRACTION' ? 
t_pseud_angle             ?     ? ?      ?    'X-RAY DIFFRACTION' ? 
t_trig_c_planes           ?     ? 2.000  39   'X-RAY DIFFRACTION' ? 
t_gen_planes              ?     ? 5.000  207  'X-RAY DIFFRACTION' ? 
t_it                      ?     ? 20.000 1357 'X-RAY DIFFRACTION' ? 
t_nbd                     ?     ? 5.000  1    'X-RAY DIFFRACTION' ? 
t_omega_torsion           3.29  ? ?      ?    'X-RAY DIFFRACTION' ? 
t_other_torsion           15.39 ? ?      ?    'X-RAY DIFFRACTION' ? 
t_improper_torsion        ?     ? ?      ?    'X-RAY DIFFRACTION' ? 
t_chiral_improper_torsion ?     ? 5.00   186  'X-RAY DIFFRACTION' ? 
t_sum_occupancies         ?     ? ?      ?    'X-RAY DIFFRACTION' ? 
t_utility_distance        ?     ? ?      ?    'X-RAY DIFFRACTION' ? 
t_utility_angle           ?     ? ?      ?    'X-RAY DIFFRACTION' ? 
t_utility_torsion         ?     ? ?      ?    'X-RAY DIFFRACTION' ? 
t_ideal_dist_contact      ?     ? 4.00   1858 'X-RAY DIFFRACTION' ? 
# 
_refine_ls_shell.pdbx_refine_id                   'X-RAY DIFFRACTION' 
_refine_ls_shell.pdbx_total_number_of_bins_used   7 
_refine_ls_shell.d_res_high                       1.79 
_refine_ls_shell.d_res_low                        1.93 
_refine_ls_shell.number_reflns_R_work             2594 
_refine_ls_shell.R_factor_R_work                  0.1804 
_refine_ls_shell.percent_reflns_obs               ? 
_refine_ls_shell.R_factor_R_free                  0.2178 
_refine_ls_shell.R_factor_R_free_error            ? 
_refine_ls_shell.percent_reflns_R_free            5.16 
_refine_ls_shell.number_reflns_R_free             141 
_refine_ls_shell.number_reflns_all                2735 
_refine_ls_shell.R_factor_all                     0.1824 
_refine_ls_shell.redundancy_reflns_obs            ? 
_refine_ls_shell.number_reflns_obs                ? 
# 
_struct.entry_id                  3QYL 
_struct.title                     'Sensitivity of receptor internal motions to ligand binding affinity and kinetic off-rate' 
_struct.pdbx_model_details        ? 
_struct.pdbx_CASP_flag            ? 
_struct.pdbx_model_type_details   ? 
# 
_struct_keywords.entry_id        3QYL 
_struct_keywords.pdbx_keywords   OXIDOREDUCTASE 
_struct_keywords.text            'Rossmann fold, reductase, OXIDOREDUCTASE' 
# 
loop_
_struct_asym.id 
_struct_asym.pdbx_blank_PDB_chainid_flag 
_struct_asym.pdbx_modified 
_struct_asym.entity_id 
_struct_asym.details 
A N N 1 ? 
B N N 2 ? 
C N N 3 ? 
D N N 4 ? 
E N N 5 ? 
F N N 4 ? 
G N N 6 ? 
# 
_struct_ref.id                         1 
_struct_ref.db_name                    UNP 
_struct_ref.db_code                    DYR_ECOLI 
_struct_ref.pdbx_db_accession          P0ABQ4 
_struct_ref.entity_id                  1 
_struct_ref.pdbx_seq_one_letter_code   
;MISLIAALAVDRVIGMENAMPWNLPADLAWFKRNTLNKPVIMGRHTWESIGRPLPGRKNIILSSQPGTDDRVTWVKSVDE
AIAACGDVPEIMVIGGGRVYEQFLPKAQKLYLTHIDAEVEGDTHFPDYEPDDWESVFSEFHDADAQNSHSYCFEILERR
;
_struct_ref.pdbx_align_begin           1 
_struct_ref.pdbx_db_isoform            ? 
# 
_struct_ref_seq.align_id                      1 
_struct_ref_seq.ref_id                        1 
_struct_ref_seq.pdbx_PDB_id_code              3QYL 
_struct_ref_seq.pdbx_strand_id                A 
_struct_ref_seq.seq_align_beg                 1 
_struct_ref_seq.pdbx_seq_align_beg_ins_code   ? 
_struct_ref_seq.seq_align_end                 159 
_struct_ref_seq.pdbx_seq_align_end_ins_code   ? 
_struct_ref_seq.pdbx_db_accession             P0ABQ4 
_struct_ref_seq.db_align_beg                  1 
_struct_ref_seq.pdbx_db_align_beg_ins_code    ? 
_struct_ref_seq.db_align_end                  159 
_struct_ref_seq.pdbx_db_align_end_ins_code    ? 
_struct_ref_seq.pdbx_auth_seq_align_beg       1 
_struct_ref_seq.pdbx_auth_seq_align_end       159 
# 
_struct_ref_seq_dif.align_id                     1 
_struct_ref_seq_dif.pdbx_pdb_id_code             3QYL 
_struct_ref_seq_dif.mon_id                       ASP 
_struct_ref_seq_dif.pdbx_pdb_strand_id           A 
_struct_ref_seq_dif.seq_num                      37 
_struct_ref_seq_dif.pdbx_pdb_ins_code            ? 
_struct_ref_seq_dif.pdbx_seq_db_name             UNP 
_struct_ref_seq_dif.pdbx_seq_db_accession_code   P0ABQ4 
_struct_ref_seq_dif.db_mon_id                    ASN 
_struct_ref_seq_dif.pdbx_seq_db_seq_num          37 
_struct_ref_seq_dif.details                      conflict 
_struct_ref_seq_dif.pdbx_auth_seq_num            37 
_struct_ref_seq_dif.pdbx_ordinal                 1 
# 
_pdbx_struct_assembly.id                   1 
_pdbx_struct_assembly.details              author_and_software_defined_assembly 
_pdbx_struct_assembly.method_details       PISA 
_pdbx_struct_assembly.oligomeric_details   monomeric 
_pdbx_struct_assembly.oligomeric_count     1 
# 
_pdbx_struct_assembly_gen.assembly_id       1 
_pdbx_struct_assembly_gen.oper_expression   1 
_pdbx_struct_assembly_gen.asym_id_list      A,B,C,D,E,F,G 
# 
_pdbx_struct_oper_list.id                   1 
_pdbx_struct_oper_list.type                 'identity operation' 
_pdbx_struct_oper_list.name                 1_555 
_pdbx_struct_oper_list.symmetry_operation   x,y,z 
_pdbx_struct_oper_list.matrix[1][1]         1.0000000000 
_pdbx_struct_oper_list.matrix[1][2]         0.0000000000 
_pdbx_struct_oper_list.matrix[1][3]         0.0000000000 
_pdbx_struct_oper_list.vector[1]            0.0000000000 
_pdbx_struct_oper_list.matrix[2][1]         0.0000000000 
_pdbx_struct_oper_list.matrix[2][2]         1.0000000000 
_pdbx_struct_oper_list.matrix[2][3]         0.0000000000 
_pdbx_struct_oper_list.vector[2]            0.0000000000 
_pdbx_struct_oper_list.matrix[3][1]         0.0000000000 
_pdbx_struct_oper_list.matrix[3][2]         0.0000000000 
_pdbx_struct_oper_list.matrix[3][3]         1.0000000000 
_pdbx_struct_oper_list.vector[3]            0.0000000000 
# 
_struct_biol.id        1 
_struct_biol.details   ? 
# 
loop_
_struct_conf.conf_type_id 
_struct_conf.id 
_struct_conf.pdbx_PDB_helix_id 
_struct_conf.beg_label_comp_id 
_struct_conf.beg_label_asym_id 
_struct_conf.beg_label_seq_id 
_struct_conf.pdbx_beg_PDB_ins_code 
_struct_conf.end_label_comp_id 
_struct_conf.end_label_asym_id 
_struct_conf.end_label_seq_id 
_struct_conf.pdbx_end_PDB_ins_code 
_struct_conf.beg_auth_comp_id 
_struct_conf.beg_auth_asym_id 
_struct_conf.beg_auth_seq_id 
_struct_conf.end_auth_comp_id 
_struct_conf.end_auth_asym_id 
_struct_conf.end_auth_seq_id 
_struct_conf.pdbx_PDB_helix_class 
_struct_conf.details 
_struct_conf.pdbx_PDB_helix_length 
HELX_P HELX_P1 1 ALA A 9   ? ASP A 11  ? ALA A 9   ASP A 11  5 ? 3  
HELX_P HELX_P2 2 LEU A 24  ? LEU A 36  ? LEU A 24  LEU A 36  1 ? 13 
HELX_P HELX_P3 3 ARG A 44  ? GLY A 51  ? ARG A 44  GLY A 51  1 ? 8  
HELX_P HELX_P4 4 SER A 77  ? CYS A 85  ? SER A 77  CYS A 85  1 ? 9  
HELX_P HELX_P5 5 GLY A 96  ? LEU A 104 ? GLY A 96  LEU A 104 1 ? 9  
HELX_P HELX_P6 6 PRO A 105 ? ALA A 107 ? PRO A 105 ALA A 107 5 ? 3  
HELX_P HELX_P7 7 GLU A 129 ? ASP A 131 ? GLU A 129 ASP A 131 5 ? 3  
# 
_struct_conf_type.id          HELX_P 
_struct_conf_type.criteria    ? 
_struct_conf_type.reference   ? 
# 
loop_
_struct_conn.id 
_struct_conn.conn_type_id 
_struct_conn.pdbx_leaving_atom_flag 
_struct_conn.pdbx_PDB_id 
_struct_conn.ptnr1_label_asym_id 
_struct_conn.ptnr1_label_comp_id 
_struct_conn.ptnr1_label_seq_id 
_struct_conn.ptnr1_label_atom_id 
_struct_conn.pdbx_ptnr1_label_alt_id 
_struct_conn.pdbx_ptnr1_PDB_ins_code 
_struct_conn.pdbx_ptnr1_standard_comp_id 
_struct_conn.ptnr1_symmetry 
_struct_conn.ptnr2_label_asym_id 
_struct_conn.ptnr2_label_comp_id 
_struct_conn.ptnr2_label_seq_id 
_struct_conn.ptnr2_label_atom_id 
_struct_conn.pdbx_ptnr2_label_alt_id 
_struct_conn.pdbx_ptnr2_PDB_ins_code 
_struct_conn.ptnr1_auth_asym_id 
_struct_conn.ptnr1_auth_comp_id 
_struct_conn.ptnr1_auth_seq_id 
_struct_conn.ptnr2_auth_asym_id 
_struct_conn.ptnr2_auth_comp_id 
_struct_conn.ptnr2_auth_seq_id 
_struct_conn.ptnr2_symmetry 
_struct_conn.pdbx_ptnr3_label_atom_id 
_struct_conn.pdbx_ptnr3_label_seq_id 
_struct_conn.pdbx_ptnr3_label_comp_id 
_struct_conn.pdbx_ptnr3_label_asym_id 
_struct_conn.pdbx_ptnr3_label_alt_id 
_struct_conn.pdbx_ptnr3_PDB_ins_code 
_struct_conn.details 
_struct_conn.pdbx_dist_value 
_struct_conn.pdbx_value_order 
_struct_conn.pdbx_role 
metalc1 metalc ? ? A ASP 116 O  ? ? ? 1_555 D CA  . CA ? ? A ASP 116 A CA  213 1_555 ? ? ? ? ? ? ? 2.350 ? ? 
metalc2 metalc ? ? G HOH .   O  ? ? ? 1_555 D CA  . CA ? ? A HOH 168 A CA  213 1_555 ? ? ? ? ? ? ? 2.461 ? ? 
metalc3 metalc ? ? D CA  .   CA ? ? ? 1_555 G HOH . O  ? ? A CA  213 A HOH 214 1_555 ? ? ? ? ? ? ? 2.399 ? ? 
# 
_struct_conn_type.id          metalc 
_struct_conn_type.criteria    ? 
_struct_conn_type.reference   ? 
# 
loop_
_pdbx_struct_conn_angle.id 
_pdbx_struct_conn_angle.ptnr1_label_atom_id 
_pdbx_struct_conn_angle.ptnr1_label_alt_id 
_pdbx_struct_conn_angle.ptnr1_label_asym_id 
_pdbx_struct_conn_angle.ptnr1_label_comp_id 
_pdbx_struct_conn_angle.ptnr1_label_seq_id 
_pdbx_struct_conn_angle.ptnr1_auth_atom_id 
_pdbx_struct_conn_angle.ptnr1_auth_asym_id 
_pdbx_struct_conn_angle.ptnr1_auth_comp_id 
_pdbx_struct_conn_angle.ptnr1_auth_seq_id 
_pdbx_struct_conn_angle.ptnr1_PDB_ins_code 
_pdbx_struct_conn_angle.ptnr1_symmetry 
_pdbx_struct_conn_angle.ptnr2_label_atom_id 
_pdbx_struct_conn_angle.ptnr2_label_alt_id 
_pdbx_struct_conn_angle.ptnr2_label_asym_id 
_pdbx_struct_conn_angle.ptnr2_label_comp_id 
_pdbx_struct_conn_angle.ptnr2_label_seq_id 
_pdbx_struct_conn_angle.ptnr2_auth_atom_id 
_pdbx_struct_conn_angle.ptnr2_auth_asym_id 
_pdbx_struct_conn_angle.ptnr2_auth_comp_id 
_pdbx_struct_conn_angle.ptnr2_auth_seq_id 
_pdbx_struct_conn_angle.ptnr2_PDB_ins_code 
_pdbx_struct_conn_angle.ptnr2_symmetry 
_pdbx_struct_conn_angle.ptnr3_label_atom_id 
_pdbx_struct_conn_angle.ptnr3_label_alt_id 
_pdbx_struct_conn_angle.ptnr3_label_asym_id 
_pdbx_struct_conn_angle.ptnr3_label_comp_id 
_pdbx_struct_conn_angle.ptnr3_label_seq_id 
_pdbx_struct_conn_angle.ptnr3_auth_atom_id 
_pdbx_struct_conn_angle.ptnr3_auth_asym_id 
_pdbx_struct_conn_angle.ptnr3_auth_comp_id 
_pdbx_struct_conn_angle.ptnr3_auth_seq_id 
_pdbx_struct_conn_angle.ptnr3_PDB_ins_code 
_pdbx_struct_conn_angle.ptnr3_symmetry 
_pdbx_struct_conn_angle.value 
_pdbx_struct_conn_angle.value_esd 
1 O ? A ASP 116 ? A ASP 116 ? 1_555 CA ? D CA . ? A CA 213 ? 1_555 O ? G HOH . ? A HOH 168 ? 1_555 71.4 ? 
2 O ? A ASP 116 ? A ASP 116 ? 1_555 CA ? D CA . ? A CA 213 ? 1_555 O ? G HOH . ? A HOH 214 ? 1_555 88.8 ? 
3 O ? G HOH .   ? A HOH 168 ? 1_555 CA ? D CA . ? A CA 213 ? 1_555 O ? G HOH . ? A HOH 214 ? 1_555 90.0 ? 
# 
_struct_mon_prot_cis.pdbx_id                1 
_struct_mon_prot_cis.label_comp_id          GLY 
_struct_mon_prot_cis.label_seq_id           95 
_struct_mon_prot_cis.label_asym_id          A 
_struct_mon_prot_cis.label_alt_id           . 
_struct_mon_prot_cis.pdbx_PDB_ins_code      ? 
_struct_mon_prot_cis.auth_comp_id           GLY 
_struct_mon_prot_cis.auth_seq_id            95 
_struct_mon_prot_cis.auth_asym_id           A 
_struct_mon_prot_cis.pdbx_label_comp_id_2   GLY 
_struct_mon_prot_cis.pdbx_label_seq_id_2    96 
_struct_mon_prot_cis.pdbx_label_asym_id_2   A 
_struct_mon_prot_cis.pdbx_PDB_ins_code_2    ? 
_struct_mon_prot_cis.pdbx_auth_comp_id_2    GLY 
_struct_mon_prot_cis.pdbx_auth_seq_id_2     96 
_struct_mon_prot_cis.pdbx_auth_asym_id_2    A 
_struct_mon_prot_cis.pdbx_PDB_model_num     1 
_struct_mon_prot_cis.pdbx_omega_angle       1.75 
# 
loop_
_struct_sheet.id 
_struct_sheet.type 
_struct_sheet.number_strands 
_struct_sheet.details 
A ? 8 ? 
B ? 2 ? 
# 
loop_
_struct_sheet_order.sheet_id 
_struct_sheet_order.range_id_1 
_struct_sheet_order.range_id_2 
_struct_sheet_order.offset 
_struct_sheet_order.sense 
A 1 2 ? parallel      
A 2 3 ? parallel      
A 3 4 ? parallel      
A 4 5 ? parallel      
A 5 6 ? parallel      
A 6 7 ? anti-parallel 
A 7 8 ? anti-parallel 
B 1 2 ? anti-parallel 
# 
loop_
_struct_sheet_range.sheet_id 
_struct_sheet_range.id 
_struct_sheet_range.beg_label_comp_id 
_struct_sheet_range.beg_label_asym_id 
_struct_sheet_range.beg_label_seq_id 
_struct_sheet_range.pdbx_beg_PDB_ins_code 
_struct_sheet_range.end_label_comp_id 
_struct_sheet_range.end_label_asym_id 
_struct_sheet_range.end_label_seq_id 
_struct_sheet_range.pdbx_end_PDB_ins_code 
_struct_sheet_range.beg_auth_comp_id 
_struct_sheet_range.beg_auth_asym_id 
_struct_sheet_range.beg_auth_seq_id 
_struct_sheet_range.end_auth_comp_id 
_struct_sheet_range.end_auth_asym_id 
_struct_sheet_range.end_auth_seq_id 
A 1 THR A 73  ? VAL A 75  ? THR A 73  VAL A 75  
A 2 ASN A 59  ? LEU A 62  ? ASN A 59  LEU A 62  
A 3 VAL A 40  ? GLY A 43  ? VAL A 40  GLY A 43  
A 4 ILE A 91  ? VAL A 93  ? ILE A 91  VAL A 93  
A 5 ILE A 2   ? LEU A 8   ? ILE A 2   LEU A 8   
A 6 LYS A 109 ? ILE A 115 ? LYS A 109 ILE A 115 
A 7 TYR A 151 ? ARG A 158 ? TYR A 151 ARG A 158 
A 8 TRP A 133 ? HIS A 141 ? TRP A 133 HIS A 141 
B 1 VAL A 13  ? GLY A 15  ? VAL A 13  GLY A 15  
B 2 THR A 123 ? HIS A 124 ? THR A 123 HIS A 124 
# 
loop_
_pdbx_struct_sheet_hbond.sheet_id 
_pdbx_struct_sheet_hbond.range_id_1 
_pdbx_struct_sheet_hbond.range_id_2 
_pdbx_struct_sheet_hbond.range_1_label_atom_id 
_pdbx_struct_sheet_hbond.range_1_label_comp_id 
_pdbx_struct_sheet_hbond.range_1_label_asym_id 
_pdbx_struct_sheet_hbond.range_1_label_seq_id 
_pdbx_struct_sheet_hbond.range_1_PDB_ins_code 
_pdbx_struct_sheet_hbond.range_1_auth_atom_id 
_pdbx_struct_sheet_hbond.range_1_auth_comp_id 
_pdbx_struct_sheet_hbond.range_1_auth_asym_id 
_pdbx_struct_sheet_hbond.range_1_auth_seq_id 
_pdbx_struct_sheet_hbond.range_2_label_atom_id 
_pdbx_struct_sheet_hbond.range_2_label_comp_id 
_pdbx_struct_sheet_hbond.range_2_label_asym_id 
_pdbx_struct_sheet_hbond.range_2_label_seq_id 
_pdbx_struct_sheet_hbond.range_2_PDB_ins_code 
_pdbx_struct_sheet_hbond.range_2_auth_atom_id 
_pdbx_struct_sheet_hbond.range_2_auth_comp_id 
_pdbx_struct_sheet_hbond.range_2_auth_asym_id 
_pdbx_struct_sheet_hbond.range_2_auth_seq_id 
A 1 2 O THR A 73  ? O THR A 73  N ILE A 61  ? N ILE A 61  
A 2 3 O LEU A 62  ? O LEU A 62  N MET A 42  ? N MET A 42  
A 3 4 N ILE A 41  ? N ILE A 41  O MET A 92  ? O MET A 92  
A 4 5 O ILE A 91  ? O ILE A 91  N SER A 3   ? N SER A 3   
A 5 6 N LEU A 8   ? N LEU A 8   O ILE A 115 ? O ILE A 115 
A 6 7 N LEU A 112 ? N LEU A 112 O GLU A 154 ? O GLU A 154 
A 7 8 O ILE A 155 ? O ILE A 155 N VAL A 136 ? N VAL A 136 
B 1 2 N ILE A 14  ? N ILE A 14  O THR A 123 ? O THR A 123 
# 
loop_
_struct_site.id 
_struct_site.pdbx_evidence_code 
_struct_site.pdbx_auth_asym_id 
_struct_site.pdbx_auth_comp_id 
_struct_site.pdbx_auth_seq_id 
_struct_site.pdbx_auth_ins_code 
_struct_site.pdbx_num_residues 
_struct_site.details 
AC1 Software A 7ME 160 ? 11 'BINDING SITE FOR RESIDUE 7ME A 160' 
AC2 Software A NDP 161 ? 37 'BINDING SITE FOR RESIDUE NDP A 161' 
AC3 Software A CA  213 ? 7  'BINDING SITE FOR RESIDUE CA A 213'  
AC4 Software A CL  227 ? 2  'BINDING SITE FOR RESIDUE CL A 227'  
AC5 Software A CA  300 ? 1  'BINDING SITE FOR RESIDUE CA A 300'  
# 
loop_
_struct_site_gen.id 
_struct_site_gen.site_id 
_struct_site_gen.pdbx_num_res 
_struct_site_gen.label_comp_id 
_struct_site_gen.label_asym_id 
_struct_site_gen.label_seq_id 
_struct_site_gen.pdbx_auth_ins_code 
_struct_site_gen.auth_comp_id 
_struct_site_gen.auth_asym_id 
_struct_site_gen.auth_seq_id 
_struct_site_gen.label_atom_id 
_struct_site_gen.label_alt_id 
_struct_site_gen.symmetry 
_struct_site_gen.details 
1  AC1 11 ILE A 5   ? ILE A 5   . ? 1_555 ? 
2  AC1 11 ALA A 6   ? ALA A 6   . ? 1_555 ? 
3  AC1 11 MET A 20  ? MET A 20  . ? 1_555 ? 
4  AC1 11 ASP A 27  ? ASP A 27  . ? 1_555 ? 
5  AC1 11 LEU A 28  ? LEU A 28  . ? 1_555 ? 
6  AC1 11 PHE A 31  ? PHE A 31  . ? 1_555 ? 
7  AC1 11 ILE A 94  ? ILE A 94  . ? 1_555 ? 
8  AC1 11 TYR A 100 ? TYR A 100 . ? 1_555 ? 
9  AC1 11 THR A 113 ? THR A 113 . ? 1_555 ? 
10 AC1 11 NDP C .   ? NDP A 161 . ? 1_555 ? 
11 AC1 11 HOH G .   ? HOH A 165 . ? 1_555 ? 
12 AC2 37 ALA A 6   ? ALA A 6   . ? 1_555 ? 
13 AC2 37 ALA A 7   ? ALA A 7   . ? 1_555 ? 
14 AC2 37 ILE A 14  ? ILE A 14  . ? 1_555 ? 
15 AC2 37 GLY A 15  ? GLY A 15  . ? 1_555 ? 
16 AC2 37 ASN A 18  ? ASN A 18  . ? 1_555 ? 
17 AC2 37 ALA A 19  ? ALA A 19  . ? 1_555 ? 
18 AC2 37 MET A 20  ? MET A 20  . ? 1_555 ? 
19 AC2 37 TRP A 22  ? TRP A 22  . ? 1_555 ? 
20 AC2 37 GLY A 43  ? GLY A 43  . ? 1_555 ? 
21 AC2 37 ARG A 44  ? ARG A 44  . ? 1_555 ? 
22 AC2 37 HIS A 45  ? HIS A 45  . ? 1_555 ? 
23 AC2 37 THR A 46  ? THR A 46  . ? 1_555 ? 
24 AC2 37 SER A 49  ? SER A 49  . ? 1_555 ? 
25 AC2 37 LEU A 62  ? LEU A 62  . ? 1_555 ? 
26 AC2 37 SER A 63  ? SER A 63  . ? 1_555 ? 
27 AC2 37 SER A 64  ? SER A 64  . ? 1_555 ? 
28 AC2 37 LYS A 76  ? LYS A 76  . ? 1_555 ? 
29 AC2 37 ILE A 94  ? ILE A 94  . ? 1_555 ? 
30 AC2 37 GLY A 96  ? GLY A 96  . ? 1_555 ? 
31 AC2 37 GLY A 97  ? GLY A 97  . ? 1_555 ? 
32 AC2 37 ARG A 98  ? ARG A 98  . ? 1_555 ? 
33 AC2 37 VAL A 99  ? VAL A 99  . ? 1_555 ? 
34 AC2 37 TYR A 100 ? TYR A 100 . ? 1_555 ? 
35 AC2 37 GLN A 102 ? GLN A 102 . ? 1_555 ? 
36 AC2 37 THR A 123 ? THR A 123 . ? 1_555 ? 
37 AC2 37 ASP A 131 ? ASP A 131 . ? 3_654 ? 
38 AC2 37 7ME B .   ? 7ME A 160 . ? 1_555 ? 
39 AC2 37 HOH G .   ? HOH A 176 . ? 1_555 ? 
40 AC2 37 HOH G .   ? HOH A 181 . ? 3_654 ? 
41 AC2 37 HOH G .   ? HOH A 204 . ? 1_555 ? 
42 AC2 37 HOH G .   ? HOH A 207 . ? 1_555 ? 
43 AC2 37 HOH G .   ? HOH A 217 . ? 1_555 ? 
44 AC2 37 HOH G .   ? HOH A 241 . ? 1_555 ? 
45 AC2 37 HOH G .   ? HOH A 265 . ? 1_555 ? 
46 AC2 37 HOH G .   ? HOH A 270 . ? 1_555 ? 
47 AC2 37 HOH G .   ? HOH A 297 . ? 1_555 ? 
48 AC2 37 HOH G .   ? HOH A 302 . ? 1_555 ? 
49 AC3 7  ASP A 116 ? ASP A 116 . ? 1_555 ? 
50 AC3 7  HIS A 149 ? HIS A 149 . ? 1_555 ? 
51 AC3 7  ARG A 159 ? ARG A 159 . ? 1_455 ? 
52 AC3 7  HOH G .   ? HOH A 167 . ? 1_455 ? 
53 AC3 7  HOH G .   ? HOH A 168 . ? 1_555 ? 
54 AC3 7  HOH G .   ? HOH A 214 . ? 1_555 ? 
55 AC3 7  HOH G .   ? HOH A 216 . ? 1_455 ? 
56 AC4 2  LYS A 32  ? LYS A 32  . ? 1_555 ? 
57 AC4 2  ARG A 57  ? ARG A 57  . ? 1_555 ? 
58 AC5 1  ARG A 71  ? ARG A 71  . ? 4_555 ? 
# 
_pdbx_validate_close_contact.id               1 
_pdbx_validate_close_contact.PDB_model_num    1 
_pdbx_validate_close_contact.auth_atom_id_1   O 
_pdbx_validate_close_contact.auth_asym_id_1   A 
_pdbx_validate_close_contact.auth_comp_id_1   HOH 
_pdbx_validate_close_contact.auth_seq_id_1    209 
_pdbx_validate_close_contact.PDB_ins_code_1   ? 
_pdbx_validate_close_contact.label_alt_id_1   ? 
_pdbx_validate_close_contact.auth_atom_id_2   O 
_pdbx_validate_close_contact.auth_asym_id_2   A 
_pdbx_validate_close_contact.auth_comp_id_2   HOH 
_pdbx_validate_close_contact.auth_seq_id_2    324 
_pdbx_validate_close_contact.PDB_ins_code_2   ? 
_pdbx_validate_close_contact.label_alt_id_2   ? 
_pdbx_validate_close_contact.dist             2.18 
# 
_pdbx_validate_torsion.id              1 
_pdbx_validate_torsion.PDB_model_num   1 
_pdbx_validate_torsion.auth_comp_id    ASP 
_pdbx_validate_torsion.auth_asym_id    A 
_pdbx_validate_torsion.auth_seq_id     69 
_pdbx_validate_torsion.PDB_ins_code    ? 
_pdbx_validate_torsion.label_alt_id    ? 
_pdbx_validate_torsion.phi             -171.16 
_pdbx_validate_torsion.psi             112.57 
# 
_pdbx_validate_chiral.id              1 
_pdbx_validate_chiral.PDB_model_num   1 
_pdbx_validate_chiral.auth_atom_id    C7 
_pdbx_validate_chiral.label_alt_id    B 
_pdbx_validate_chiral.auth_asym_id    A 
_pdbx_validate_chiral.auth_comp_id    7ME 
_pdbx_validate_chiral.auth_seq_id     160 
_pdbx_validate_chiral.PDB_ins_code    ? 
_pdbx_validate_chiral.details         'WRONG HAND' 
_pdbx_validate_chiral.omega           . 
# 
loop_
_chem_comp_atom.comp_id 
_chem_comp_atom.atom_id 
_chem_comp_atom.type_symbol 
_chem_comp_atom.pdbx_aromatic_flag 
_chem_comp_atom.pdbx_stereo_config 
_chem_comp_atom.pdbx_ordinal 
7ME N1   N  Y N 1   
7ME C2   C  Y N 2   
7ME N3   N  Y N 3   
7ME C4   C  Y N 4   
7ME C5   C  N N 5   
7ME C6   C  N N 6   
7ME C7   C  N S 7   
7ME C8   C  N N 8   
7ME C13  C  N N 9   
7ME C4A  C  Y N 10  
7ME C8A  C  Y N 11  
7ME NA2  N  N N 12  
7ME NA4  N  N N 13  
7ME H5   H  N N 14  
7ME H5A  H  N N 15  
7ME H6   H  N N 16  
7ME H6A  H  N N 17  
7ME H7   H  N N 18  
7ME H8   H  N N 19  
7ME H8A  H  N N 20  
7ME H13  H  N N 21  
7ME H13A H  N N 22  
7ME H13B H  N N 23  
7ME HNA2 H  N N 24  
7ME HNAA H  N N 25  
7ME HNA4 H  N N 26  
7ME HNAB H  N N 27  
ALA N    N  N N 28  
ALA CA   C  N S 29  
ALA C    C  N N 30  
ALA O    O  N N 31  
ALA CB   C  N N 32  
ALA OXT  O  N N 33  
ALA H    H  N N 34  
ALA H2   H  N N 35  
ALA HA   H  N N 36  
ALA HB1  H  N N 37  
ALA HB2  H  N N 38  
ALA HB3  H  N N 39  
ALA HXT  H  N N 40  
ARG N    N  N N 41  
ARG CA   C  N S 42  
ARG C    C  N N 43  
ARG O    O  N N 44  
ARG CB   C  N N 45  
ARG CG   C  N N 46  
ARG CD   C  N N 47  
ARG NE   N  N N 48  
ARG CZ   C  N N 49  
ARG NH1  N  N N 50  
ARG NH2  N  N N 51  
ARG OXT  O  N N 52  
ARG H    H  N N 53  
ARG H2   H  N N 54  
ARG HA   H  N N 55  
ARG HB2  H  N N 56  
ARG HB3  H  N N 57  
ARG HG2  H  N N 58  
ARG HG3  H  N N 59  
ARG HD2  H  N N 60  
ARG HD3  H  N N 61  
ARG HE   H  N N 62  
ARG HH11 H  N N 63  
ARG HH12 H  N N 64  
ARG HH21 H  N N 65  
ARG HH22 H  N N 66  
ARG HXT  H  N N 67  
ASN N    N  N N 68  
ASN CA   C  N S 69  
ASN C    C  N N 70  
ASN O    O  N N 71  
ASN CB   C  N N 72  
ASN CG   C  N N 73  
ASN OD1  O  N N 74  
ASN ND2  N  N N 75  
ASN OXT  O  N N 76  
ASN H    H  N N 77  
ASN H2   H  N N 78  
ASN HA   H  N N 79  
ASN HB2  H  N N 80  
ASN HB3  H  N N 81  
ASN HD21 H  N N 82  
ASN HD22 H  N N 83  
ASN HXT  H  N N 84  
ASP N    N  N N 85  
ASP CA   C  N S 86  
ASP C    C  N N 87  
ASP O    O  N N 88  
ASP CB   C  N N 89  
ASP CG   C  N N 90  
ASP OD1  O  N N 91  
ASP OD2  O  N N 92  
ASP OXT  O  N N 93  
ASP H    H  N N 94  
ASP H2   H  N N 95  
ASP HA   H  N N 96  
ASP HB2  H  N N 97  
ASP HB3  H  N N 98  
ASP HD2  H  N N 99  
ASP HXT  H  N N 100 
CA  CA   CA N N 101 
CL  CL   CL N N 102 
CYS N    N  N N 103 
CYS CA   C  N R 104 
CYS C    C  N N 105 
CYS O    O  N N 106 
CYS CB   C  N N 107 
CYS SG   S  N N 108 
CYS OXT  O  N N 109 
CYS H    H  N N 110 
CYS H2   H  N N 111 
CYS HA   H  N N 112 
CYS HB2  H  N N 113 
CYS HB3  H  N N 114 
CYS HG   H  N N 115 
CYS HXT  H  N N 116 
GLN N    N  N N 117 
GLN CA   C  N S 118 
GLN C    C  N N 119 
GLN O    O  N N 120 
GLN CB   C  N N 121 
GLN CG   C  N N 122 
GLN CD   C  N N 123 
GLN OE1  O  N N 124 
GLN NE2  N  N N 125 
GLN OXT  O  N N 126 
GLN H    H  N N 127 
GLN H2   H  N N 128 
GLN HA   H  N N 129 
GLN HB2  H  N N 130 
GLN HB3  H  N N 131 
GLN HG2  H  N N 132 
GLN HG3  H  N N 133 
GLN HE21 H  N N 134 
GLN HE22 H  N N 135 
GLN HXT  H  N N 136 
GLU N    N  N N 137 
GLU CA   C  N S 138 
GLU C    C  N N 139 
GLU O    O  N N 140 
GLU CB   C  N N 141 
GLU CG   C  N N 142 
GLU CD   C  N N 143 
GLU OE1  O  N N 144 
GLU OE2  O  N N 145 
GLU OXT  O  N N 146 
GLU H    H  N N 147 
GLU H2   H  N N 148 
GLU HA   H  N N 149 
GLU HB2  H  N N 150 
GLU HB3  H  N N 151 
GLU HG2  H  N N 152 
GLU HG3  H  N N 153 
GLU HE2  H  N N 154 
GLU HXT  H  N N 155 
GLY N    N  N N 156 
GLY CA   C  N N 157 
GLY C    C  N N 158 
GLY O    O  N N 159 
GLY OXT  O  N N 160 
GLY H    H  N N 161 
GLY H2   H  N N 162 
GLY HA2  H  N N 163 
GLY HA3  H  N N 164 
GLY HXT  H  N N 165 
HIS N    N  N N 166 
HIS CA   C  N S 167 
HIS C    C  N N 168 
HIS O    O  N N 169 
HIS CB   C  N N 170 
HIS CG   C  Y N 171 
HIS ND1  N  Y N 172 
HIS CD2  C  Y N 173 
HIS CE1  C  Y N 174 
HIS NE2  N  Y N 175 
HIS OXT  O  N N 176 
HIS H    H  N N 177 
HIS H2   H  N N 178 
HIS HA   H  N N 179 
HIS HB2  H  N N 180 
HIS HB3  H  N N 181 
HIS HD1  H  N N 182 
HIS HD2  H  N N 183 
HIS HE1  H  N N 184 
HIS HE2  H  N N 185 
HIS HXT  H  N N 186 
HOH O    O  N N 187 
HOH H1   H  N N 188 
HOH H2   H  N N 189 
ILE N    N  N N 190 
ILE CA   C  N S 191 
ILE C    C  N N 192 
ILE O    O  N N 193 
ILE CB   C  N S 194 
ILE CG1  C  N N 195 
ILE CG2  C  N N 196 
ILE CD1  C  N N 197 
ILE OXT  O  N N 198 
ILE H    H  N N 199 
ILE H2   H  N N 200 
ILE HA   H  N N 201 
ILE HB   H  N N 202 
ILE HG12 H  N N 203 
ILE HG13 H  N N 204 
ILE HG21 H  N N 205 
ILE HG22 H  N N 206 
ILE HG23 H  N N 207 
ILE HD11 H  N N 208 
ILE HD12 H  N N 209 
ILE HD13 H  N N 210 
ILE HXT  H  N N 211 
LEU N    N  N N 212 
LEU CA   C  N S 213 
LEU C    C  N N 214 
LEU O    O  N N 215 
LEU CB   C  N N 216 
LEU CG   C  N N 217 
LEU CD1  C  N N 218 
LEU CD2  C  N N 219 
LEU OXT  O  N N 220 
LEU H    H  N N 221 
LEU H2   H  N N 222 
LEU HA   H  N N 223 
LEU HB2  H  N N 224 
LEU HB3  H  N N 225 
LEU HG   H  N N 226 
LEU HD11 H  N N 227 
LEU HD12 H  N N 228 
LEU HD13 H  N N 229 
LEU HD21 H  N N 230 
LEU HD22 H  N N 231 
LEU HD23 H  N N 232 
LEU HXT  H  N N 233 
LYS N    N  N N 234 
LYS CA   C  N S 235 
LYS C    C  N N 236 
LYS O    O  N N 237 
LYS CB   C  N N 238 
LYS CG   C  N N 239 
LYS CD   C  N N 240 
LYS CE   C  N N 241 
LYS NZ   N  N N 242 
LYS OXT  O  N N 243 
LYS H    H  N N 244 
LYS H2   H  N N 245 
LYS HA   H  N N 246 
LYS HB2  H  N N 247 
LYS HB3  H  N N 248 
LYS HG2  H  N N 249 
LYS HG3  H  N N 250 
LYS HD2  H  N N 251 
LYS HD3  H  N N 252 
LYS HE2  H  N N 253 
LYS HE3  H  N N 254 
LYS HZ1  H  N N 255 
LYS HZ2  H  N N 256 
LYS HZ3  H  N N 257 
LYS HXT  H  N N 258 
MET N    N  N N 259 
MET CA   C  N S 260 
MET C    C  N N 261 
MET O    O  N N 262 
MET CB   C  N N 263 
MET CG   C  N N 264 
MET SD   S  N N 265 
MET CE   C  N N 266 
MET OXT  O  N N 267 
MET H    H  N N 268 
MET H2   H  N N 269 
MET HA   H  N N 270 
MET HB2  H  N N 271 
MET HB3  H  N N 272 
MET HG2  H  N N 273 
MET HG3  H  N N 274 
MET HE1  H  N N 275 
MET HE2  H  N N 276 
MET HE3  H  N N 277 
MET HXT  H  N N 278 
NDP PA   P  N S 279 
NDP O1A  O  N N 280 
NDP O2A  O  N N 281 
NDP O5B  O  N N 282 
NDP C5B  C  N N 283 
NDP C4B  C  N R 284 
NDP O4B  O  N N 285 
NDP C3B  C  N R 286 
NDP O3B  O  N N 287 
NDP C2B  C  N R 288 
NDP O2B  O  N N 289 
NDP C1B  C  N R 290 
NDP N9A  N  Y N 291 
NDP C8A  C  Y N 292 
NDP N7A  N  Y N 293 
NDP C5A  C  Y N 294 
NDP C6A  C  Y N 295 
NDP N6A  N  N N 296 
NDP N1A  N  Y N 297 
NDP C2A  C  Y N 298 
NDP N3A  N  Y N 299 
NDP C4A  C  Y N 300 
NDP O3   O  N N 301 
NDP PN   P  N S 302 
NDP O1N  O  N N 303 
NDP O2N  O  N N 304 
NDP O5D  O  N N 305 
NDP C5D  C  N N 306 
NDP C4D  C  N R 307 
NDP O4D  O  N N 308 
NDP C3D  C  N S 309 
NDP O3D  O  N N 310 
NDP C2D  C  N R 311 
NDP O2D  O  N N 312 
NDP C1D  C  N R 313 
NDP N1N  N  N N 314 
NDP C2N  C  N N 315 
NDP C3N  C  N N 316 
NDP C7N  C  N N 317 
NDP O7N  O  N N 318 
NDP N7N  N  N N 319 
NDP C4N  C  N N 320 
NDP C5N  C  N N 321 
NDP C6N  C  N N 322 
NDP P2B  P  N N 323 
NDP O1X  O  N N 324 
NDP O2X  O  N N 325 
NDP O3X  O  N N 326 
NDP HOA2 H  N N 327 
NDP H51A H  N N 328 
NDP H52A H  N N 329 
NDP H4B  H  N N 330 
NDP H3B  H  N N 331 
NDP HO3A H  N N 332 
NDP H2B  H  N N 333 
NDP H1B  H  N N 334 
NDP H8A  H  N N 335 
NDP H61A H  N N 336 
NDP H62A H  N N 337 
NDP H2A  H  N N 338 
NDP H21N H  N N 339 
NDP H51N H  N N 340 
NDP H52N H  N N 341 
NDP H4D  H  N N 342 
NDP H3D  H  N N 343 
NDP HO3N H  N N 344 
NDP H2D  H  N N 345 
NDP HO2N H  N N 346 
NDP H1D  H  N N 347 
NDP H2N  H  N N 348 
NDP H71N H  N N 349 
NDP H72N H  N N 350 
NDP H41N H  N N 351 
NDP H42N H  N N 352 
NDP H5N  H  N N 353 
NDP H6N  H  N N 354 
NDP HOP2 H  N N 355 
NDP HOP3 H  N N 356 
PHE N    N  N N 357 
PHE CA   C  N S 358 
PHE C    C  N N 359 
PHE O    O  N N 360 
PHE CB   C  N N 361 
PHE CG   C  Y N 362 
PHE CD1  C  Y N 363 
PHE CD2  C  Y N 364 
PHE CE1  C  Y N 365 
PHE CE2  C  Y N 366 
PHE CZ   C  Y N 367 
PHE OXT  O  N N 368 
PHE H    H  N N 369 
PHE H2   H  N N 370 
PHE HA   H  N N 371 
PHE HB2  H  N N 372 
PHE HB3  H  N N 373 
PHE HD1  H  N N 374 
PHE HD2  H  N N 375 
PHE HE1  H  N N 376 
PHE HE2  H  N N 377 
PHE HZ   H  N N 378 
PHE HXT  H  N N 379 
PRO N    N  N N 380 
PRO CA   C  N S 381 
PRO C    C  N N 382 
PRO O    O  N N 383 
PRO CB   C  N N 384 
PRO CG   C  N N 385 
PRO CD   C  N N 386 
PRO OXT  O  N N 387 
PRO H    H  N N 388 
PRO HA   H  N N 389 
PRO HB2  H  N N 390 
PRO HB3  H  N N 391 
PRO HG2  H  N N 392 
PRO HG3  H  N N 393 
PRO HD2  H  N N 394 
PRO HD3  H  N N 395 
PRO HXT  H  N N 396 
SER N    N  N N 397 
SER CA   C  N S 398 
SER C    C  N N 399 
SER O    O  N N 400 
SER CB   C  N N 401 
SER OG   O  N N 402 
SER OXT  O  N N 403 
SER H    H  N N 404 
SER H2   H  N N 405 
SER HA   H  N N 406 
SER HB2  H  N N 407 
SER HB3  H  N N 408 
SER HG   H  N N 409 
SER HXT  H  N N 410 
THR N    N  N N 411 
THR CA   C  N S 412 
THR C    C  N N 413 
THR O    O  N N 414 
THR CB   C  N R 415 
THR OG1  O  N N 416 
THR CG2  C  N N 417 
THR OXT  O  N N 418 
THR H    H  N N 419 
THR H2   H  N N 420 
THR HA   H  N N 421 
THR HB   H  N N 422 
THR HG1  H  N N 423 
THR HG21 H  N N 424 
THR HG22 H  N N 425 
THR HG23 H  N N 426 
THR HXT  H  N N 427 
TRP N    N  N N 428 
TRP CA   C  N S 429 
TRP C    C  N N 430 
TRP O    O  N N 431 
TRP CB   C  N N 432 
TRP CG   C  Y N 433 
TRP CD1  C  Y N 434 
TRP CD2  C  Y N 435 
TRP NE1  N  Y N 436 
TRP CE2  C  Y N 437 
TRP CE3  C  Y N 438 
TRP CZ2  C  Y N 439 
TRP CZ3  C  Y N 440 
TRP CH2  C  Y N 441 
TRP OXT  O  N N 442 
TRP H    H  N N 443 
TRP H2   H  N N 444 
TRP HA   H  N N 445 
TRP HB2  H  N N 446 
TRP HB3  H  N N 447 
TRP HD1  H  N N 448 
TRP HE1  H  N N 449 
TRP HE3  H  N N 450 
TRP HZ2  H  N N 451 
TRP HZ3  H  N N 452 
TRP HH2  H  N N 453 
TRP HXT  H  N N 454 
TYR N    N  N N 455 
TYR CA   C  N S 456 
TYR C    C  N N 457 
TYR O    O  N N 458 
TYR CB   C  N N 459 
TYR CG   C  Y N 460 
TYR CD1  C  Y N 461 
TYR CD2  C  Y N 462 
TYR CE1  C  Y N 463 
TYR CE2  C  Y N 464 
TYR CZ   C  Y N 465 
TYR OH   O  N N 466 
TYR OXT  O  N N 467 
TYR H    H  N N 468 
TYR H2   H  N N 469 
TYR HA   H  N N 470 
TYR HB2  H  N N 471 
TYR HB3  H  N N 472 
TYR HD1  H  N N 473 
TYR HD2  H  N N 474 
TYR HE1  H  N N 475 
TYR HE2  H  N N 476 
TYR HH   H  N N 477 
TYR HXT  H  N N 478 
VAL N    N  N N 479 
VAL CA   C  N S 480 
VAL C    C  N N 481 
VAL O    O  N N 482 
VAL CB   C  N N 483 
VAL CG1  C  N N 484 
VAL CG2  C  N N 485 
VAL OXT  O  N N 486 
VAL H    H  N N 487 
VAL H2   H  N N 488 
VAL HA   H  N N 489 
VAL HB   H  N N 490 
VAL HG11 H  N N 491 
VAL HG12 H  N N 492 
VAL HG13 H  N N 493 
VAL HG21 H  N N 494 
VAL HG22 H  N N 495 
VAL HG23 H  N N 496 
VAL HXT  H  N N 497 
# 
loop_
_chem_comp_bond.comp_id 
_chem_comp_bond.atom_id_1 
_chem_comp_bond.atom_id_2 
_chem_comp_bond.value_order 
_chem_comp_bond.pdbx_aromatic_flag 
_chem_comp_bond.pdbx_stereo_config 
_chem_comp_bond.pdbx_ordinal 
7ME N1  C2   doub Y N 1   
7ME N1  C8A  sing Y N 2   
7ME C2  N3   sing Y N 3   
7ME C2  NA2  sing N N 4   
7ME N3  C4   doub Y N 5   
7ME C4  C4A  sing Y N 6   
7ME C4  NA4  sing N N 7   
7ME C5  C6   sing N N 8   
7ME C5  C4A  sing N N 9   
7ME C6  C7   sing N N 10  
7ME C7  C8   sing N N 11  
7ME C7  C13  sing N N 12  
7ME C8  C8A  sing N N 13  
7ME C4A C8A  doub Y N 14  
7ME C5  H5   sing N N 15  
7ME C5  H5A  sing N N 16  
7ME C6  H6   sing N N 17  
7ME C6  H6A  sing N N 18  
7ME C7  H7   sing N N 19  
7ME C8  H8   sing N N 20  
7ME C8  H8A  sing N N 21  
7ME C13 H13  sing N N 22  
7ME C13 H13A sing N N 23  
7ME C13 H13B sing N N 24  
7ME NA2 HNA2 sing N N 25  
7ME NA2 HNAA sing N N 26  
7ME NA4 HNA4 sing N N 27  
7ME NA4 HNAB sing N N 28  
ALA N   CA   sing N N 29  
ALA N   H    sing N N 30  
ALA N   H2   sing N N 31  
ALA CA  C    sing N N 32  
ALA CA  CB   sing N N 33  
ALA CA  HA   sing N N 34  
ALA C   O    doub N N 35  
ALA C   OXT  sing N N 36  
ALA CB  HB1  sing N N 37  
ALA CB  HB2  sing N N 38  
ALA CB  HB3  sing N N 39  
ALA OXT HXT  sing N N 40  
ARG N   CA   sing N N 41  
ARG N   H    sing N N 42  
ARG N   H2   sing N N 43  
ARG CA  C    sing N N 44  
ARG CA  CB   sing N N 45  
ARG CA  HA   sing N N 46  
ARG C   O    doub N N 47  
ARG C   OXT  sing N N 48  
ARG CB  CG   sing N N 49  
ARG CB  HB2  sing N N 50  
ARG CB  HB3  sing N N 51  
ARG CG  CD   sing N N 52  
ARG CG  HG2  sing N N 53  
ARG CG  HG3  sing N N 54  
ARG CD  NE   sing N N 55  
ARG CD  HD2  sing N N 56  
ARG CD  HD3  sing N N 57  
ARG NE  CZ   sing N N 58  
ARG NE  HE   sing N N 59  
ARG CZ  NH1  sing N N 60  
ARG CZ  NH2  doub N N 61  
ARG NH1 HH11 sing N N 62  
ARG NH1 HH12 sing N N 63  
ARG NH2 HH21 sing N N 64  
ARG NH2 HH22 sing N N 65  
ARG OXT HXT  sing N N 66  
ASN N   CA   sing N N 67  
ASN N   H    sing N N 68  
ASN N   H2   sing N N 69  
ASN CA  C    sing N N 70  
ASN CA  CB   sing N N 71  
ASN CA  HA   sing N N 72  
ASN C   O    doub N N 73  
ASN C   OXT  sing N N 74  
ASN CB  CG   sing N N 75  
ASN CB  HB2  sing N N 76  
ASN CB  HB3  sing N N 77  
ASN CG  OD1  doub N N 78  
ASN CG  ND2  sing N N 79  
ASN ND2 HD21 sing N N 80  
ASN ND2 HD22 sing N N 81  
ASN OXT HXT  sing N N 82  
ASP N   CA   sing N N 83  
ASP N   H    sing N N 84  
ASP N   H2   sing N N 85  
ASP CA  C    sing N N 86  
ASP CA  CB   sing N N 87  
ASP CA  HA   sing N N 88  
ASP C   O    doub N N 89  
ASP C   OXT  sing N N 90  
ASP CB  CG   sing N N 91  
ASP CB  HB2  sing N N 92  
ASP CB  HB3  sing N N 93  
ASP CG  OD1  doub N N 94  
ASP CG  OD2  sing N N 95  
ASP OD2 HD2  sing N N 96  
ASP OXT HXT  sing N N 97  
CYS N   CA   sing N N 98  
CYS N   H    sing N N 99  
CYS N   H2   sing N N 100 
CYS CA  C    sing N N 101 
CYS CA  CB   sing N N 102 
CYS CA  HA   sing N N 103 
CYS C   O    doub N N 104 
CYS C   OXT  sing N N 105 
CYS CB  SG   sing N N 106 
CYS CB  HB2  sing N N 107 
CYS CB  HB3  sing N N 108 
CYS SG  HG   sing N N 109 
CYS OXT HXT  sing N N 110 
GLN N   CA   sing N N 111 
GLN N   H    sing N N 112 
GLN N   H2   sing N N 113 
GLN CA  C    sing N N 114 
GLN CA  CB   sing N N 115 
GLN CA  HA   sing N N 116 
GLN C   O    doub N N 117 
GLN C   OXT  sing N N 118 
GLN CB  CG   sing N N 119 
GLN CB  HB2  sing N N 120 
GLN CB  HB3  sing N N 121 
GLN CG  CD   sing N N 122 
GLN CG  HG2  sing N N 123 
GLN CG  HG3  sing N N 124 
GLN CD  OE1  doub N N 125 
GLN CD  NE2  sing N N 126 
GLN NE2 HE21 sing N N 127 
GLN NE2 HE22 sing N N 128 
GLN OXT HXT  sing N N 129 
GLU N   CA   sing N N 130 
GLU N   H    sing N N 131 
GLU N   H2   sing N N 132 
GLU CA  C    sing N N 133 
GLU CA  CB   sing N N 134 
GLU CA  HA   sing N N 135 
GLU C   O    doub N N 136 
GLU C   OXT  sing N N 137 
GLU CB  CG   sing N N 138 
GLU CB  HB2  sing N N 139 
GLU CB  HB3  sing N N 140 
GLU CG  CD   sing N N 141 
GLU CG  HG2  sing N N 142 
GLU CG  HG3  sing N N 143 
GLU CD  OE1  doub N N 144 
GLU CD  OE2  sing N N 145 
GLU OE2 HE2  sing N N 146 
GLU OXT HXT  sing N N 147 
GLY N   CA   sing N N 148 
GLY N   H    sing N N 149 
GLY N   H2   sing N N 150 
GLY CA  C    sing N N 151 
GLY CA  HA2  sing N N 152 
GLY CA  HA3  sing N N 153 
GLY C   O    doub N N 154 
GLY C   OXT  sing N N 155 
GLY OXT HXT  sing N N 156 
HIS N   CA   sing N N 157 
HIS N   H    sing N N 158 
HIS N   H2   sing N N 159 
HIS CA  C    sing N N 160 
HIS CA  CB   sing N N 161 
HIS CA  HA   sing N N 162 
HIS C   O    doub N N 163 
HIS C   OXT  sing N N 164 
HIS CB  CG   sing N N 165 
HIS CB  HB2  sing N N 166 
HIS CB  HB3  sing N N 167 
HIS CG  ND1  sing Y N 168 
HIS CG  CD2  doub Y N 169 
HIS ND1 CE1  doub Y N 170 
HIS ND1 HD1  sing N N 171 
HIS CD2 NE2  sing Y N 172 
HIS CD2 HD2  sing N N 173 
HIS CE1 NE2  sing Y N 174 
HIS CE1 HE1  sing N N 175 
HIS NE2 HE2  sing N N 176 
HIS OXT HXT  sing N N 177 
HOH O   H1   sing N N 178 
HOH O   H2   sing N N 179 
ILE N   CA   sing N N 180 
ILE N   H    sing N N 181 
ILE N   H2   sing N N 182 
ILE CA  C    sing N N 183 
ILE CA  CB   sing N N 184 
ILE CA  HA   sing N N 185 
ILE C   O    doub N N 186 
ILE C   OXT  sing N N 187 
ILE CB  CG1  sing N N 188 
ILE CB  CG2  sing N N 189 
ILE CB  HB   sing N N 190 
ILE CG1 CD1  sing N N 191 
ILE CG1 HG12 sing N N 192 
ILE CG1 HG13 sing N N 193 
ILE CG2 HG21 sing N N 194 
ILE CG2 HG22 sing N N 195 
ILE CG2 HG23 sing N N 196 
ILE CD1 HD11 sing N N 197 
ILE CD1 HD12 sing N N 198 
ILE CD1 HD13 sing N N 199 
ILE OXT HXT  sing N N 200 
LEU N   CA   sing N N 201 
LEU N   H    sing N N 202 
LEU N   H2   sing N N 203 
LEU CA  C    sing N N 204 
LEU CA  CB   sing N N 205 
LEU CA  HA   sing N N 206 
LEU C   O    doub N N 207 
LEU C   OXT  sing N N 208 
LEU CB  CG   sing N N 209 
LEU CB  HB2  sing N N 210 
LEU CB  HB3  sing N N 211 
LEU CG  CD1  sing N N 212 
LEU CG  CD2  sing N N 213 
LEU CG  HG   sing N N 214 
LEU CD1 HD11 sing N N 215 
LEU CD1 HD12 sing N N 216 
LEU CD1 HD13 sing N N 217 
LEU CD2 HD21 sing N N 218 
LEU CD2 HD22 sing N N 219 
LEU CD2 HD23 sing N N 220 
LEU OXT HXT  sing N N 221 
LYS N   CA   sing N N 222 
LYS N   H    sing N N 223 
LYS N   H2   sing N N 224 
LYS CA  C    sing N N 225 
LYS CA  CB   sing N N 226 
LYS CA  HA   sing N N 227 
LYS C   O    doub N N 228 
LYS C   OXT  sing N N 229 
LYS CB  CG   sing N N 230 
LYS CB  HB2  sing N N 231 
LYS CB  HB3  sing N N 232 
LYS CG  CD   sing N N 233 
LYS CG  HG2  sing N N 234 
LYS CG  HG3  sing N N 235 
LYS CD  CE   sing N N 236 
LYS CD  HD2  sing N N 237 
LYS CD  HD3  sing N N 238 
LYS CE  NZ   sing N N 239 
LYS CE  HE2  sing N N 240 
LYS CE  HE3  sing N N 241 
LYS NZ  HZ1  sing N N 242 
LYS NZ  HZ2  sing N N 243 
LYS NZ  HZ3  sing N N 244 
LYS OXT HXT  sing N N 245 
MET N   CA   sing N N 246 
MET N   H    sing N N 247 
MET N   H2   sing N N 248 
MET CA  C    sing N N 249 
MET CA  CB   sing N N 250 
MET CA  HA   sing N N 251 
MET C   O    doub N N 252 
MET C   OXT  sing N N 253 
MET CB  CG   sing N N 254 
MET CB  HB2  sing N N 255 
MET CB  HB3  sing N N 256 
MET CG  SD   sing N N 257 
MET CG  HG2  sing N N 258 
MET CG  HG3  sing N N 259 
MET SD  CE   sing N N 260 
MET CE  HE1  sing N N 261 
MET CE  HE2  sing N N 262 
MET CE  HE3  sing N N 263 
MET OXT HXT  sing N N 264 
NDP PA  O1A  doub N N 265 
NDP PA  O2A  sing N N 266 
NDP PA  O5B  sing N N 267 
NDP PA  O3   sing N N 268 
NDP O2A HOA2 sing N N 269 
NDP O5B C5B  sing N N 270 
NDP C5B C4B  sing N N 271 
NDP C5B H51A sing N N 272 
NDP C5B H52A sing N N 273 
NDP C4B O4B  sing N N 274 
NDP C4B C3B  sing N N 275 
NDP C4B H4B  sing N N 276 
NDP O4B C1B  sing N N 277 
NDP C3B O3B  sing N N 278 
NDP C3B C2B  sing N N 279 
NDP C3B H3B  sing N N 280 
NDP O3B HO3A sing N N 281 
NDP C2B O2B  sing N N 282 
NDP C2B C1B  sing N N 283 
NDP C2B H2B  sing N N 284 
NDP O2B P2B  sing N N 285 
NDP C1B N9A  sing N N 286 
NDP C1B H1B  sing N N 287 
NDP N9A C8A  sing Y N 288 
NDP N9A C4A  sing Y N 289 
NDP C8A N7A  doub Y N 290 
NDP C8A H8A  sing N N 291 
NDP N7A C5A  sing Y N 292 
NDP C5A C6A  sing Y N 293 
NDP C5A C4A  doub Y N 294 
NDP C6A N6A  sing N N 295 
NDP C6A N1A  doub Y N 296 
NDP N6A H61A sing N N 297 
NDP N6A H62A sing N N 298 
NDP N1A C2A  sing Y N 299 
NDP C2A N3A  doub Y N 300 
NDP C2A H2A  sing N N 301 
NDP N3A C4A  sing Y N 302 
NDP O3  PN   sing N N 303 
NDP PN  O1N  doub N N 304 
NDP PN  O2N  sing N N 305 
NDP PN  O5D  sing N N 306 
NDP O2N H21N sing N N 307 
NDP O5D C5D  sing N N 308 
NDP C5D C4D  sing N N 309 
NDP C5D H51N sing N N 310 
NDP C5D H52N sing N N 311 
NDP C4D O4D  sing N N 312 
NDP C4D C3D  sing N N 313 
NDP C4D H4D  sing N N 314 
NDP O4D C1D  sing N N 315 
NDP C3D O3D  sing N N 316 
NDP C3D C2D  sing N N 317 
NDP C3D H3D  sing N N 318 
NDP O3D HO3N sing N N 319 
NDP C2D O2D  sing N N 320 
NDP C2D C1D  sing N N 321 
NDP C2D H2D  sing N N 322 
NDP O2D HO2N sing N N 323 
NDP C1D N1N  sing N N 324 
NDP C1D H1D  sing N N 325 
NDP N1N C2N  sing N N 326 
NDP N1N C6N  sing N N 327 
NDP C2N C3N  doub N N 328 
NDP C2N H2N  sing N N 329 
NDP C3N C7N  sing N N 330 
NDP C3N C4N  sing N N 331 
NDP C7N O7N  doub N N 332 
NDP C7N N7N  sing N N 333 
NDP N7N H71N sing N N 334 
NDP N7N H72N sing N N 335 
NDP C4N C5N  sing N N 336 
NDP C4N H41N sing N N 337 
NDP C4N H42N sing N N 338 
NDP C5N C6N  doub N N 339 
NDP C5N H5N  sing N N 340 
NDP C6N H6N  sing N N 341 
NDP P2B O1X  doub N N 342 
NDP P2B O2X  sing N N 343 
NDP P2B O3X  sing N N 344 
NDP O2X HOP2 sing N N 345 
NDP O3X HOP3 sing N N 346 
PHE N   CA   sing N N 347 
PHE N   H    sing N N 348 
PHE N   H2   sing N N 349 
PHE CA  C    sing N N 350 
PHE CA  CB   sing N N 351 
PHE CA  HA   sing N N 352 
PHE C   O    doub N N 353 
PHE C   OXT  sing N N 354 
PHE CB  CG   sing N N 355 
PHE CB  HB2  sing N N 356 
PHE CB  HB3  sing N N 357 
PHE CG  CD1  doub Y N 358 
PHE CG  CD2  sing Y N 359 
PHE CD1 CE1  sing Y N 360 
PHE CD1 HD1  sing N N 361 
PHE CD2 CE2  doub Y N 362 
PHE CD2 HD2  sing N N 363 
PHE CE1 CZ   doub Y N 364 
PHE CE1 HE1  sing N N 365 
PHE CE2 CZ   sing Y N 366 
PHE CE2 HE2  sing N N 367 
PHE CZ  HZ   sing N N 368 
PHE OXT HXT  sing N N 369 
PRO N   CA   sing N N 370 
PRO N   CD   sing N N 371 
PRO N   H    sing N N 372 
PRO CA  C    sing N N 373 
PRO CA  CB   sing N N 374 
PRO CA  HA   sing N N 375 
PRO C   O    doub N N 376 
PRO C   OXT  sing N N 377 
PRO CB  CG   sing N N 378 
PRO CB  HB2  sing N N 379 
PRO CB  HB3  sing N N 380 
PRO CG  CD   sing N N 381 
PRO CG  HG2  sing N N 382 
PRO CG  HG3  sing N N 383 
PRO CD  HD2  sing N N 384 
PRO CD  HD3  sing N N 385 
PRO OXT HXT  sing N N 386 
SER N   CA   sing N N 387 
SER N   H    sing N N 388 
SER N   H2   sing N N 389 
SER CA  C    sing N N 390 
SER CA  CB   sing N N 391 
SER CA  HA   sing N N 392 
SER C   O    doub N N 393 
SER C   OXT  sing N N 394 
SER CB  OG   sing N N 395 
SER CB  HB2  sing N N 396 
SER CB  HB3  sing N N 397 
SER OG  HG   sing N N 398 
SER OXT HXT  sing N N 399 
THR N   CA   sing N N 400 
THR N   H    sing N N 401 
THR N   H2   sing N N 402 
THR CA  C    sing N N 403 
THR CA  CB   sing N N 404 
THR CA  HA   sing N N 405 
THR C   O    doub N N 406 
THR C   OXT  sing N N 407 
THR CB  OG1  sing N N 408 
THR CB  CG2  sing N N 409 
THR CB  HB   sing N N 410 
THR OG1 HG1  sing N N 411 
THR CG2 HG21 sing N N 412 
THR CG2 HG22 sing N N 413 
THR CG2 HG23 sing N N 414 
THR OXT HXT  sing N N 415 
TRP N   CA   sing N N 416 
TRP N   H    sing N N 417 
TRP N   H2   sing N N 418 
TRP CA  C    sing N N 419 
TRP CA  CB   sing N N 420 
TRP CA  HA   sing N N 421 
TRP C   O    doub N N 422 
TRP C   OXT  sing N N 423 
TRP CB  CG   sing N N 424 
TRP CB  HB2  sing N N 425 
TRP CB  HB3  sing N N 426 
TRP CG  CD1  doub Y N 427 
TRP CG  CD2  sing Y N 428 
TRP CD1 NE1  sing Y N 429 
TRP CD1 HD1  sing N N 430 
TRP CD2 CE2  doub Y N 431 
TRP CD2 CE3  sing Y N 432 
TRP NE1 CE2  sing Y N 433 
TRP NE1 HE1  sing N N 434 
TRP CE2 CZ2  sing Y N 435 
TRP CE3 CZ3  doub Y N 436 
TRP CE3 HE3  sing N N 437 
TRP CZ2 CH2  doub Y N 438 
TRP CZ2 HZ2  sing N N 439 
TRP CZ3 CH2  sing Y N 440 
TRP CZ3 HZ3  sing N N 441 
TRP CH2 HH2  sing N N 442 
TRP OXT HXT  sing N N 443 
TYR N   CA   sing N N 444 
TYR N   H    sing N N 445 
TYR N   H2   sing N N 446 
TYR CA  C    sing N N 447 
TYR CA  CB   sing N N 448 
TYR CA  HA   sing N N 449 
TYR C   O    doub N N 450 
TYR C   OXT  sing N N 451 
TYR CB  CG   sing N N 452 
TYR CB  HB2  sing N N 453 
TYR CB  HB3  sing N N 454 
TYR CG  CD1  doub Y N 455 
TYR CG  CD2  sing Y N 456 
TYR CD1 CE1  sing Y N 457 
TYR CD1 HD1  sing N N 458 
TYR CD2 CE2  doub Y N 459 
TYR CD2 HD2  sing N N 460 
TYR CE1 CZ   doub Y N 461 
TYR CE1 HE1  sing N N 462 
TYR CE2 CZ   sing Y N 463 
TYR CE2 HE2  sing N N 464 
TYR CZ  OH   sing N N 465 
TYR OH  HH   sing N N 466 
TYR OXT HXT  sing N N 467 
VAL N   CA   sing N N 468 
VAL N   H    sing N N 469 
VAL N   H2   sing N N 470 
VAL CA  C    sing N N 471 
VAL CA  CB   sing N N 472 
VAL CA  HA   sing N N 473 
VAL C   O    doub N N 474 
VAL C   OXT  sing N N 475 
VAL CB  CG1  sing N N 476 
VAL CB  CG2  sing N N 477 
VAL CB  HB   sing N N 478 
VAL CG1 HG11 sing N N 479 
VAL CG1 HG12 sing N N 480 
VAL CG1 HG13 sing N N 481 
VAL CG2 HG21 sing N N 482 
VAL CG2 HG22 sing N N 483 
VAL CG2 HG23 sing N N 484 
VAL OXT HXT  sing N N 485 
# 
_atom_sites.entry_id                    3QYL 
_atom_sites.fract_transf_matrix[1][1]   0.00346185 
_atom_sites.fract_transf_matrix[1][2]   -0.02856728 
_atom_sites.fract_transf_matrix[1][3]   -0.00662482 
_atom_sites.fract_transf_matrix[2][1]   0.00510642 
_atom_sites.fract_transf_matrix[2][2]   0.00549177 
_atom_sites.fract_transf_matrix[2][3]   -0.02101299 
_atom_sites.fract_transf_matrix[3][1]   0.00988017 
_atom_sites.fract_transf_matrix[3][2]   0.00060390 
_atom_sites.fract_transf_matrix[3][3]   0.00255884 
_atom_sites.fract_transf_vector[1]      0.193279 
_atom_sites.fract_transf_vector[2]      -0.039848 
_atom_sites.fract_transf_vector[3]      -0.133644 
# 
loop_
_atom_type.symbol 
C  
CA 
CL 
N  
O  
P  
S  
# 
loop_
_atom_site.group_PDB 
_atom_site.id 
_atom_site.type_symbol 
_atom_site.label_atom_id 
_atom_site.label_alt_id 
_atom_site.label_comp_id 
_atom_site.label_asym_id 
_atom_site.label_entity_id 
_atom_site.label_seq_id 
_atom_site.pdbx_PDB_ins_code 
_atom_site.Cartn_x 
_atom_site.Cartn_y 
_atom_site.Cartn_z 
_atom_site.occupancy 
_atom_site.B_iso_or_equiv 
_atom_site.pdbx_formal_charge 
_atom_site.auth_seq_id 
_atom_site.auth_comp_id 
_atom_site.auth_asym_id 
_atom_site.auth_atom_id 
_atom_site.pdbx_PDB_model_num 
ATOM   1    N  N   . MET A 1 1   ? 5.004   -15.140 -1.445  1.00 27.17 ? 1   MET A N   1 
ATOM   2    C  CA  . MET A 1 1   ? 3.773   -14.521 -0.961  1.00 26.34 ? 1   MET A CA  1 
ATOM   3    C  C   . MET A 1 1   ? 3.733   -13.028 -1.325  1.00 23.30 ? 1   MET A C   1 
ATOM   4    O  O   . MET A 1 1   ? 4.708   -12.298 -1.103  1.00 21.90 ? 1   MET A O   1 
ATOM   5    C  CB  . MET A 1 1   ? 3.667   -14.694 0.558   1.00 30.37 ? 1   MET A CB  1 
ATOM   6    C  CG  . MET A 1 1   ? 2.254   -14.670 1.096   1.00 36.24 ? 1   MET A CG  1 
ATOM   7    S  SD  . MET A 1 1   ? 1.877   -13.322 2.259   1.00 41.54 ? 1   MET A SD  1 
ATOM   8    C  CE  . MET A 1 1   ? 2.984   -13.746 3.660   1.00 37.82 ? 1   MET A CE  1 
ATOM   9    N  N   . ILE A 1 2   ? 2.590   -12.586 -1.881  1.00 16.36 ? 2   ILE A N   1 
ATOM   10   C  CA  . ILE A 1 2   ? 2.339   -11.201 -2.269  1.00 14.78 ? 2   ILE A CA  1 
ATOM   11   C  C   . ILE A 1 2   ? 1.345   -10.636 -1.303  1.00 16.50 ? 2   ILE A C   1 
ATOM   12   O  O   . ILE A 1 2   ? 0.295   -11.240 -1.080  1.00 14.16 ? 2   ILE A O   1 
ATOM   13   C  CB  . ILE A 1 2   ? 1.825   -11.120 -3.738  1.00 17.58 ? 2   ILE A CB  1 
ATOM   14   C  CG1 . ILE A 1 2   ? 2.976   -11.493 -4.716  1.00 18.89 ? 2   ILE A CG1 1 
ATOM   15   C  CG2 . ILE A 1 2   ? 1.241   -9.707  -4.078  1.00 17.10 ? 2   ILE A CG2 1 
ATOM   16   C  CD1 . ILE A 1 2   ? 2.543   -12.215 -5.984  1.00 30.06 ? 2   ILE A CD1 1 
ATOM   17   N  N   . SER A 1 3   ? 1.668   -9.463  -0.729  1.00 13.50 ? 3   SER A N   1 
ATOM   18   C  CA  . SER A 1 3   ? 0.778   -8.781  0.190   1.00 11.76 ? 3   SER A CA  1 
ATOM   19   C  C   . SER A 1 3   ? 0.521   -7.372  -0.298  1.00 15.14 ? 3   SER A C   1 
ATOM   20   O  O   . SER A 1 3   ? 1.400   -6.758  -0.894  1.00 15.06 ? 3   SER A O   1 
ATOM   21   C  CB  . SER A 1 3   ? 1.406   -8.728  1.578   1.00 13.65 ? 3   SER A CB  1 
ATOM   22   O  OG  . SER A 1 3   ? 1.635   -10.042 2.062   1.00 17.44 ? 3   SER A OG  1 
ATOM   23   N  N   . LEU A 1 4   ? -0.669  -6.829  0.000   1.00 11.29 ? 4   LEU A N   1 
ATOM   24   C  CA  . LEU A 1 4   ? -0.930  -5.428  -0.284  1.00 11.11 ? 4   LEU A CA  1 
ATOM   25   C  C   . LEU A 1 4   ? -0.996  -4.720  1.058   1.00 15.26 ? 4   LEU A C   1 
ATOM   26   O  O   . LEU A 1 4   ? -1.538  -5.255  2.016   1.00 16.26 ? 4   LEU A O   1 
ATOM   27   C  CB  . LEU A 1 4   ? -2.252  -5.158  -1.033  1.00 11.53 ? 4   LEU A CB  1 
ATOM   28   C  CG  . LEU A 1 4   ? -2.645  -5.939  -2.297  1.00 17.44 ? 4   LEU A CG  1 
ATOM   29   C  CD1 . LEU A 1 4   ? -3.865  -5.282  -2.958  1.00 16.75 ? 4   LEU A CD1 1 
ATOM   30   C  CD2 . LEU A 1 4   ? -1.531  -5.996  -3.301  1.00 20.32 ? 4   LEU A CD2 1 
ATOM   31   N  N   . ILE A 1 5   ? -0.461  -3.513  1.126   1.00 11.82 ? 5   ILE A N   1 
ATOM   32   C  CA  . ILE A 1 5   ? -0.567  -2.684  2.321   1.00 10.35 ? 5   ILE A CA  1 
ATOM   33   C  C   . ILE A 1 5   ? -1.126  -1.332  1.881   1.00 13.16 ? 5   ILE A C   1 
ATOM   34   O  O   . ILE A 1 5   ? -0.605  -0.713  0.943   1.00 11.69 ? 5   ILE A O   1 
ATOM   35   C  CB  . ILE A 1 5   ? 0.753   -2.588  3.134   1.00 12.56 ? 5   ILE A CB  1 
ATOM   36   C  CG1 . ILE A 1 5   ? 0.566   -1.791  4.429   1.00 12.26 ? 5   ILE A CG1 1 
ATOM   37   C  CG2 . ILE A 1 5   ? 1.935   -2.048  2.297   1.00 12.02 ? 5   ILE A CG2 1 
ATOM   38   C  CD1 . ILE A 1 5   ? 1.727   -2.087  5.507   1.00 11.39 ? 5   ILE A CD1 1 
ATOM   39   N  N   . ALA A 1 6   ? -2.184  -0.871  2.566   1.00 11.26 ? 6   ALA A N   1 
ATOM   40   C  CA  . ALA A 1 6   ? -2.851  0.399   2.221   1.00 10.70 ? 6   ALA A CA  1 
ATOM   41   C  C   . ALA A 1 6   ? -3.539  1.031   3.424   1.00 13.72 ? 6   ALA A C   1 
ATOM   42   O  O   . ALA A 1 6   ? -3.931  0.299   4.331   1.00 12.49 ? 6   ALA A O   1 
ATOM   43   C  CB  . ALA A 1 6   ? -3.900  0.123   1.154   1.00 10.83 ? 6   ALA A CB  1 
ATOM   44   N  N   . ALA A 1 7   ? -3.682  2.379   3.425   1.00 11.54 ? 7   ALA A N   1 
ATOM   45   C  CA  . ALA A 1 7   ? -4.429  3.166   4.436   1.00 10.82 ? 7   ALA A CA  1 
ATOM   46   C  C   . ALA A 1 7   ? -5.712  3.661   3.763   1.00 12.90 ? 7   ALA A C   1 
ATOM   47   O  O   . ALA A 1 7   ? -5.654  4.300   2.721   1.00 12.40 ? 7   ALA A O   1 
ATOM   48   C  CB  . ALA A 1 7   ? -3.600  4.333   4.947   1.00 11.79 ? 7   ALA A CB  1 
ATOM   49   N  N   . LEU A 1 8   ? -6.883  3.228   4.282   1.00 11.69 ? 8   LEU A N   1 
ATOM   50   C  CA  . LEU A 1 8   ? -8.161  3.535   3.656   1.00 11.59 ? 8   LEU A CA  1 
ATOM   51   C  C   . LEU A 1 8   ? -8.982  4.440   4.508   1.00 16.60 ? 8   LEU A C   1 
ATOM   52   O  O   . LEU A 1 8   ? -9.276  4.116   5.670   1.00 15.20 ? 8   LEU A O   1 
ATOM   53   C  CB  . LEU A 1 8   ? -8.983  2.245   3.423   1.00 12.34 ? 8   LEU A CB  1 
ATOM   54   C  CG  . LEU A 1 8   ? -8.733  1.408   2.162   1.00 14.86 ? 8   LEU A CG  1 
ATOM   55   C  CD1 . LEU A 1 8   ? -7.302  0.888   2.122   1.00 15.30 ? 8   LEU A CD1 1 
ATOM   56   C  CD2 . LEU A 1 8   ? -9.644  0.203   2.180   1.00 13.72 ? 8   LEU A CD2 1 
ATOM   57   N  N   . ALA A 1 9   ? -9.417  5.543   3.914   1.00 12.72 ? 9   ALA A N   1 
ATOM   58   C  CA  . ALA A 1 9   ? -10.344 6.434   4.583   1.00 12.83 ? 9   ALA A CA  1 
ATOM   59   C  C   . ALA A 1 9   ? -11.750 5.959   4.210   1.00 15.05 ? 9   ALA A C   1 
ATOM   60   O  O   . ALA A 1 9   ? -11.913 4.896   3.583   1.00 13.97 ? 9   ALA A O   1 
ATOM   61   C  CB  . ALA A 1 9   ? -10.108 7.852   4.109   1.00 14.29 ? 9   ALA A CB  1 
ATOM   62   N  N   . VAL A 1 10  ? -12.777 6.746   4.561   1.00 11.97 ? 10  VAL A N   1 
ATOM   63   C  CA  A VAL A 1 10  ? -14.141 6.337   4.244   0.50 13.00 ? 10  VAL A CA  1 
ATOM   64   C  CA  B VAL A 1 10  ? -14.183 6.438   4.244   0.50 11.32 ? 10  VAL A CA  1 
ATOM   65   C  C   . VAL A 1 10  ? -14.378 6.160   2.755   1.00 15.94 ? 10  VAL A C   1 
ATOM   66   O  O   . VAL A 1 10  ? -13.791 6.865   1.934   1.00 14.69 ? 10  VAL A O   1 
ATOM   67   C  CB  A VAL A 1 10  ? -15.290 7.047   5.019   0.50 18.10 ? 10  VAL A CB  1 
ATOM   68   C  CB  B VAL A 1 10  ? -15.141 7.549   4.767   0.50 13.92 ? 10  VAL A CB  1 
ATOM   69   C  CG1 A VAL A 1 10  ? -15.099 6.942   6.530   0.50 17.83 ? 10  VAL A CG1 1 
ATOM   70   C  CG1 B VAL A 1 10  ? -16.544 7.439   4.149   0.50 12.50 ? 10  VAL A CG1 1 
ATOM   71   C  CG2 A VAL A 1 10  ? -15.434 8.499   4.601   0.50 18.35 ? 10  VAL A CG2 1 
ATOM   72   C  CG2 B VAL A 1 10  ? -15.219 7.527   6.290   0.50 13.28 ? 10  VAL A CG2 1 
ATOM   73   N  N   . ASP A 1 11  ? -15.207 5.148   2.416   1.00 14.74 ? 11  ASP A N   1 
ATOM   74   C  CA  . ASP A 1 11  ? -15.546 4.757   1.045   1.00 14.05 ? 11  ASP A CA  1 
ATOM   75   C  C   . ASP A 1 11  ? -14.330 4.237   0.274   1.00 17.21 ? 11  ASP A C   1 
ATOM   76   O  O   . ASP A 1 11  ? -14.312 4.319   -0.954  1.00 15.70 ? 11  ASP A O   1 
ATOM   77   C  CB  . ASP A 1 11  ? -16.235 5.898   0.282   1.00 16.32 ? 11  ASP A CB  1 
ATOM   78   C  CG  . ASP A 1 11  ? -17.622 6.223   0.779   1.00 22.21 ? 11  ASP A CG  1 
ATOM   79   O  OD1 . ASP A 1 11  ? -18.166 5.437   1.565   1.00 21.30 ? 11  ASP A OD1 1 
ATOM   80   O  OD2 . ASP A 1 11  ? -18.123 7.290   0.438   1.00 25.38 ? 11  ASP A OD2 1 
ATOM   81   N  N   . ARG A 1 12  ? -13.325 3.682   1.004   1.00 12.82 ? 12  ARG A N   1 
ATOM   82   C  CA  . ARG A 1 12  ? -12.089 3.105   0.457   1.00 12.98 ? 12  ARG A CA  1 
ATOM   83   C  C   . ARG A 1 12  ? -11.189 4.142   -0.224  1.00 14.49 ? 12  ARG A C   1 
ATOM   84   O  O   . ARG A 1 12  ? -10.362 3.781   -1.066  1.00 12.43 ? 12  ARG A O   1 
ATOM   85   C  CB  . ARG A 1 12  ? -12.375 1.948   -0.522  1.00 13.64 ? 12  ARG A CB  1 
ATOM   86   C  CG  . ARG A 1 12  ? -13.261 0.827   0.022   1.00 17.55 ? 12  ARG A CG  1 
ATOM   87   C  CD  . ARG A 1 12  ? -13.311 -0.392  -0.898  1.00 13.25 ? 12  ARG A CD  1 
ATOM   88   N  NE  . ARG A 1 12  ? -13.157 -0.042  -2.322  1.00 12.25 ? 12  ARG A NE  1 
ATOM   89   C  CZ  . ARG A 1 12  ? -14.145 0.312   -3.142  1.00 20.90 ? 12  ARG A CZ  1 
ATOM   90   N  NH1 . ARG A 1 12  ? -15.406 0.337   -2.710  1.00 16.38 ? 12  ARG A NH1 1 
ATOM   91   N  NH2 . ARG A 1 12  ? -13.880 0.651   -4.403  1.00 15.34 ? 12  ARG A NH2 1 
ATOM   92   N  N   . VAL A 1 13  ? -11.386 5.418   0.094   1.00 11.04 ? 13  VAL A N   1 
ATOM   93   C  CA  . VAL A 1 13  ? -10.584 6.494   -0.486  1.00 10.32 ? 13  VAL A CA  1 
ATOM   94   C  C   . VAL A 1 13  ? -9.165  6.374   0.015   1.00 14.09 ? 13  VAL A C   1 
ATOM   95   O  O   . VAL A 1 13  ? -8.946  6.283   1.233   1.00 12.95 ? 13  VAL A O   1 
ATOM   96   C  CB  . VAL A 1 13  ? -11.212 7.887   -0.223  1.00 12.98 ? 13  VAL A CB  1 
ATOM   97   C  CG1 . VAL A 1 13  ? -10.293 8.984   -0.739  1.00 12.65 ? 13  VAL A CG1 1 
ATOM   98   C  CG2 . VAL A 1 13  ? -12.591 8.011   -0.887  1.00 13.14 ? 13  VAL A CG2 1 
ATOM   99   N  N   . ILE A 1 14  ? -8.191  6.366   -0.927  1.00 10.30 ? 14  ILE A N   1 
ATOM   100  C  CA  . ILE A 1 14  ? -6.772  6.251   -0.567  1.00 10.99 ? 14  ILE A CA  1 
ATOM   101  C  C   . ILE A 1 14  ? -5.911  7.459   -0.960  1.00 13.81 ? 14  ILE A C   1 
ATOM   102  O  O   . ILE A 1 14  ? -4.790  7.583   -0.489  1.00 13.46 ? 14  ILE A O   1 
ATOM   103  C  CB  . ILE A 1 14  ? -6.175  4.900   -1.045  1.00 14.11 ? 14  ILE A CB  1 
ATOM   104  C  CG1 . ILE A 1 14  ? -6.133  4.817   -2.607  1.00 14.95 ? 14  ILE A CG1 1 
ATOM   105  C  CG2 . ILE A 1 14  ? -6.936  3.709   -0.433  1.00 10.78 ? 14  ILE A CG2 1 
ATOM   106  C  CD1 . ILE A 1 14  ? -5.128  3.701   -3.148  1.00 10.52 ? 14  ILE A CD1 1 
ATOM   107  N  N   . GLY A 1 15  ? -6.423  8.332   -1.813  1.00 12.03 ? 15  GLY A N   1 
ATOM   108  C  CA  . GLY A 1 15  ? -5.661  9.512   -2.196  1.00 10.82 ? 15  GLY A CA  1 
ATOM   109  C  C   . GLY A 1 15  ? -6.470  10.603  -2.855  1.00 16.01 ? 15  GLY A C   1 
ATOM   110  O  O   . GLY A 1 15  ? -7.620  10.383  -3.237  1.00 14.25 ? 15  GLY A O   1 
ATOM   111  N  N   . MET A 1 16  ? -5.846  11.783  -2.963  1.00 15.48 ? 16  MET A N   1 
ATOM   112  C  CA  A MET A 1 16  ? -6.416  12.963  -3.612  0.40 14.51 ? 16  MET A CA  1 
ATOM   113  C  CA  B MET A 1 16  ? -6.428  12.973  -3.593  0.60 17.28 ? 16  MET A CA  1 
ATOM   114  C  C   . MET A 1 16  ? -5.286  13.840  -4.102  1.00 18.64 ? 16  MET A C   1 
ATOM   115  O  O   . MET A 1 16  ? -4.419  14.215  -3.312  1.00 15.77 ? 16  MET A O   1 
ATOM   116  C  CB  A MET A 1 16  ? -7.343  13.754  -2.669  0.40 15.96 ? 16  MET A CB  1 
ATOM   117  C  CB  B MET A 1 16  ? -7.279  13.765  -2.582  0.60 20.78 ? 16  MET A CB  1 
ATOM   118  C  CG  A MET A 1 16  ? -7.973  14.985  -3.335  0.40 18.35 ? 16  MET A CG  1 
ATOM   119  C  CG  B MET A 1 16  ? -7.674  15.157  -3.082  0.60 26.47 ? 16  MET A CG  1 
ATOM   120  S  SD  A MET A 1 16  ? -8.827  14.570  -4.872  0.40 20.83 ? 16  MET A SD  1 
ATOM   121  S  SD  B MET A 1 16  ? -8.045  16.314  -1.752  0.60 32.93 ? 16  MET A SD  1 
ATOM   122  C  CE  A MET A 1 16  ? -9.658  16.110  -5.214  0.40 18.13 ? 16  MET A CE  1 
ATOM   123  C  CE  B MET A 1 16  ? -6.416  16.657  -1.122  0.60 28.62 ? 16  MET A CE  1 
ATOM   124  N  N   . GLU A 1 17  ? -5.283  14.140  -5.419  1.00 16.49 ? 17  GLU A N   1 
ATOM   125  C  CA  . GLU A 1 17  ? -4.269  14.991  -6.052  1.00 16.99 ? 17  GLU A CA  1 
ATOM   126  C  C   . GLU A 1 17  ? -2.863  14.533  -5.646  1.00 22.08 ? 17  GLU A C   1 
ATOM   127  O  O   . GLU A 1 17  ? -2.049  15.324  -5.185  1.00 22.33 ? 17  GLU A O   1 
ATOM   128  C  CB  . GLU A 1 17  ? -4.551  16.482  -5.710  1.00 18.89 ? 17  GLU A CB  1 
ATOM   129  C  CG  . GLU A 1 17  ? -5.980  16.871  -6.053  1.00 31.20 ? 17  GLU A CG  1 
ATOM   130  C  CD  . GLU A 1 17  ? -6.440  18.274  -5.706  1.00 47.18 ? 17  GLU A CD  1 
ATOM   131  O  OE1 . GLU A 1 17  ? -6.423  18.635  -4.508  1.00 35.24 ? 17  GLU A OE1 1 
ATOM   132  O  OE2 . GLU A 1 17  ? -6.929  18.968  -6.622  1.00 36.51 ? 17  GLU A OE2 1 
ATOM   133  N  N   . ASN A 1 18  ? -2.615  13.216  -5.761  1.00 19.67 ? 18  ASN A N   1 
ATOM   134  C  CA  . ASN A 1 18  ? -1.345  12.589  -5.445  1.00 20.02 ? 18  ASN A CA  1 
ATOM   135  C  C   . ASN A 1 18  ? -0.822  12.717  -4.016  1.00 23.45 ? 18  ASN A C   1 
ATOM   136  O  O   . ASN A 1 18  ? 0.383   12.627  -3.770  1.00 24.77 ? 18  ASN A O   1 
ATOM   137  C  CB  . ASN A 1 18  ? -0.309  12.918  -6.514  1.00 26.57 ? 18  ASN A CB  1 
ATOM   138  C  CG  . ASN A 1 18  ? -0.584  12.138  -7.760  1.00 50.78 ? 18  ASN A CG  1 
ATOM   139  O  OD1 . ASN A 1 18  ? -0.386  10.914  -7.793  1.00 30.36 ? 18  ASN A OD1 1 
ATOM   140  N  ND2 . ASN A 1 18  ? -1.108  12.816  -8.779  1.00 46.84 ? 18  ASN A ND2 1 
ATOM   141  N  N   . ALA A 1 19  ? -1.732  12.896  -3.065  1.00 17.50 ? 19  ALA A N   1 
ATOM   142  C  CA  . ALA A 1 19  ? -1.371  13.007  -1.651  1.00 17.66 ? 19  ALA A CA  1 
ATOM   143  C  C   . ALA A 1 19  ? -2.277  12.086  -0.864  1.00 19.44 ? 19  ALA A C   1 
ATOM   144  O  O   . ALA A 1 19  ? -3.293  11.636  -1.388  1.00 19.09 ? 19  ALA A O   1 
ATOM   145  C  CB  . ALA A 1 19  ? -1.557  14.452  -1.177  1.00 19.04 ? 19  ALA A CB  1 
ATOM   146  N  N   . MET A 1 20  ? -1.923  11.810  0.387   1.00 16.58 ? 20  MET A N   1 
ATOM   147  C  CA  . MET A 1 20  ? -2.740  11.014  1.303   1.00 16.00 ? 20  MET A CA  1 
ATOM   148  C  C   . MET A 1 20  ? -3.097  12.046  2.360   1.00 22.90 ? 20  MET A C   1 
ATOM   149  O  O   . MET A 1 20  ? -2.279  12.329  3.248   1.00 23.15 ? 20  MET A O   1 
ATOM   150  C  CB  . MET A 1 20  ? -1.936  9.830   1.864   1.00 18.05 ? 20  MET A CB  1 
ATOM   151  C  CG  . MET A 1 20  ? -1.541  8.841   0.790   1.00 21.94 ? 20  MET A CG  1 
ATOM   152  S  SD  . MET A 1 20  ? -0.196  7.719   1.259   1.00 25.10 ? 20  MET A SD  1 
ATOM   153  C  CE  . MET A 1 20  ? 0.978   8.841   1.903   1.00 22.57 ? 20  MET A CE  1 
ATOM   154  N  N   . PRO A 1 21  ? -4.258  12.726  2.186   1.00 20.66 ? 21  PRO A N   1 
ATOM   155  C  CA  . PRO A 1 21  ? -4.590  13.863  3.065   1.00 20.81 ? 21  PRO A CA  1 
ATOM   156  C  C   . PRO A 1 21  ? -5.126  13.514  4.449   1.00 24.62 ? 21  PRO A C   1 
ATOM   157  O  O   . PRO A 1 21  ? -6.334  13.557  4.717   1.00 25.64 ? 21  PRO A O   1 
ATOM   158  C  CB  . PRO A 1 21  ? -5.573  14.673  2.227   1.00 22.47 ? 21  PRO A CB  1 
ATOM   159  C  CG  . PRO A 1 21  ? -6.257  13.657  1.414   1.00 26.47 ? 21  PRO A CG  1 
ATOM   160  C  CD  . PRO A 1 21  ? -5.290  12.544  1.146   1.00 21.74 ? 21  PRO A CD  1 
ATOM   161  N  N   . TRP A 1 22  ? -4.194  13.180  5.322   1.00 18.58 ? 22  TRP A N   1 
ATOM   162  C  CA  . TRP A 1 22  ? -4.366  12.892  6.745   1.00 19.01 ? 22  TRP A CA  1 
ATOM   163  C  C   . TRP A 1 22  ? -2.968  12.885  7.350   1.00 27.21 ? 22  TRP A C   1 
ATOM   164  O  O   . TRP A 1 22  ? -1.986  12.739  6.619   1.00 26.48 ? 22  TRP A O   1 
ATOM   165  C  CB  . TRP A 1 22  ? -5.120  11.563  7.020   1.00 17.23 ? 22  TRP A CB  1 
ATOM   166  C  CG  . TRP A 1 22  ? -4.582  10.364  6.296   1.00 17.65 ? 22  TRP A CG  1 
ATOM   167  C  CD1 . TRP A 1 22  ? -3.449  9.663   6.602   1.00 20.33 ? 22  TRP A CD1 1 
ATOM   168  C  CD2 . TRP A 1 22  ? -5.123  9.757   5.108   1.00 16.54 ? 22  TRP A CD2 1 
ATOM   169  N  NE1 . TRP A 1 22  ? -3.263  8.646   5.693   1.00 18.85 ? 22  TRP A NE1 1 
ATOM   170  C  CE2 . TRP A 1 22  ? -4.267  8.686   4.760   1.00 20.11 ? 22  TRP A CE2 1 
ATOM   171  C  CE3 . TRP A 1 22  ? -6.244  10.019  4.299   1.00 16.57 ? 22  TRP A CE3 1 
ATOM   172  C  CZ2 . TRP A 1 22  ? -4.526  7.846   3.670   1.00 19.61 ? 22  TRP A CZ2 1 
ATOM   173  C  CZ3 . TRP A 1 22  ? -6.481  9.211   3.197   1.00 17.85 ? 22  TRP A CZ3 1 
ATOM   174  C  CH2 . TRP A 1 22  ? -5.642  8.129   2.899   1.00 18.71 ? 22  TRP A CH2 1 
ATOM   175  N  N   . ASN A 1 23  ? -2.874  13.139  8.654   1.00 26.98 ? 23  ASN A N   1 
ATOM   176  C  CA  . ASN A 1 23  ? -1.594  13.180  9.345   1.00 28.40 ? 23  ASN A CA  1 
ATOM   177  C  C   . ASN A 1 23  ? -1.636  12.123  10.439  1.00 29.63 ? 23  ASN A C   1 
ATOM   178  O  O   . ASN A 1 23  ? -2.138  12.376  11.536  1.00 30.12 ? 23  ASN A O   1 
ATOM   179  C  CB  . ASN A 1 23  ? -1.320  14.594  9.911   1.00 33.76 ? 23  ASN A CB  1 
ATOM   180  C  CG  . ASN A 1 23  ? -0.015  14.743  10.661  1.00 59.87 ? 23  ASN A CG  1 
ATOM   181  O  OD1 . ASN A 1 23  ? 1.040   14.236  10.255  1.00 53.62 ? 23  ASN A OD1 1 
ATOM   182  N  ND2 . ASN A 1 23  ? -0.056  15.466  11.770  1.00 52.49 ? 23  ASN A ND2 1 
ATOM   183  N  N   . LEU A 1 24  ? -1.182  10.910  10.107  1.00 23.47 ? 24  LEU A N   1 
ATOM   184  C  CA  . LEU A 1 24  ? -1.190  9.820   11.077  1.00 20.43 ? 24  LEU A CA  1 
ATOM   185  C  C   . LEU A 1 24  ? 0.166   9.166   11.230  1.00 20.98 ? 24  LEU A C   1 
ATOM   186  O  O   . LEU A 1 24  ? 0.437   8.129   10.601  1.00 17.47 ? 24  LEU A O   1 
ATOM   187  C  CB  . LEU A 1 24  ? -2.259  8.765   10.781  1.00 20.57 ? 24  LEU A CB  1 
ATOM   188  C  CG  . LEU A 1 24  ? -3.692  9.184   10.633  1.00 24.74 ? 24  LEU A CG  1 
ATOM   189  C  CD1 . LEU A 1 24  ? -4.465  8.036   10.123  1.00 26.95 ? 24  LEU A CD1 1 
ATOM   190  C  CD2 . LEU A 1 24  ? -4.311  9.588   11.970  1.00 23.15 ? 24  LEU A CD2 1 
ATOM   191  N  N   . PRO A 1 25  ? 1.025   9.734   12.111  1.00 19.56 ? 25  PRO A N   1 
ATOM   192  C  CA  . PRO A 1 25  ? 2.329   9.114   12.367  1.00 19.09 ? 25  PRO A CA  1 
ATOM   193  C  C   . PRO A 1 25  ? 2.213   7.635   12.742  1.00 19.99 ? 25  PRO A C   1 
ATOM   194  O  O   . PRO A 1 25  ? 3.070   6.856   12.311  1.00 19.09 ? 25  PRO A O   1 
ATOM   195  C  CB  . PRO A 1 25  ? 2.926   9.961   13.516  1.00 20.97 ? 25  PRO A CB  1 
ATOM   196  C  CG  . PRO A 1 25  ? 1.823   10.832  14.005  1.00 25.39 ? 25  PRO A CG  1 
ATOM   197  C  CD  . PRO A 1 25  ? 0.857   10.987  12.888  1.00 20.98 ? 25  PRO A CD  1 
ATOM   198  N  N   . ALA A 1 26  ? 1.142   7.226   13.495  1.00 13.65 ? 26  ALA A N   1 
ATOM   199  C  CA  . ALA A 1 26  ? 0.954   5.801   13.857  1.00 13.97 ? 26  ALA A CA  1 
ATOM   200  C  C   . ALA A 1 26  ? 0.826   4.905   12.617  1.00 15.42 ? 26  ALA A C   1 
ATOM   201  O  O   . ALA A 1 26  ? 1.351   3.790   12.641  1.00 14.50 ? 26  ALA A O   1 
ATOM   202  C  CB  . ALA A 1 26  ? -0.245  5.612   14.765  1.00 14.73 ? 26  ALA A CB  1 
ATOM   203  N  N   . ASP A 1 27  ? 0.207   5.414   11.518  1.00 12.43 ? 27  ASP A N   1 
ATOM   204  C  CA  . ASP A 1 27  ? 0.148   4.635   10.276  1.00 11.88 ? 27  ASP A CA  1 
ATOM   205  C  C   . ASP A 1 27  ? 1.567   4.552   9.660   1.00 15.72 ? 27  ASP A C   1 
ATOM   206  O  O   . ASP A 1 27  ? 1.924   3.514   9.123   1.00 15.29 ? 27  ASP A O   1 
ATOM   207  C  CB  . ASP A 1 27  ? -0.843  5.201   9.257   1.00 13.15 ? 27  ASP A CB  1 
ATOM   208  C  CG  . ASP A 1 27  ? -0.761  4.440   7.937   1.00 18.82 ? 27  ASP A CG  1 
ATOM   209  O  OD1 . ASP A 1 27  ? -1.219  3.268   7.895   1.00 17.70 ? 27  ASP A OD1 1 
ATOM   210  O  OD2 . ASP A 1 27  ? -0.116  4.958   6.996   1.00 17.19 ? 27  ASP A OD2 1 
ATOM   211  N  N   . LEU A 1 28  ? 2.343   5.654   9.672   1.00 12.96 ? 28  LEU A N   1 
ATOM   212  C  CA  . LEU A 1 28  ? 3.705   5.608   9.103   1.00 13.52 ? 28  LEU A CA  1 
ATOM   213  C  C   . LEU A 1 28  ? 4.573   4.571   9.859   1.00 16.13 ? 28  LEU A C   1 
ATOM   214  O  O   . LEU A 1 28  ? 5.365   3.849   9.245   1.00 15.50 ? 28  LEU A O   1 
ATOM   215  C  CB  . LEU A 1 28  ? 4.374   7.018   9.130   1.00 14.91 ? 28  LEU A CB  1 
ATOM   216  C  CG  . LEU A 1 28  ? 3.640   8.165   8.409   1.00 22.72 ? 28  LEU A CG  1 
ATOM   217  C  CD1 . LEU A 1 28  ? 4.239   9.532   8.794   1.00 24.39 ? 28  LEU A CD1 1 
ATOM   218  C  CD2 . LEU A 1 28  ? 3.669   7.996   6.882   1.00 29.90 ? 28  LEU A CD2 1 
ATOM   219  N  N   . ALA A 1 29  ? 4.430   4.493   11.191  1.00 12.82 ? 29  ALA A N   1 
ATOM   220  C  CA  . ALA A 1 29  ? 5.184   3.506   11.976  1.00 11.36 ? 29  ALA A CA  1 
ATOM   221  C  C   . ALA A 1 29  ? 4.743   2.099   11.613  1.00 15.73 ? 29  ALA A C   1 
ATOM   222  O  O   . ALA A 1 29  ? 5.584   1.211   11.506  1.00 16.35 ? 29  ALA A O   1 
ATOM   223  C  CB  . ALA A 1 29  ? 4.994   3.740   13.477  1.00 11.73 ? 29  ALA A CB  1 
ATOM   224  N  N   . TRP A 1 30  ? 3.425   1.887   11.430  1.00 11.95 ? 30  TRP A N   1 
ATOM   225  C  CA  . TRP A 1 30  ? 2.886   0.564   11.089  1.00 11.62 ? 30  TRP A CA  1 
ATOM   226  C  C   . TRP A 1 30  ? 3.395   0.165   9.716   1.00 13.04 ? 30  TRP A C   1 
ATOM   227  O  O   . TRP A 1 30  ? 3.819   -0.966  9.518   1.00 11.60 ? 30  TRP A O   1 
ATOM   228  C  CB  . TRP A 1 30  ? 1.342   0.613   11.136  1.00 10.92 ? 30  TRP A CB  1 
ATOM   229  C  CG  . TRP A 1 30  ? 0.621   -0.468  10.372  1.00 11.52 ? 30  TRP A CG  1 
ATOM   230  C  CD1 . TRP A 1 30  ? 0.130   -0.371  9.108   1.00 14.09 ? 30  TRP A CD1 1 
ATOM   231  C  CD2 . TRP A 1 30  ? 0.201   -1.752  10.867  1.00 11.48 ? 30  TRP A CD2 1 
ATOM   232  N  NE1 . TRP A 1 30  ? -0.611  -1.486  8.797   1.00 13.35 ? 30  TRP A NE1 1 
ATOM   233  C  CE2 . TRP A 1 30  ? -0.541  -2.374  9.837   1.00 14.38 ? 30  TRP A CE2 1 
ATOM   234  C  CE3 . TRP A 1 30  ? 0.370   -2.433  12.084  1.00 13.04 ? 30  TRP A CE3 1 
ATOM   235  C  CZ2 . TRP A 1 30  ? -1.133  -3.633  9.989   1.00 13.01 ? 30  TRP A CZ2 1 
ATOM   236  C  CZ3 . TRP A 1 30  ? -0.208  -3.686  12.230  1.00 14.76 ? 30  TRP A CZ3 1 
ATOM   237  C  CH2 . TRP A 1 30  ? -0.947  -4.274  11.188  1.00 15.71 ? 30  TRP A CH2 1 
ATOM   238  N  N   . PHE A 1 31  ? 3.337   1.111   8.759   1.00 11.05 ? 31  PHE A N   1 
ATOM   239  C  CA  . PHE A 1 31  ? 3.811   0.906   7.397   1.00 10.83 ? 31  PHE A CA  1 
ATOM   240  C  C   . PHE A 1 31  ? 5.288   0.523   7.425   1.00 13.72 ? 31  PHE A C   1 
ATOM   241  O  O   . PHE A 1 31  ? 5.692   -0.429  6.758   1.00 12.24 ? 31  PHE A O   1 
ATOM   242  C  CB  . PHE A 1 31  ? 3.612   2.184   6.549   1.00 11.79 ? 31  PHE A CB  1 
ATOM   243  C  CG  . PHE A 1 31  ? 4.227   2.067   5.173   1.00 12.50 ? 31  PHE A CG  1 
ATOM   244  C  CD1 . PHE A 1 31  ? 3.656   1.239   4.204   1.00 14.30 ? 31  PHE A CD1 1 
ATOM   245  C  CD2 . PHE A 1 31  ? 5.415   2.730   4.863   1.00 13.06 ? 31  PHE A CD2 1 
ATOM   246  C  CE1 . PHE A 1 31  ? 4.246   1.103   2.941   1.00 13.67 ? 31  PHE A CE1 1 
ATOM   247  C  CE2 . PHE A 1 31  ? 6.013   2.581   3.601   1.00 14.37 ? 31  PHE A CE2 1 
ATOM   248  C  CZ  . PHE A 1 31  ? 5.417   1.780   2.647   1.00 13.08 ? 31  PHE A CZ  1 
ATOM   249  N  N   . LYS A 1 32  ? 6.085   1.259   8.197   1.00 13.17 ? 32  LYS A N   1 
ATOM   250  C  CA  . LYS A 1 32  ? 7.512   1.010   8.323   1.00 12.77 ? 32  LYS A CA  1 
ATOM   251  C  C   . LYS A 1 32  ? 7.803   -0.386  8.904   1.00 15.17 ? 32  LYS A C   1 
ATOM   252  O  O   . LYS A 1 32  ? 8.551   -1.145  8.302   1.00 14.24 ? 32  LYS A O   1 
ATOM   253  C  CB  . LYS A 1 32  ? 8.170   2.124   9.167   1.00 15.46 ? 32  LYS A CB  1 
ATOM   254  C  CG  . LYS A 1 32  ? 9.710   2.034   9.206   1.00 14.79 ? 32  LYS A CG  1 
ATOM   255  C  CD  . LYS A 1 32  ? 10.340  3.249   9.901   1.00 19.77 ? 32  LYS A CD  1 
ATOM   256  C  CE  . LYS A 1 32  ? 10.509  4.450   8.980   1.00 43.80 ? 32  LYS A CE  1 
ATOM   257  N  NZ  . LYS A 1 32  ? 11.170  5.608   9.657   1.00 53.10 ? 32  LYS A NZ  1 
ATOM   258  N  N   . ARG A 1 33  ? 7.169   -0.742  10.023  1.00 15.56 ? 33  ARG A N   1 
ATOM   259  C  CA  . ARG A 1 33  ? 7.380   -2.040  10.673  1.00 16.32 ? 33  ARG A CA  1 
ATOM   260  C  C   . ARG A 1 33  ? 7.032   -3.231  9.760   1.00 18.08 ? 33  ARG A C   1 
ATOM   261  O  O   . ARG A 1 33  ? 7.750   -4.235  9.760   1.00 17.01 ? 33  ARG A O   1 
ATOM   262  C  CB  . ARG A 1 33  ? 6.551   -2.101  11.964  1.00 17.72 ? 33  ARG A CB  1 
ATOM   263  C  CG  . ARG A 1 33  ? 6.941   -3.256  12.888  1.00 27.79 ? 33  ARG A CG  1 
ATOM   264  C  CD  . ARG A 1 33  ? 6.147   -3.224  14.189  1.00 31.56 ? 33  ARG A CD  1 
ATOM   265  N  NE  . ARG A 1 33  ? 4.693   -3.291  13.990  1.00 35.49 ? 33  ARG A NE  1 
ATOM   266  C  CZ  . ARG A 1 33  ? 4.004   -4.418  13.844  1.00 46.15 ? 33  ARG A CZ  1 
ATOM   267  N  NH1 . ARG A 1 33  ? 4.631   -5.591  13.812  1.00 34.90 ? 33  ARG A NH1 1 
ATOM   268  N  NH2 . ARG A 1 33  ? 2.689   -4.380  13.684  1.00 33.58 ? 33  ARG A NH2 1 
ATOM   269  N  N   . ASN A 1 34  ? 5.954   -3.108  8.968   1.00 12.98 ? 34  ASN A N   1 
ATOM   270  C  CA  . ASN A 1 34  ? 5.531   -4.171  8.053   1.00 12.35 ? 34  ASN A CA  1 
ATOM   271  C  C   . ASN A 1 34  ? 6.197   -4.206  6.670   1.00 17.10 ? 34  ASN A C   1 
ATOM   272  O  O   . ASN A 1 34  ? 5.962   -5.154  5.922   1.00 17.44 ? 34  ASN A O   1 
ATOM   273  C  CB  . ASN A 1 34  ? 4.002   -4.181  7.922   1.00 11.27 ? 34  ASN A CB  1 
ATOM   274  C  CG  . ASN A 1 34  ? 3.345   -4.647  9.199   1.00 18.88 ? 34  ASN A CG  1 
ATOM   275  O  OD1 . ASN A 1 34  ? 3.544   -5.789  9.638   1.00 16.00 ? 34  ASN A OD1 1 
ATOM   276  N  ND2 . ASN A 1 34  ? 2.676   -3.736  9.894   1.00 14.49 ? 34  ASN A ND2 1 
ATOM   277  N  N   . THR A 1 35  ? 7.023   -3.209  6.315   1.00 13.58 ? 35  THR A N   1 
ATOM   278  C  CA  . THR A 1 35  ? 7.648   -3.219  4.971   1.00 11.35 ? 35  THR A CA  1 
ATOM   279  C  C   . THR A 1 35  ? 9.172   -3.227  5.030   1.00 13.67 ? 35  THR A C   1 
ATOM   280  O  O   . THR A 1 35  ? 9.813   -3.651  4.082   1.00 12.73 ? 35  THR A O   1 
ATOM   281  C  CB  . THR A 1 35  ? 7.153   -2.041  4.124   1.00 15.32 ? 35  THR A CB  1 
ATOM   282  O  OG1 . THR A 1 35  ? 7.531   -0.811  4.751   1.00 16.99 ? 35  THR A OG1 1 
ATOM   283  C  CG2 . THR A 1 35  ? 5.646   -2.104  3.833   1.00 11.58 ? 35  THR A CG2 1 
ATOM   284  N  N   . LEU A 1 36  ? 9.755   -2.777  6.130   1.00 10.41 ? 36  LEU A N   1 
ATOM   285  C  CA  . LEU A 1 36  ? 11.219  -2.789  6.250   1.00 11.58 ? 36  LEU A CA  1 
ATOM   286  C  C   . LEU A 1 36  ? 11.810  -4.185  5.955   1.00 15.41 ? 36  LEU A C   1 
ATOM   287  O  O   . LEU A 1 36  ? 11.274  -5.228  6.385   1.00 13.54 ? 36  LEU A O   1 
ATOM   288  C  CB  . LEU A 1 36  ? 11.614  -2.303  7.648   1.00 12.45 ? 36  LEU A CB  1 
ATOM   289  C  CG  . LEU A 1 36  ? 12.904  -1.519  7.812   1.00 18.43 ? 36  LEU A CG  1 
ATOM   290  C  CD1 . LEU A 1 36  ? 13.057  -0.395  6.767   1.00 18.79 ? 36  LEU A CD1 1 
ATOM   291  C  CD2 . LEU A 1 36  ? 13.001  -0.971  9.217   1.00 20.46 ? 36  LEU A CD2 1 
ATOM   292  N  N   . ASP A 1 37  ? 12.905  -4.205  5.176   1.00 13.40 ? 37  ASP A N   1 
ATOM   293  C  CA  . ASP A 1 37  ? 13.591  -5.445  4.802   1.00 13.42 ? 37  ASP A CA  1 
ATOM   294  C  C   . ASP A 1 37  ? 12.745  -6.383  3.925   1.00 17.95 ? 37  ASP A C   1 
ATOM   295  O  O   . ASP A 1 37  ? 12.922  -7.599  3.968   1.00 16.97 ? 37  ASP A O   1 
ATOM   296  C  CB  . ASP A 1 37  ? 14.164  -6.160  6.036   1.00 14.53 ? 37  ASP A CB  1 
ATOM   297  C  CG  . ASP A 1 37  ? 15.010  -5.223  6.869   1.00 23.65 ? 37  ASP A CG  1 
ATOM   298  O  OD1 . ASP A 1 37  ? 15.968  -4.637  6.315   1.00 21.90 ? 37  ASP A OD1 1 
ATOM   299  O  OD2 . ASP A 1 37  ? 14.641  -4.977  8.040   1.00 29.48 ? 37  ASP A OD2 1 
ATOM   300  N  N   . LYS A 1 38  ? 11.808  -5.804  3.158   1.00 13.82 ? 38  LYS A N   1 
ATOM   301  C  CA  . LYS A 1 38  ? 10.981  -6.533  2.220   1.00 12.00 ? 38  LYS A CA  1 
ATOM   302  C  C   . LYS A 1 38  ? 10.947  -5.698  0.945   1.00 14.68 ? 38  LYS A C   1 
ATOM   303  O  O   . LYS A 1 38  ? 10.933  -4.465  1.044   1.00 15.00 ? 38  LYS A O   1 
ATOM   304  C  CB  . LYS A 1 38  ? 9.517   -6.734  2.723   1.00 13.58 ? 38  LYS A CB  1 
ATOM   305  C  CG  . LYS A 1 38  ? 9.366   -7.423  4.090   1.00 14.05 ? 38  LYS A CG  1 
ATOM   306  C  CD  . LYS A 1 38  ? 7.905   -7.553  4.507   1.00 15.21 ? 38  LYS A CD  1 
ATOM   307  C  CE  . LYS A 1 38  ? 7.721   -7.910  5.965   1.00 14.92 ? 38  LYS A CE  1 
ATOM   308  N  NZ  . LYS A 1 38  ? 6.277   -7.868  6.340   1.00 14.62 ? 38  LYS A NZ  1 
ATOM   309  N  N   A PRO A 1 39  ? 10.955  -6.309  -0.258  0.50 11.25 ? 39  PRO A N   1 
ATOM   310  N  N   B PRO A 1 39  ? 10.905  -6.326  -0.250  0.50 12.12 ? 39  PRO A N   1 
ATOM   311  C  CA  A PRO A 1 39  ? 10.850  -5.500  -1.482  0.50 10.52 ? 39  PRO A CA  1 
ATOM   312  C  CA  B PRO A 1 39  ? 10.785  -5.526  -1.477  0.50 11.42 ? 39  PRO A CA  1 
ATOM   313  C  C   A PRO A 1 39  ? 9.458   -4.875  -1.568  0.50 14.22 ? 39  PRO A C   1 
ATOM   314  C  C   B PRO A 1 39  ? 9.421   -4.852  -1.530  0.50 14.38 ? 39  PRO A C   1 
ATOM   315  O  O   A PRO A 1 39  ? 8.471   -5.505  -1.182  0.50 12.74 ? 39  PRO A O   1 
ATOM   316  O  O   B PRO A 1 39  ? 8.423   -5.421  -1.082  0.50 12.80 ? 39  PRO A O   1 
ATOM   317  C  CB  A PRO A 1 39  ? 11.081  -6.517  -2.610  0.50 12.63 ? 39  PRO A CB  1 
ATOM   318  C  CB  B PRO A 1 39  ? 10.931  -6.558  -2.596  0.50 13.72 ? 39  PRO A CB  1 
ATOM   319  C  CG  A PRO A 1 39  ? 11.657  -7.736  -1.931  0.50 16.06 ? 39  PRO A CG  1 
ATOM   320  C  CG  B PRO A 1 39  ? 10.500  -7.839  -1.987  0.50 17.97 ? 39  PRO A CG  1 
ATOM   321  C  CD  A PRO A 1 39  ? 11.010  -7.746  -0.584  0.50 12.04 ? 39  PRO A CD  1 
ATOM   322  C  CD  B PRO A 1 39  ? 10.905  -7.778  -0.548  0.50 13.48 ? 39  PRO A CD  1 
ATOM   323  N  N   . VAL A 1 40  ? 9.400   -3.621  -2.029  1.00 11.03 ? 40  VAL A N   1 
ATOM   324  C  CA  . VAL A 1 40  ? 8.170   -2.855  -2.157  1.00 10.78 ? 40  VAL A CA  1 
ATOM   325  C  C   . VAL A 1 40  ? 7.912   -2.567  -3.635  1.00 12.72 ? 40  VAL A C   1 
ATOM   326  O  O   . VAL A 1 40  ? 8.801   -2.051  -4.342  1.00 14.20 ? 40  VAL A O   1 
ATOM   327  C  CB  . VAL A 1 40  ? 8.120   -1.565  -1.273  1.00 13.91 ? 40  VAL A CB  1 
ATOM   328  C  CG1 . VAL A 1 40  ? 8.133   -1.906  0.216   1.00 13.69 ? 40  VAL A CG1 1 
ATOM   329  C  CG2 . VAL A 1 40  ? 9.237   -0.590  -1.622  1.00 13.50 ? 40  VAL A CG2 1 
ATOM   330  N  N   . ILE A 1 41  ? 6.689   -2.829  -4.074  1.00 9.43  ? 41  ILE A N   1 
ATOM   331  C  CA  . ILE A 1 41  ? 6.305   -2.537  -5.464  1.00 8.30  ? 41  ILE A CA  1 
ATOM   332  C  C   . ILE A 1 41  ? 5.340   -1.373  -5.431  1.00 11.85 ? 41  ILE A C   1 
ATOM   333  O  O   . ILE A 1 41  ? 4.388   -1.419  -4.654  1.00 9.95  ? 41  ILE A O   1 
ATOM   334  C  CB  . ILE A 1 41  ? 5.664   -3.763  -6.160  1.00 11.44 ? 41  ILE A CB  1 
ATOM   335  C  CG1 . ILE A 1 41  ? 6.661   -4.942  -6.184  1.00 12.52 ? 41  ILE A CG1 1 
ATOM   336  C  CG2 . ILE A 1 41  ? 5.182   -3.381  -7.611  1.00 11.81 ? 41  ILE A CG2 1 
ATOM   337  C  CD1 . ILE A 1 41  ? 6.114   -6.231  -6.800  1.00 19.22 ? 41  ILE A CD1 1 
ATOM   338  N  N   . MET A 1 42  ? 5.557   -0.360  -6.314  1.00 9.81  ? 42  MET A N   1 
ATOM   339  C  CA  . MET A 1 42  ? 4.672   0.795   -6.419  1.00 9.35  ? 42  MET A CA  1 
ATOM   340  C  C   . MET A 1 42  ? 4.498   1.261   -7.859  1.00 12.99 ? 42  MET A C   1 
ATOM   341  O  O   . MET A 1 42  ? 5.369   1.035   -8.703  1.00 12.95 ? 42  MET A O   1 
ATOM   342  C  CB  . MET A 1 42  ? 5.175   1.964   -5.539  1.00 10.71 ? 42  MET A CB  1 
ATOM   343  C  CG  . MET A 1 42  ? 6.431   2.675   -6.067  1.00 12.61 ? 42  MET A CG  1 
ATOM   344  S  SD  . MET A 1 42  ? 7.175   3.708   -4.784  1.00 15.25 ? 42  MET A SD  1 
ATOM   345  C  CE  . MET A 1 42  ? 8.371   2.499   -4.068  1.00 13.04 ? 42  MET A CE  1 
ATOM   346  N  N   . GLY A 1 43  ? 3.387   1.949   -8.117  1.00 11.18 ? 43  GLY A N   1 
ATOM   347  C  CA  . GLY A 1 43  ? 3.153   2.547   -9.420  1.00 10.82 ? 43  GLY A CA  1 
ATOM   348  C  C   . GLY A 1 43  ? 3.962   3.823   -9.542  1.00 15.70 ? 43  GLY A C   1 
ATOM   349  O  O   . GLY A 1 43  ? 4.430   4.370   -8.532  1.00 15.33 ? 43  GLY A O   1 
ATOM   350  N  N   . ARG A 1 44  ? 4.138   4.320   -10.771 1.00 14.28 ? 44  ARG A N   1 
ATOM   351  C  CA  . ARG A 1 44  ? 4.901   5.570   -10.935 1.00 12.74 ? 44  ARG A CA  1 
ATOM   352  C  C   . ARG A 1 44  ? 4.252   6.756   -10.181 1.00 12.94 ? 44  ARG A C   1 
ATOM   353  O  O   . ARG A 1 44  ? 4.975   7.583   -9.631  1.00 11.91 ? 44  ARG A O   1 
ATOM   354  C  CB  . ARG A 1 44  ? 5.172   5.893   -12.423 1.00 11.11 ? 44  ARG A CB  1 
ATOM   355  C  CG  . ARG A 1 44  ? 5.825   7.258   -12.620 1.00 21.42 ? 44  ARG A CG  1 
ATOM   356  C  CD  . ARG A 1 44  ? 5.901   7.702   -14.075 1.00 25.28 ? 44  ARG A CD  1 
ATOM   357  N  NE  . ARG A 1 44  ? 4.602   7.687   -14.772 1.00 17.44 ? 44  ARG A NE  1 
ATOM   358  C  CZ  . ARG A 1 44  ? 3.775   8.720   -14.901 1.00 22.85 ? 44  ARG A CZ  1 
ATOM   359  N  NH1 . ARG A 1 44  ? 4.047   9.880   -14.309 1.00 18.56 ? 44  ARG A NH1 1 
ATOM   360  N  NH2 . ARG A 1 44  ? 2.653   8.596   -15.603 1.00 19.40 ? 44  ARG A NH2 1 
ATOM   361  N  N   . HIS A 1 45  ? 2.910   6.834   -10.105 1.00 10.93 ? 45  HIS A N   1 
ATOM   362  C  CA  . HIS A 1 45  ? 2.318   7.981   -9.402  1.00 11.38 ? 45  HIS A CA  1 
ATOM   363  C  C   . HIS A 1 45  ? 2.614   7.957   -7.899  1.00 15.97 ? 45  HIS A C   1 
ATOM   364  O  O   . HIS A 1 45  ? 2.926   8.997   -7.318  1.00 15.65 ? 45  HIS A O   1 
ATOM   365  C  CB  . HIS A 1 45  ? 0.826   8.167   -9.747  1.00 12.68 ? 45  HIS A CB  1 
ATOM   366  C  CG  . HIS A 1 45  ? 0.595   8.425   -11.218 1.00 15.46 ? 45  HIS A CG  1 
ATOM   367  N  ND1 . HIS A 1 45  ? 1.036   9.591   -11.823 1.00 17.89 ? 45  HIS A ND1 1 
ATOM   368  C  CD2 . HIS A 1 45  ? -0.052  7.679   -12.137 1.00 18.01 ? 45  HIS A CD2 1 
ATOM   369  C  CE1 . HIS A 1 45  ? 0.654   9.512   -13.089 1.00 18.12 ? 45  HIS A CE1 1 
ATOM   370  N  NE2 . HIS A 1 45  ? -0.011  8.384   -13.325 1.00 18.01 ? 45  HIS A NE2 1 
ATOM   371  N  N   . THR A 1 46  ? 2.640   6.753   -7.307  1.00 12.22 ? 46  THR A N   1 
ATOM   372  C  CA  . THR A 1 46  ? 2.977   6.579   -5.894  1.00 11.88 ? 46  THR A CA  1 
ATOM   373  C  C   . THR A 1 46  ? 4.463   6.951   -5.706  1.00 15.89 ? 46  THR A C   1 
ATOM   374  O  O   . THR A 1 46  ? 4.773   7.690   -4.788  1.00 15.17 ? 46  THR A O   1 
ATOM   375  C  CB  . THR A 1 46  ? 2.657   5.156   -5.473  1.00 15.87 ? 46  THR A CB  1 
ATOM   376  O  OG1 . THR A 1 46  ? 1.241   5.002   -5.568  1.00 13.34 ? 46  THR A OG1 1 
ATOM   377  C  CG2 . THR A 1 46  ? 3.125   4.838   -4.042  1.00 16.13 ? 46  THR A CG2 1 
ATOM   378  N  N   . TRP A 1 47  ? 5.356   6.499   -6.610  1.00 13.58 ? 47  TRP A N   1 
ATOM   379  C  CA  . TRP A 1 47  ? 6.793   6.863   -6.563  1.00 13.37 ? 47  TRP A CA  1 
ATOM   380  C  C   . TRP A 1 47  ? 6.953   8.397   -6.554  1.00 16.45 ? 47  TRP A C   1 
ATOM   381  O  O   . TRP A 1 47  ? 7.677   8.946   -5.728  1.00 15.60 ? 47  TRP A O   1 
ATOM   382  C  CB  . TRP A 1 47  ? 7.517   6.237   -7.768  1.00 12.14 ? 47  TRP A CB  1 
ATOM   383  C  CG  . TRP A 1 47  ? 8.852   6.828   -8.114  1.00 12.54 ? 47  TRP A CG  1 
ATOM   384  C  CD1 . TRP A 1 47  ? 9.181   7.471   -9.272  1.00 15.76 ? 47  TRP A CD1 1 
ATOM   385  C  CD2 . TRP A 1 47  ? 10.023  6.866   -7.284  1.00 11.94 ? 47  TRP A CD2 1 
ATOM   386  N  NE1 . TRP A 1 47  ? 10.489  7.887   -9.229  1.00 14.89 ? 47  TRP A NE1 1 
ATOM   387  C  CE2 . TRP A 1 47  ? 11.036  7.523   -8.021  1.00 16.29 ? 47  TRP A CE2 1 
ATOM   388  C  CE3 . TRP A 1 47  ? 10.323  6.391   -5.992  1.00 13.04 ? 47  TRP A CE3 1 
ATOM   389  C  CZ2 . TRP A 1 47  ? 12.337  7.703   -7.520  1.00 15.73 ? 47  TRP A CZ2 1 
ATOM   390  C  CZ3 . TRP A 1 47  ? 11.604  6.596   -5.483  1.00 14.73 ? 47  TRP A CZ3 1 
ATOM   391  C  CH2 . TRP A 1 47  ? 12.592  7.251   -6.236  1.00 15.16 ? 47  TRP A CH2 1 
ATOM   392  N  N   . GLU A 1 48  ? 6.246   9.086   -7.444  1.00 14.62 ? 48  GLU A N   1 
ATOM   393  C  CA  . GLU A 1 48  ? 6.271   10.552  -7.486  1.00 14.04 ? 48  GLU A CA  1 
ATOM   394  C  C   . GLU A 1 48  ? 5.622   11.168  -6.223  1.00 18.04 ? 48  GLU A C   1 
ATOM   395  O  O   . GLU A 1 48  ? 6.116   12.185  -5.731  1.00 18.79 ? 48  GLU A O   1 
ATOM   396  C  CB  . GLU A 1 48  ? 5.624   11.078  -8.764  1.00 14.83 ? 48  GLU A CB  1 
ATOM   397  C  CG  . GLU A 1 48  ? 6.414   10.684  -10.002 1.00 15.34 ? 48  GLU A CG  1 
ATOM   398  C  CD  . GLU A 1 48  ? 5.836   11.121  -11.331 1.00 27.95 ? 48  GLU A CD  1 
ATOM   399  O  OE1 . GLU A 1 48  ? 4.755   11.751  -11.347 1.00 25.83 ? 48  GLU A OE1 1 
ATOM   400  O  OE2 . GLU A 1 48  ? 6.486   10.850  -12.364 1.00 26.47 ? 48  GLU A OE2 1 
ATOM   401  N  N   . SER A 1 49  ? 4.534   10.557  -5.699  1.00 16.15 ? 49  SER A N   1 
ATOM   402  C  CA  A SER A 1 49  ? 3.870   11.001  -4.462  0.90 15.89 ? 49  SER A CA  1 
ATOM   403  C  C   . SER A 1 49  ? 4.828   10.899  -3.261  1.00 21.03 ? 49  SER A C   1 
ATOM   404  O  O   . SER A 1 49  ? 4.988   11.887  -2.525  1.00 21.24 ? 49  SER A O   1 
ATOM   405  C  CB  A SER A 1 49  ? 2.611   10.186  -4.188  0.90 19.63 ? 49  SER A CB  1 
ATOM   406  O  OG  A SER A 1 49  ? 1.992   10.647  -2.996  0.90 28.97 ? 49  SER A OG  1 
ATOM   407  N  N   . ILE A 1 50  ? 5.510   9.745   -3.085  1.00 13.57 ? 50  ILE A N   1 
ATOM   408  C  CA  A ILE A 1 50  ? 6.464   9.562   -1.966  0.80 13.25 ? 50  ILE A CA  1 
ATOM   409  C  CA  B ILE A 1 50  ? 6.448   9.595   -1.964  0.20 12.64 ? 50  ILE A CA  1 
ATOM   410  C  C   . ILE A 1 50  ? 7.658   10.520  -2.108  1.00 16.98 ? 50  ILE A C   1 
ATOM   411  O  O   . ILE A 1 50  ? 8.131   11.080  -1.117  1.00 15.78 ? 50  ILE A O   1 
ATOM   412  C  CB  A ILE A 1 50  ? 6.872   8.073   -1.806  0.80 16.99 ? 50  ILE A CB  1 
ATOM   413  C  CB  B ILE A 1 50  ? 6.771   8.133   -1.569  0.20 15.18 ? 50  ILE A CB  1 
ATOM   414  C  CG1 A ILE A 1 50  ? 5.639   7.210   -1.444  0.80 16.78 ? 50  ILE A CG1 1 
ATOM   415  C  CG1 B ILE A 1 50  ? 7.470   7.362   -2.710  0.20 14.91 ? 50  ILE A CG1 1 
ATOM   416  C  CG2 A ILE A 1 50  ? 7.966   7.904   -0.730  0.80 19.70 ? 50  ILE A CG2 1 
ATOM   417  C  CG2 B ILE A 1 50  ? 5.502   7.416   -1.069  0.20 15.34 ? 50  ILE A CG2 1 
ATOM   418  C  CD1 A ILE A 1 50  ? 5.877   5.651   -1.558  0.80 22.25 ? 50  ILE A CD1 1 
ATOM   419  C  CD1 B ILE A 1 50  ? 8.269   6.136   -2.248  0.20 18.33 ? 50  ILE A CD1 1 
ATOM   420  N  N   . GLY A 1 51  ? 8.107   10.721  -3.347  1.00 14.62 ? 51  GLY A N   1 
ATOM   421  C  CA  . GLY A 1 51  ? 9.171   11.665  -3.681  1.00 14.73 ? 51  GLY A CA  1 
ATOM   422  C  C   . GLY A 1 51  ? 10.618  11.274  -3.496  1.00 18.68 ? 51  GLY A C   1 
ATOM   423  O  O   . GLY A 1 51  ? 11.507  12.076  -3.801  1.00 18.14 ? 51  GLY A O   1 
ATOM   424  N  N   . ARG A 1 52  ? 10.880  10.079  -2.958  1.00 14.98 ? 52  ARG A N   1 
ATOM   425  C  CA  . ARG A 1 52  ? 12.259  9.633   -2.705  1.00 14.65 ? 52  ARG A CA  1 
ATOM   426  C  C   . ARG A 1 52  ? 12.242  8.152   -2.396  1.00 17.71 ? 52  ARG A C   1 
ATOM   427  O  O   . ARG A 1 52  ? 11.174  7.638   -2.001  1.00 16.10 ? 52  ARG A O   1 
ATOM   428  C  CB  . ARG A 1 52  ? 12.880  10.418  -1.515  1.00 17.11 ? 52  ARG A CB  1 
ATOM   429  C  CG  . ARG A 1 52  ? 12.053  10.373  -0.234  1.00 21.60 ? 52  ARG A CG  1 
ATOM   430  C  CD  . ARG A 1 52  ? 12.474  11.409  0.805   1.00 32.84 ? 52  ARG A CD  1 
ATOM   431  N  NE  . ARG A 1 52  ? 12.615  12.775  0.282   1.00 31.85 ? 52  ARG A NE  1 
ATOM   432  C  CZ  . ARG A 1 52  ? 11.605  13.608  0.023   1.00 43.17 ? 52  ARG A CZ  1 
ATOM   433  N  NH1 . ARG A 1 52  ? 10.347  13.206  0.164   1.00 27.40 ? 52  ARG A NH1 1 
ATOM   434  N  NH2 . ARG A 1 52  ? 11.846  14.840  -0.401  1.00 23.77 ? 52  ARG A NH2 1 
ATOM   435  N  N   . PRO A 1 53  ? 13.408  7.448   -2.471  1.00 13.11 ? 53  PRO A N   1 
ATOM   436  C  CA  . PRO A 1 53  ? 13.393  6.026   -2.145  1.00 12.38 ? 53  PRO A CA  1 
ATOM   437  C  C   . PRO A 1 53  ? 13.052  5.777   -0.702  1.00 17.83 ? 53  PRO A C   1 
ATOM   438  O  O   . PRO A 1 53  ? 13.366  6.614   0.185   1.00 17.03 ? 53  PRO A O   1 
ATOM   439  C  CB  . PRO A 1 53  ? 14.814  5.571   -2.459  1.00 13.72 ? 53  PRO A CB  1 
ATOM   440  C  CG  . PRO A 1 53  ? 15.355  6.597   -3.395  1.00 17.96 ? 53  PRO A CG  1 
ATOM   441  C  CD  . PRO A 1 53  ? 14.757  7.870   -2.898  1.00 14.19 ? 53  PRO A CD  1 
ATOM   442  N  N   . LEU A 1 54  ? 12.406  4.624   -0.460  1.00 12.48 ? 54  LEU A N   1 
ATOM   443  C  CA  . LEU A 1 54  ? 12.118  4.212   0.902   1.00 12.19 ? 54  LEU A CA  1 
ATOM   444  C  C   . LEU A 1 54  ? 13.368  3.450   1.370   1.00 16.21 ? 54  LEU A C   1 
ATOM   445  O  O   . LEU A 1 54  ? 13.694  2.416   0.793   1.00 16.50 ? 54  LEU A O   1 
ATOM   446  C  CB  . LEU A 1 54  ? 10.875  3.292   0.931   1.00 12.21 ? 54  LEU A CB  1 
ATOM   447  C  CG  . LEU A 1 54  ? 9.523   3.999   0.722   1.00 17.12 ? 54  LEU A CG  1 
ATOM   448  C  CD1 . LEU A 1 54  ? 8.401   2.966   0.565   1.00 18.25 ? 54  LEU A CD1 1 
ATOM   449  C  CD2 . LEU A 1 54  ? 9.186   4.941   1.896   1.00 18.05 ? 54  LEU A CD2 1 
ATOM   450  N  N   . PRO A 1 55  ? 14.109  3.925   2.382   1.00 13.78 ? 55  PRO A N   1 
ATOM   451  C  CA  . PRO A 1 55  ? 15.312  3.169   2.806   1.00 13.93 ? 55  PRO A CA  1 
ATOM   452  C  C   . PRO A 1 55  ? 15.029  1.801   3.427   1.00 16.31 ? 55  PRO A C   1 
ATOM   453  O  O   . PRO A 1 55  ? 13.944  1.562   3.938   1.00 15.54 ? 55  PRO A O   1 
ATOM   454  C  CB  . PRO A 1 55  ? 16.011  4.115   3.792   1.00 16.33 ? 55  PRO A CB  1 
ATOM   455  C  CG  . PRO A 1 55  ? 14.919  5.031   4.302   1.00 21.69 ? 55  PRO A CG  1 
ATOM   456  C  CD  . PRO A 1 55  ? 13.887  5.138   3.195   1.00 16.41 ? 55  PRO A CD  1 
ATOM   457  N  N   . GLY A 1 56  ? 16.020  0.925   3.382   1.00 14.89 ? 56  GLY A N   1 
ATOM   458  C  CA  . GLY A 1 56  ? 15.971  -0.404  3.997   1.00 15.12 ? 56  GLY A CA  1 
ATOM   459  C  C   . GLY A 1 56  ? 15.046  -1.407  3.341   1.00 17.80 ? 56  GLY A C   1 
ATOM   460  O  O   . GLY A 1 56  ? 14.715  -2.436  3.950   1.00 16.50 ? 56  GLY A O   1 
ATOM   461  N  N   . ARG A 1 57  ? 14.628  -1.111  2.086   1.00 13.25 ? 57  ARG A N   1 
ATOM   462  C  CA  . ARG A 1 57  ? 13.713  -1.912  1.259   1.00 13.97 ? 57  ARG A CA  1 
ATOM   463  C  C   . ARG A 1 57  ? 14.126  -1.808  -0.190  1.00 16.43 ? 57  ARG A C   1 
ATOM   464  O  O   . ARG A 1 57  ? 14.483  -0.713  -0.638  1.00 15.26 ? 57  ARG A O   1 
ATOM   465  C  CB  . ARG A 1 57  ? 12.287  -1.334  1.346   1.00 14.69 ? 57  ARG A CB  1 
ATOM   466  C  CG  . ARG A 1 57  ? 11.595  -1.620  2.649   1.00 19.03 ? 57  ARG A CG  1 
ATOM   467  C  CD  . ARG A 1 57  ? 10.593  -0.552  2.996   1.00 16.49 ? 57  ARG A CD  1 
ATOM   468  N  NE  . ARG A 1 57  ? 11.257  0.584   3.629   1.00 14.65 ? 57  ARG A NE  1 
ATOM   469  C  CZ  . ARG A 1 57  ? 10.642  1.533   4.316   1.00 22.58 ? 57  ARG A CZ  1 
ATOM   470  N  NH1 . ARG A 1 57  ? 9.317   1.491   4.483   1.00 14.51 ? 57  ARG A NH1 1 
ATOM   471  N  NH2 . ARG A 1 57  ? 11.339  2.530   4.850   1.00 14.45 ? 57  ARG A NH2 1 
ATOM   472  N  N   . LYS A 1 58  ? 13.995  -2.907  -0.951  1.00 12.33 ? 58  LYS A N   1 
ATOM   473  C  CA  . LYS A 1 58  ? 14.258  -2.851  -2.382  1.00 12.37 ? 58  LYS A CA  1 
ATOM   474  C  C   . LYS A 1 58  ? 13.036  -2.146  -2.998  1.00 16.33 ? 58  LYS A C   1 
ATOM   475  O  O   . LYS A 1 58  ? 11.894  -2.550  -2.732  1.00 16.30 ? 58  LYS A O   1 
ATOM   476  C  CB  . LYS A 1 58  ? 14.447  -4.251  -2.988  1.00 12.90 ? 58  LYS A CB  1 
ATOM   477  C  CG  . LYS A 1 58  ? 14.787  -4.144  -4.458  1.00 10.57 ? 58  LYS A CG  1 
ATOM   478  C  CD  . LYS A 1 58  ? 15.169  -5.476  -5.036  1.00 17.71 ? 58  LYS A CD  1 
ATOM   479  C  CE  . LYS A 1 58  ? 15.590  -5.331  -6.476  1.00 15.67 ? 58  LYS A CE  1 
ATOM   480  N  NZ  . LYS A 1 58  ? 16.143  -6.617  -6.981  1.00 14.90 ? 58  LYS A NZ  1 
ATOM   481  N  N   . ASN A 1 59  ? 13.272  -1.056  -3.747  1.00 12.01 ? 59  ASN A N   1 
ATOM   482  C  CA  . ASN A 1 59  ? 12.161  -0.273  -4.336  1.00 10.03 ? 59  ASN A CA  1 
ATOM   483  C  C   . ASN A 1 59  ? 11.998  -0.620  -5.799  1.00 12.19 ? 59  ASN A C   1 
ATOM   484  O  O   . ASN A 1 59  ? 12.914  -0.438  -6.593  1.00 13.59 ? 59  ASN A O   1 
ATOM   485  C  CB  . ASN A 1 59  ? 12.405  1.238   -4.186  1.00 12.74 ? 59  ASN A CB  1 
ATOM   486  C  CG  . ASN A 1 59  ? 12.287  1.816   -2.791  1.00 20.14 ? 59  ASN A CG  1 
ATOM   487  O  OD1 . ASN A 1 59  ? 11.751  2.914   -2.615  1.00 15.70 ? 59  ASN A OD1 1 
ATOM   488  N  ND2 . ASN A 1 59  ? 12.791  1.129   -1.772  1.00 13.89 ? 59  ASN A ND2 1 
ATOM   489  N  N   . ILE A 1 60  ? 10.817  -1.109  -6.164  1.00 10.70 ? 60  ILE A N   1 
ATOM   490  C  CA  . ILE A 1 60  ? 10.542  -1.507  -7.546  1.00 10.31 ? 60  ILE A CA  1 
ATOM   491  C  C   . ILE A 1 60  ? 9.396   -0.626  -8.033  1.00 13.07 ? 60  ILE A C   1 
ATOM   492  O  O   . ILE A 1 60  ? 8.352   -0.542  -7.378  1.00 11.22 ? 60  ILE A O   1 
ATOM   493  C  CB  . ILE A 1 60  ? 10.255  -3.034  -7.589  1.00 13.18 ? 60  ILE A CB  1 
ATOM   494  C  CG1 . ILE A 1 60  ? 11.568  -3.850  -7.346  1.00 13.19 ? 60  ILE A CG1 1 
ATOM   495  C  CG2 . ILE A 1 60  ? 9.553   -3.439  -8.889  1.00 15.01 ? 60  ILE A CG2 1 
ATOM   496  C  CD1 . ILE A 1 60  ? 11.393  -5.187  -6.748  1.00 25.87 ? 60  ILE A CD1 1 
ATOM   497  N  N   . ILE A 1 61  ? 9.614   0.072   -9.166  1.00 9.94  ? 61  ILE A N   1 
ATOM   498  C  CA  . ILE A 1 61  ? 8.611   0.989   -9.684  1.00 10.71 ? 61  ILE A CA  1 
ATOM   499  C  C   . ILE A 1 61  ? 8.047   0.453   -10.986 1.00 16.63 ? 61  ILE A C   1 
ATOM   500  O  O   . ILE A 1 61  ? 8.808   0.137   -11.892 1.00 15.74 ? 61  ILE A O   1 
ATOM   501  C  CB  . ILE A 1 61  ? 9.188   2.419   -9.918  1.00 13.00 ? 61  ILE A CB  1 
ATOM   502  C  CG1 . ILE A 1 61  ? 10.204  2.873   -8.830  1.00 13.73 ? 61  ILE A CG1 1 
ATOM   503  C  CG2 . ILE A 1 61  ? 8.080   3.464   -10.174 1.00 12.79 ? 61  ILE A CG2 1 
ATOM   504  C  CD1 . ILE A 1 61  ? 9.809   2.873   -7.366  1.00 12.63 ? 61  ILE A CD1 1 
ATOM   505  N  N   . LEU A 1 62  ? 6.707   0.451   -11.109 1.00 12.47 ? 62  LEU A N   1 
ATOM   506  C  CA  . LEU A 1 62  ? 6.084   0.062   -12.360 1.00 12.56 ? 62  LEU A CA  1 
ATOM   507  C  C   . LEU A 1 62  ? 5.889   1.284   -13.249 1.00 14.88 ? 62  LEU A C   1 
ATOM   508  O  O   . LEU A 1 62  ? 5.434   2.331   -12.765 1.00 13.22 ? 62  LEU A O   1 
ATOM   509  C  CB  . LEU A 1 62  ? 4.733   -0.574  -12.071 1.00 13.10 ? 62  LEU A CB  1 
ATOM   510  C  CG  . LEU A 1 62  ? 4.767   -2.052  -11.835 1.00 18.02 ? 62  LEU A CG  1 
ATOM   511  C  CD1 . LEU A 1 62  ? 3.558   -2.485  -11.057 1.00 19.04 ? 62  LEU A CD1 1 
ATOM   512  C  CD2 . LEU A 1 62  ? 4.903   -2.810  -13.170 1.00 17.08 ? 62  LEU A CD2 1 
ATOM   513  N  N   . SER A 1 63  ? 6.245   1.163   -14.544 1.00 10.29 ? 63  SER A N   1 
ATOM   514  C  CA  . SER A 1 63  ? 6.019   2.231   -15.534 1.00 10.43 ? 63  SER A CA  1 
ATOM   515  C  C   . SER A 1 63  ? 6.105   1.605   -16.919 1.00 13.76 ? 63  SER A C   1 
ATOM   516  O  O   . SER A 1 63  ? 6.957   0.748   -17.133 1.00 12.29 ? 63  SER A O   1 
ATOM   517  C  CB  . SER A 1 63  ? 7.062   3.344   -15.412 1.00 14.46 ? 63  SER A CB  1 
ATOM   518  O  OG  . SER A 1 63  ? 6.872   4.344   -16.415 1.00 19.46 ? 63  SER A OG  1 
ATOM   519  N  N   . SER A 1 64  ? 5.247   2.035   -17.865 1.00 13.24 ? 64  SER A N   1 
ATOM   520  C  CA  . SER A 1 64  ? 5.325   1.505   -19.252 1.00 13.90 ? 64  SER A CA  1 
ATOM   521  C  C   . SER A 1 64  ? 6.490   2.154   -19.990 1.00 18.12 ? 64  SER A C   1 
ATOM   522  O  O   . SER A 1 64  ? 6.825   1.739   -21.104 1.00 16.95 ? 64  SER A O   1 
ATOM   523  C  CB  . SER A 1 64  ? 4.051   1.857   -20.012 1.00 17.15 ? 64  SER A CB  1 
ATOM   524  O  OG  . SER A 1 64  ? 3.934   3.269   -20.093 1.00 19.11 ? 64  SER A OG  1 
ATOM   525  N  N   . GLN A 1 65  ? 7.087   3.192   -19.361 1.00 15.45 ? 65  GLN A N   1 
ATOM   526  C  CA  A GLN A 1 65  ? 8.182   3.950   -19.944 0.50 15.97 ? 65  GLN A CA  1 
ATOM   527  C  CA  B GLN A 1 65  ? 8.178   3.969   -19.935 0.50 16.12 ? 65  GLN A CA  1 
ATOM   528  C  C   . GLN A 1 65  ? 9.518   3.685   -19.239 1.00 21.37 ? 65  GLN A C   1 
ATOM   529  O  O   . GLN A 1 65  ? 9.514   3.174   -18.114 1.00 21.82 ? 65  GLN A O   1 
ATOM   530  C  CB  A GLN A 1 65  ? 7.828   5.448   -19.990 0.50 17.18 ? 65  GLN A CB  1 
ATOM   531  C  CB  B GLN A 1 65  ? 7.818   5.464   -19.903 0.50 17.52 ? 65  GLN A CB  1 
ATOM   532  C  CG  A GLN A 1 65  ? 6.546   5.770   -20.800 0.50 23.43 ? 65  GLN A CG  1 
ATOM   533  C  CG  B GLN A 1 65  ? 6.758   5.816   -20.960 0.50 31.19 ? 65  GLN A CG  1 
ATOM   534  C  CD  A GLN A 1 65  ? 6.507   5.225   -22.227 0.50 33.95 ? 65  GLN A CD  1 
ATOM   535  C  CD  B GLN A 1 65  ? 6.110   7.173   -20.805 0.50 46.23 ? 65  GLN A CD  1 
ATOM   536  O  OE1 A GLN A 1 65  ? 7.534   5.039   -22.901 0.50 24.38 ? 65  GLN A OE1 1 
ATOM   537  O  OE1 B GLN A 1 65  ? 6.735   8.165   -20.420 0.50 36.18 ? 65  GLN A OE1 1 
ATOM   538  N  NE2 A GLN A 1 65  ? 5.305   4.958   -22.720 0.50 28.31 ? 65  GLN A NE2 1 
ATOM   539  N  NE2 B GLN A 1 65  ? 4.818   7.241   -21.092 0.50 42.77 ? 65  GLN A NE2 1 
ATOM   540  N  N   . PRO A 1 66  ? 10.695  3.972   -19.872 1.00 20.29 ? 66  PRO A N   1 
ATOM   541  C  CA  . PRO A 1 66  ? 11.961  3.709   -19.161 1.00 20.72 ? 66  PRO A CA  1 
ATOM   542  C  C   . PRO A 1 66  ? 12.045  4.493   -17.851 1.00 22.54 ? 66  PRO A C   1 
ATOM   543  O  O   . PRO A 1 66  ? 11.416  5.544   -17.708 1.00 22.41 ? 66  PRO A O   1 
ATOM   544  C  CB  . PRO A 1 66  ? 13.040  4.204   -20.148 1.00 22.74 ? 66  PRO A CB  1 
ATOM   545  C  CG  . PRO A 1 66  ? 12.374  4.139   -21.498 1.00 27.59 ? 66  PRO A CG  1 
ATOM   546  C  CD  . PRO A 1 66  ? 10.958  4.562   -21.207 1.00 22.84 ? 66  PRO A CD  1 
ATOM   547  N  N   . GLY A 1 67  ? 12.821  3.961   -16.919 1.00 18.26 ? 67  GLY A N   1 
ATOM   548  C  CA  . GLY A 1 67  ? 13.066  4.597   -15.630 1.00 18.10 ? 67  GLY A CA  1 
ATOM   549  C  C   . GLY A 1 67  ? 13.787  5.919   -15.722 1.00 19.71 ? 67  GLY A C   1 
ATOM   550  O  O   . GLY A 1 67  ? 14.471  6.191   -16.716 1.00 18.38 ? 67  GLY A O   1 
ATOM   551  N  N   . THR A 1 68  ? 13.655  6.736   -14.663 1.00 16.29 ? 68  THR A N   1 
ATOM   552  C  CA  . THR A 1 68  ? 14.254  8.077   -14.572 1.00 16.18 ? 68  THR A CA  1 
ATOM   553  C  C   . THR A 1 68  ? 15.010  8.248   -13.261 1.00 18.10 ? 68  THR A C   1 
ATOM   554  O  O   . THR A 1 68  ? 15.177  9.378   -12.788 1.00 17.76 ? 68  THR A O   1 
ATOM   555  C  CB  . THR A 1 68  ? 13.190  9.171   -14.728 1.00 23.17 ? 68  THR A CB  1 
ATOM   556  O  OG1 . THR A 1 68  ? 12.147  8.938   -13.789 1.00 22.21 ? 68  THR A OG1 1 
ATOM   557  C  CG2 . THR A 1 68  ? 12.617  9.252   -16.130 1.00 20.75 ? 68  THR A CG2 1 
ATOM   558  N  N   . ASP A 1 69  ? 15.458  7.125   -12.669 1.00 12.62 ? 69  ASP A N   1 
ATOM   559  C  CA  . ASP A 1 69  ? 16.154  7.143   -11.399 1.00 12.67 ? 69  ASP A CA  1 
ATOM   560  C  C   . ASP A 1 69  ? 16.711  5.771   -11.114 1.00 17.29 ? 69  ASP A C   1 
ATOM   561  O  O   . ASP A 1 69  ? 15.941  4.855   -10.813 1.00 18.36 ? 69  ASP A O   1 
ATOM   562  C  CB  . ASP A 1 69  ? 15.190  7.532   -10.240 1.00 14.58 ? 69  ASP A CB  1 
ATOM   563  C  CG  . ASP A 1 69  ? 15.939  8.024   -9.026  1.00 14.31 ? 69  ASP A CG  1 
ATOM   564  O  OD1 . ASP A 1 69  ? 16.988  7.452   -8.711  1.00 15.58 ? 69  ASP A OD1 1 
ATOM   565  O  OD2 . ASP A 1 69  ? 15.452  8.960   -8.367  1.00 17.10 ? 69  ASP A OD2 1 
ATOM   566  N  N   . ASP A 1 70  ? 18.042  5.650   -11.121 1.00 12.52 ? 70  ASP A N   1 
ATOM   567  C  CA  . ASP A 1 70  ? 18.726  4.380   -10.882 1.00 12.41 ? 70  ASP A CA  1 
ATOM   568  C  C   . ASP A 1 70  ? 18.930  4.032   -9.414  1.00 15.89 ? 70  ASP A C   1 
ATOM   569  O  O   . ASP A 1 70  ? 19.557  3.033   -9.106  1.00 15.04 ? 70  ASP A O   1 
ATOM   570  C  CB  . ASP A 1 70  ? 20.053  4.293   -11.666 1.00 13.34 ? 70  ASP A CB  1 
ATOM   571  C  CG  . ASP A 1 70  ? 19.862  4.030   -13.154 1.00 17.60 ? 70  ASP A CG  1 
ATOM   572  O  OD1 . ASP A 1 70  ? 18.793  3.511   -13.535 1.00 16.90 ? 70  ASP A OD1 1 
ATOM   573  O  OD2 . ASP A 1 70  ? 20.767  4.374   -13.936 1.00 25.45 ? 70  ASP A OD2 1 
ATOM   574  N  N   . ARG A 1 71  ? 18.370  4.824   -8.503  1.00 12.42 ? 71  ARG A N   1 
ATOM   575  C  CA  . ARG A 1 71  ? 18.458  4.489   -7.077  1.00 12.40 ? 71  ARG A CA  1 
ATOM   576  C  C   . ARG A 1 71  ? 17.406  3.426   -6.757  1.00 15.80 ? 71  ARG A C   1 
ATOM   577  O  O   . ARG A 1 71  ? 17.394  2.857   -5.653  1.00 15.36 ? 71  ARG A O   1 
ATOM   578  C  CB  . ARG A 1 71  ? 18.181  5.724   -6.249  1.00 12.28 ? 71  ARG A CB  1 
ATOM   579  C  CG  . ARG A 1 71  ? 19.224  6.811   -6.441  1.00 15.61 ? 71  ARG A CG  1 
ATOM   580  C  CD  . ARG A 1 71  ? 18.897  8.035   -5.633  1.00 13.30 ? 71  ARG A CD  1 
ATOM   581  N  NE  . ARG A 1 71  ? 17.666  8.693   -6.080  1.00 13.77 ? 71  ARG A NE  1 
ATOM   582  C  CZ  . ARG A 1 71  ? 17.018  9.613   -5.377  1.00 22.00 ? 71  ARG A CZ  1 
ATOM   583  N  NH1 . ARG A 1 71  ? 17.466  9.983   -4.176  1.00 11.96 ? 71  ARG A NH1 1 
ATOM   584  N  NH2 . ARG A 1 71  ? 15.906  10.152  -5.851  1.00 12.33 ? 71  ARG A NH2 1 
ATOM   585  N  N   . VAL A 1 72  ? 16.484  3.229   -7.714  1.00 11.29 ? 72  VAL A N   1 
ATOM   586  C  CA  . VAL A 1 72  ? 15.370  2.276   -7.654  1.00 10.81 ? 72  VAL A CA  1 
ATOM   587  C  C   . VAL A 1 72  ? 15.389  1.352   -8.872  1.00 16.78 ? 72  VAL A C   1 
ATOM   588  O  O   . VAL A 1 72  ? 16.134  1.600   -9.838  1.00 16.61 ? 72  VAL A O   1 
ATOM   589  C  CB  . VAL A 1 72  ? 13.992  2.975   -7.446  1.00 13.76 ? 72  VAL A CB  1 
ATOM   590  C  CG1 . VAL A 1 72  ? 13.956  3.731   -6.126  1.00 12.75 ? 72  VAL A CG1 1 
ATOM   591  C  CG2 . VAL A 1 72  ? 13.653  3.906   -8.615  1.00 13.27 ? 72  VAL A CG2 1 
ATOM   592  N  N   . THR A 1 73  ? 14.579  0.282   -8.823  1.00 13.99 ? 73  THR A N   1 
ATOM   593  C  CA  . THR A 1 73  ? 14.449  -0.694  -9.914  1.00 13.09 ? 73  THR A CA  1 
ATOM   594  C  C   . THR A 1 73  ? 13.183  -0.386  -10.673 1.00 16.71 ? 73  THR A C   1 
ATOM   595  O  O   . THR A 1 73  ? 12.131  -0.249  -10.052 1.00 16.15 ? 73  THR A O   1 
ATOM   596  C  CB  . THR A 1 73  ? 14.422  -2.119  -9.336  1.00 13.56 ? 73  THR A CB  1 
ATOM   597  O  OG1 . THR A 1 73  ? 15.667  -2.361  -8.675  1.00 12.96 ? 73  THR A OG1 1 
ATOM   598  C  CG2 . THR A 1 73  ? 14.189  -3.219  -10.418 1.00 13.99 ? 73  THR A CG2 1 
ATOM   599  N  N   . TRP A 1 74  ? 13.267  -0.320  -12.016 1.00 13.30 ? 74  TRP A N   1 
ATOM   600  C  CA  . TRP A 1 74  ? 12.120  -0.049  -12.883 1.00 13.01 ? 74  TRP A CA  1 
ATOM   601  C  C   . TRP A 1 74  ? 11.696  -1.272  -13.656 1.00 16.23 ? 74  TRP A C   1 
ATOM   602  O  O   . TRP A 1 74  ? 12.544  -1.993  -14.188 1.00 15.91 ? 74  TRP A O   1 
ATOM   603  C  CB  . TRP A 1 74  ? 12.435  1.107   -13.849 1.00 12.04 ? 74  TRP A CB  1 
ATOM   604  C  CG  . TRP A 1 74  ? 12.631  2.409   -13.130 1.00 12.09 ? 74  TRP A CG  1 
ATOM   605  C  CD1 . TRP A 1 74  ? 13.765  2.837   -12.510 1.00 14.54 ? 74  TRP A CD1 1 
ATOM   606  C  CD2 . TRP A 1 74  ? 11.664  3.455   -12.964 1.00 12.01 ? 74  TRP A CD2 1 
ATOM   607  N  NE1 . TRP A 1 74  ? 13.558  4.067   -11.945 1.00 13.67 ? 74  TRP A NE1 1 
ATOM   608  C  CE2 . TRP A 1 74  ? 12.280  4.479   -12.221 1.00 14.62 ? 74  TRP A CE2 1 
ATOM   609  C  CE3 . TRP A 1 74  ? 10.333  3.637   -13.388 1.00 12.70 ? 74  TRP A CE3 1 
ATOM   610  C  CZ2 . TRP A 1 74  ? 11.643  5.687   -11.946 1.00 13.20 ? 74  TRP A CZ2 1 
ATOM   611  C  CZ3 . TRP A 1 74  ? 9.703   4.823   -13.094 1.00 13.86 ? 74  TRP A CZ3 1 
ATOM   612  C  CH2 . TRP A 1 74  ? 10.348  5.825   -12.361 1.00 14.72 ? 74  TRP A CH2 1 
ATOM   613  N  N   . VAL A 1 75  ? 10.373  -1.493  -13.730 1.00 12.20 ? 75  VAL A N   1 
ATOM   614  C  CA  . VAL A 1 75  ? 9.756   -2.644  -14.416 1.00 11.56 ? 75  VAL A CA  1 
ATOM   615  C  C   . VAL A 1 75  ? 8.528   -2.228  -15.265 1.00 16.70 ? 75  VAL A C   1 
ATOM   616  O  O   . VAL A 1 75  ? 7.870   -1.209  -14.977 1.00 15.57 ? 75  VAL A O   1 
ATOM   617  C  CB  . VAL A 1 75  ? 9.409   -3.763  -13.421 1.00 13.85 ? 75  VAL A CB  1 
ATOM   618  C  CG1 . VAL A 1 75  ? 10.675  -4.340  -12.753 1.00 12.98 ? 75  VAL A CG1 1 
ATOM   619  C  CG2 . VAL A 1 75  ? 8.445   -3.243  -12.372 1.00 13.16 ? 75  VAL A CG2 1 
ATOM   620  N  N   . LYS A 1 76  ? 8.179   -3.063  -16.277 1.00 12.34 ? 76  LYS A N   1 
ATOM   621  C  CA  . LYS A 1 76  ? 7.105   -2.733  -17.213 1.00 10.92 ? 76  LYS A CA  1 
ATOM   622  C  C   . LYS A 1 76  ? 5.853   -3.630  -17.185 1.00 14.38 ? 76  LYS A C   1 
ATOM   623  O  O   . LYS A 1 76  ? 4.956   -3.462  -18.027 1.00 15.27 ? 76  LYS A O   1 
ATOM   624  C  CB  . LYS A 1 76  ? 7.663   -2.602  -18.649 1.00 13.39 ? 76  LYS A CB  1 
ATOM   625  C  CG  . LYS A 1 76  ? 8.789   -1.595  -18.763 1.00 21.36 ? 76  LYS A CG  1 
ATOM   626  C  CD  . LYS A 1 76  ? 9.190   -1.328  -20.191 1.00 27.11 ? 76  LYS A CD  1 
ATOM   627  C  CE  . LYS A 1 76  ? 10.382  -0.389  -20.205 1.00 22.26 ? 76  LYS A CE  1 
ATOM   628  N  NZ  . LYS A 1 76  ? 11.646  -1.126  -19.983 1.00 27.16 ? 76  LYS A NZ  1 
ATOM   629  N  N   . SER A 1 77  ? 5.790   -4.571  -16.241 1.00 11.81 ? 77  SER A N   1 
ATOM   630  C  CA  . SER A 1 77  ? 4.645   -5.484  -16.053 1.00 10.93 ? 77  SER A CA  1 
ATOM   631  C  C   . SER A 1 77  ? 4.616   -6.020  -14.646 1.00 14.86 ? 77  SER A C   1 
ATOM   632  O  O   . SER A 1 77  ? 5.615   -5.969  -13.936 1.00 13.63 ? 77  SER A O   1 
ATOM   633  C  CB  . SER A 1 77  ? 4.663   -6.639  -17.050 1.00 14.94 ? 77  SER A CB  1 
ATOM   634  O  OG  . SER A 1 77  ? 5.749   -7.524  -16.809 1.00 17.78 ? 77  SER A OG  1 
ATOM   635  N  N   . VAL A 1 78  ? 3.459   -6.517  -14.239 1.00 12.35 ? 78  VAL A N   1 
ATOM   636  C  CA  . VAL A 1 78  ? 3.215   -7.136  -12.933 1.00 12.48 ? 78  VAL A CA  1 
ATOM   637  C  C   . VAL A 1 78  ? 4.189   -8.334  -12.777 1.00 16.65 ? 78  VAL A C   1 
ATOM   638  O  O   . VAL A 1 78  ? 4.862   -8.441  -11.757 1.00 15.58 ? 78  VAL A O   1 
ATOM   639  C  CB  . VAL A 1 78  ? 1.715   -7.557  -12.849 1.00 15.54 ? 78  VAL A CB  1 
ATOM   640  C  CG1 . VAL A 1 78  ? 1.450   -8.470  -11.659 1.00 16.59 ? 78  VAL A CG1 1 
ATOM   641  C  CG2 . VAL A 1 78  ? 0.801   -6.325  -12.799 1.00 15.09 ? 78  VAL A CG2 1 
ATOM   642  N  N   . ASP A 1 79  ? 4.271   -9.225  -13.794 1.00 14.38 ? 79  ASP A N   1 
ATOM   643  C  CA  . ASP A 1 79  ? 5.160   -10.390 -13.679 1.00 14.86 ? 79  ASP A CA  1 
ATOM   644  C  C   . ASP A 1 79  ? 6.638   -10.009 -13.614 1.00 16.28 ? 79  ASP A C   1 
ATOM   645  O  O   . ASP A 1 79  ? 7.409   -10.663 -12.909 1.00 17.02 ? 79  ASP A O   1 
ATOM   646  C  CB  . ASP A 1 79  ? 4.842   -11.423 -14.788 1.00 17.02 ? 79  ASP A CB  1 
ATOM   647  C  CG  . ASP A 1 79  ? 3.447   -12.021 -14.595 1.00 23.84 ? 79  ASP A CG  1 
ATOM   648  O  OD1 . ASP A 1 79  ? 3.148   -12.489 -13.468 1.00 21.95 ? 79  ASP A OD1 1 
ATOM   649  O  OD2 . ASP A 1 79  ? 2.625   -11.919 -15.528 1.00 28.88 ? 79  ASP A OD2 1 
ATOM   650  N  N   . GLU A 1 80  ? 7.028   -8.950  -14.334 1.00 12.56 ? 80  GLU A N   1 
ATOM   651  C  CA  . GLU A 1 80  ? 8.413   -8.447  -14.278 1.00 11.23 ? 80  GLU A CA  1 
ATOM   652  C  C   . GLU A 1 80  ? 8.692   -7.874  -12.860 1.00 14.73 ? 80  GLU A C   1 
ATOM   653  O  O   . GLU A 1 80  ? 9.762   -8.135  -12.294 1.00 14.14 ? 80  GLU A O   1 
ATOM   654  C  CB  . GLU A 1 80  ? 8.636   -7.374  -15.334 1.00 12.06 ? 80  GLU A CB  1 
ATOM   655  C  CG  . GLU A 1 80  ? 10.095  -6.935  -15.329 1.00 12.34 ? 80  GLU A CG  1 
ATOM   656  C  CD  . GLU A 1 80  ? 10.530  -5.875  -16.317 1.00 19.08 ? 80  GLU A CD  1 
ATOM   657  O  OE1 . GLU A 1 80  ? 9.690   -5.361  -17.088 1.00 18.11 ? 80  GLU A OE1 1 
ATOM   658  O  OE2 . GLU A 1 80  ? 11.727  -5.528  -16.284 1.00 16.62 ? 80  GLU A OE2 1 
ATOM   659  N  N   . ALA A 1 81  ? 7.717   -7.113  -12.284 1.00 11.32 ? 81  ALA A N   1 
ATOM   660  C  CA  . ALA A 1 81  ? 7.827   -6.555  -10.915 1.00 11.14 ? 81  ALA A CA  1 
ATOM   661  C  C   . ALA A 1 81  ? 8.025   -7.653  -9.888  1.00 14.97 ? 81  ALA A C   1 
ATOM   662  O  O   . ALA A 1 81  ? 8.894   -7.538  -9.026  1.00 13.71 ? 81  ALA A O   1 
ATOM   663  C  CB  . ALA A 1 81  ? 6.569   -5.775  -10.556 1.00 11.51 ? 81  ALA A CB  1 
ATOM   664  N  N   . ILE A 1 82  ? 7.205   -8.721  -9.971  1.00 13.16 ? 82  ILE A N   1 
ATOM   665  C  CA  . ILE A 1 82  ? 7.344   -9.855  -9.048  1.00 11.53 ? 82  ILE A CA  1 
ATOM   666  C  C   . ILE A 1 82  ? 8.712   -10.494 -9.265  1.00 13.95 ? 82  ILE A C   1 
ATOM   667  O  O   . ILE A 1 82  ? 9.380   -10.780 -8.291  1.00 15.15 ? 82  ILE A O   1 
ATOM   668  C  CB  . ILE A 1 82  ? 6.204   -10.900 -9.230  1.00 14.51 ? 82  ILE A CB  1 
ATOM   669  C  CG1 . ILE A 1 82  ? 4.833   -10.252 -8.932  1.00 14.19 ? 82  ILE A CG1 1 
ATOM   670  C  CG2 . ILE A 1 82  ? 6.459   -12.159 -8.334  1.00 16.38 ? 82  ILE A CG2 1 
ATOM   671  C  CD1 . ILE A 1 82  ? 3.687   -10.976 -9.591  1.00 16.05 ? 82  ILE A CD1 1 
ATOM   672  N  N   . ALA A 1 83  ? 9.131   -10.706 -10.524 1.00 12.27 ? 83  ALA A N   1 
ATOM   673  C  CA  . ALA A 1 83  ? 10.436  -11.352 -10.809 1.00 12.63 ? 83  ALA A CA  1 
ATOM   674  C  C   . ALA A 1 83  ? 11.603  -10.537 -10.228 1.00 15.98 ? 83  ALA A C   1 
ATOM   675  O  O   . ALA A 1 83  ? 12.492  -11.125 -9.608  1.00 17.74 ? 83  ALA A O   1 
ATOM   676  C  CB  . ALA A 1 83  ? 10.624  -11.552 -12.316 1.00 13.88 ? 83  ALA A CB  1 
ATOM   677  N  N   . ALA A 1 84  ? 11.580  -9.205  -10.379 1.00 12.25 ? 84  ALA A N   1 
ATOM   678  C  CA  . ALA A 1 84  ? 12.648  -8.318  -9.866  1.00 13.20 ? 84  ALA A CA  1 
ATOM   679  C  C   . ALA A 1 84  ? 12.845  -8.381  -8.326  1.00 17.99 ? 84  ALA A C   1 
ATOM   680  O  O   . ALA A 1 84  ? 13.902  -7.979  -7.827  1.00 15.69 ? 84  ALA A O   1 
ATOM   681  C  CB  . ALA A 1 84  ? 12.413  -6.882  -10.319 1.00 13.42 ? 84  ALA A CB  1 
ATOM   682  N  N   . CYS A 1 85  ? 11.827  -8.875  -7.579  1.00 16.33 ? 85  CYS A N   1 
ATOM   683  C  CA  . CYS A 1 85  ? 11.900  -9.042  -6.120  1.00 16.50 ? 85  CYS A CA  1 
ATOM   684  C  C   . CYS A 1 85  ? 12.816  -10.187 -5.741  1.00 22.74 ? 85  CYS A C   1 
ATOM   685  O  O   . CYS A 1 85  ? 13.320  -10.198 -4.620  1.00 22.55 ? 85  CYS A O   1 
ATOM   686  C  CB  . CYS A 1 85  ? 10.518  -9.283  -5.537  1.00 16.48 ? 85  CYS A CB  1 
ATOM   687  S  SG  . CYS A 1 85  ? 9.432   -7.866  -5.633  1.00 19.99 ? 85  CYS A SG  1 
ATOM   688  N  N   . GLY A 1 86  ? 12.918  -11.184 -6.628  1.00 19.48 ? 86  GLY A N   1 
ATOM   689  C  CA  . GLY A 1 86  ? 13.684  -12.395 -6.390  1.00 20.25 ? 86  GLY A CA  1 
ATOM   690  C  C   . GLY A 1 86  ? 12.933  -13.346 -5.472  1.00 26.42 ? 86  GLY A C   1 
ATOM   691  O  O   . GLY A 1 86  ? 11.758  -13.124 -5.138  1.00 24.93 ? 86  GLY A O   1 
ATOM   692  N  N   . ASP A 1 87  ? 13.624  -14.401 -5.024  1.00 23.17 ? 87  ASP A N   1 
ATOM   693  C  CA  . ASP A 1 87  ? 13.054  -15.396 -4.126  1.00 22.54 ? 87  ASP A CA  1 
ATOM   694  C  C   . ASP A 1 87  ? 13.064  -14.819 -2.727  1.00 25.36 ? 87  ASP A C   1 
ATOM   695  O  O   . ASP A 1 87  ? 14.084  -14.883 -2.037  1.00 26.37 ? 87  ASP A O   1 
ATOM   696  C  CB  . ASP A 1 87  ? 13.882  -16.706 -4.208  1.00 25.04 ? 87  ASP A CB  1 
ATOM   697  C  CG  . ASP A 1 87  ? 13.320  -17.918 -3.485  1.00 40.74 ? 87  ASP A CG  1 
ATOM   698  O  OD1 . ASP A 1 87  ? 12.285  -17.778 -2.794  1.00 40.34 ? 87  ASP A OD1 1 
ATOM   699  O  OD2 . ASP A 1 87  ? 13.912  -19.009 -3.614  1.00 52.20 ? 87  ASP A OD2 1 
ATOM   700  N  N   . VAL A 1 88  ? 11.943  -14.192 -2.312  1.00 17.76 ? 88  VAL A N   1 
ATOM   701  C  CA  . VAL A 1 88  ? 11.868  -13.608 -0.964  1.00 15.06 ? 88  VAL A CA  1 
ATOM   702  C  C   . VAL A 1 88  ? 10.625  -14.171 -0.295  1.00 18.23 ? 88  VAL A C   1 
ATOM   703  O  O   . VAL A 1 88  ? 9.699   -14.525 -1.019  1.00 18.56 ? 88  VAL A O   1 
ATOM   704  C  CB  . VAL A 1 88  ? 11.849  -12.046 -0.976  1.00 18.17 ? 88  VAL A CB  1 
ATOM   705  C  CG1 . VAL A 1 88  ? 13.177  -11.470 -1.475  1.00 17.59 ? 88  VAL A CG1 1 
ATOM   706  C  CG2 . VAL A 1 88  ? 10.657  -11.495 -1.785  1.00 18.16 ? 88  VAL A CG2 1 
ATOM   707  N  N   . PRO A 1 89  ? 10.543  -14.219 1.047   1.00 16.98 ? 89  PRO A N   1 
ATOM   708  C  CA  . PRO A 1 89  ? 9.322   -14.746 1.684   1.00 17.14 ? 89  PRO A CA  1 
ATOM   709  C  C   . PRO A 1 89  ? 8.061   -13.883 1.450   1.00 20.29 ? 89  PRO A C   1 
ATOM   710  O  O   . PRO A 1 89  ? 6.963   -14.423 1.442   1.00 19.29 ? 89  PRO A O   1 
ATOM   711  C  CB  . PRO A 1 89  ? 9.674   -14.782 3.186   1.00 18.75 ? 89  PRO A CB  1 
ATOM   712  C  CG  . PRO A 1 89  ? 11.145  -14.658 3.261   1.00 23.20 ? 89  PRO A CG  1 
ATOM   713  C  CD  . PRO A 1 89  ? 11.576  -13.884 2.056   1.00 18.54 ? 89  PRO A CD  1 
ATOM   714  N  N   . GLU A 1 90  ? 8.210   -12.548 1.342   1.00 16.03 ? 90  GLU A N   1 
ATOM   715  C  CA  . GLU A 1 90  ? 7.039   -11.663 1.219   1.00 13.59 ? 90  GLU A CA  1 
ATOM   716  C  C   . GLU A 1 90  ? 7.315   -10.422 0.376   1.00 16.07 ? 90  GLU A C   1 
ATOM   717  O  O   . GLU A 1 90  ? 8.242   -9.665  0.678   1.00 14.42 ? 90  GLU A O   1 
ATOM   718  C  CB  . GLU A 1 90  ? 6.569   -11.240 2.622   1.00 13.35 ? 90  GLU A CB  1 
ATOM   719  C  CG  . GLU A 1 90  ? 5.246   -10.474 2.640   1.00 14.78 ? 90  GLU A CG  1 
ATOM   720  C  CD  . GLU A 1 90  ? 4.673   -10.255 4.022   1.00 18.33 ? 90  GLU A CD  1 
ATOM   721  O  OE1 . GLU A 1 90  ? 5.444   -10.274 5.009   1.00 14.70 ? 90  GLU A OE1 1 
ATOM   722  O  OE2 . GLU A 1 90  ? 3.449   -10.012 4.110   1.00 15.61 ? 90  GLU A OE2 1 
ATOM   723  N  N   . ILE A 1 91  ? 6.447   -10.171 -0.616  1.00 13.87 ? 91  ILE A N   1 
ATOM   724  C  CA  . ILE A 1 91  ? 6.495   -8.975  -1.481  1.00 13.76 ? 91  ILE A CA  1 
ATOM   725  C  C   . ILE A 1 91  ? 5.407   -8.002  -0.980  1.00 14.77 ? 91  ILE A C   1 
ATOM   726  O  O   . ILE A 1 91  ? 4.266   -8.416  -0.838  1.00 15.44 ? 91  ILE A O   1 
ATOM   727  C  CB  . ILE A 1 91  ? 6.247   -9.382  -2.960  1.00 18.03 ? 91  ILE A CB  1 
ATOM   728  C  CG1 . ILE A 1 91  ? 7.471   -10.167 -3.507  1.00 18.99 ? 91  ILE A CG1 1 
ATOM   729  C  CG2 . ILE A 1 91  ? 5.943   -8.133  -3.819  1.00 20.40 ? 91  ILE A CG2 1 
ATOM   730  C  CD1 . ILE A 1 91  ? 7.200   -10.987 -4.751  1.00 17.65 ? 91  ILE A CD1 1 
ATOM   731  N  N   . MET A 1 92  ? 5.753   -6.715  -0.752  1.00 11.22 ? 92  MET A N   1 
ATOM   732  C  CA  . MET A 1 92  ? 4.779   -5.704  -0.287  1.00 9.97  ? 92  MET A CA  1 
ATOM   733  C  C   . MET A 1 92  ? 4.412   -4.737  -1.424  1.00 14.58 ? 92  MET A C   1 
ATOM   734  O  O   . MET A 1 92  ? 5.259   -4.005  -1.907  1.00 15.33 ? 92  MET A O   1 
ATOM   735  C  CB  . MET A 1 92  ? 5.330   -4.896  0.907   1.00 11.30 ? 92  MET A CB  1 
ATOM   736  C  CG  . MET A 1 92  ? 5.767   -5.761  2.089   1.00 12.70 ? 92  MET A CG  1 
ATOM   737  S  SD  . MET A 1 92  ? 4.401   -6.705  2.849   1.00 14.62 ? 92  MET A SD  1 
ATOM   738  C  CE  . MET A 1 92  ? 3.390   -5.323  3.484   1.00 10.72 ? 92  MET A CE  1 
ATOM   739  N  N   . VAL A 1 93  ? 3.151   -4.754  -1.837  1.00 10.89 ? 93  VAL A N   1 
ATOM   740  C  CA  . VAL A 1 93  ? 2.636   -3.854  -2.859  1.00 8.85  ? 93  VAL A CA  1 
ATOM   741  C  C   . VAL A 1 93  ? 2.075   -2.676  -2.115  1.00 12.00 ? 93  VAL A C   1 
ATOM   742  O  O   . VAL A 1 93  ? 1.155   -2.823  -1.309  1.00 11.95 ? 93  VAL A O   1 
ATOM   743  C  CB  . VAL A 1 93  ? 1.587   -4.542  -3.746  1.00 11.64 ? 93  VAL A CB  1 
ATOM   744  C  CG1 . VAL A 1 93  ? 1.100   -3.583  -4.833  1.00 11.17 ? 93  VAL A CG1 1 
ATOM   745  C  CG2 . VAL A 1 93  ? 2.166   -5.799  -4.365  1.00 11.65 ? 93  VAL A CG2 1 
ATOM   746  N  N   . ILE A 1 94  ? 2.675   -1.508  -2.346  1.00 10.08 ? 94  ILE A N   1 
ATOM   747  C  CA  . ILE A 1 94  ? 2.426   -0.289  -1.582  1.00 8.98  ? 94  ILE A CA  1 
ATOM   748  C  C   . ILE A 1 94  ? 1.583   0.816   -2.252  1.00 14.09 ? 94  ILE A C   1 
ATOM   749  O  O   . ILE A 1 94  ? 1.419   1.888   -1.657  1.00 13.42 ? 94  ILE A O   1 
ATOM   750  C  CB  . ILE A 1 94  ? 3.772   0.215   -0.935  1.00 11.31 ? 94  ILE A CB  1 
ATOM   751  C  CG1 . ILE A 1 94  ? 4.736   0.806   -2.008  1.00 11.92 ? 94  ILE A CG1 1 
ATOM   752  C  CG2 . ILE A 1 94  ? 4.474   -0.933  -0.153  1.00 11.69 ? 94  ILE A CG2 1 
ATOM   753  C  CD1 . ILE A 1 94  ? 5.795   1.751   -1.385  1.00 11.51 ? 94  ILE A CD1 1 
ATOM   754  N  N   . GLY A 1 95  ? 1.011   0.525   -3.423  1.00 11.42 ? 95  GLY A N   1 
ATOM   755  C  CA  . GLY A 1 95  ? 0.118   1.461   -4.106  1.00 12.28 ? 95  GLY A CA  1 
ATOM   756  C  C   . GLY A 1 95  ? 0.522   1.802   -5.527  1.00 14.53 ? 95  GLY A C   1 
ATOM   757  O  O   . GLY A 1 95  ? 1.572   1.368   -5.982  1.00 13.23 ? 95  GLY A O   1 
ATOM   758  N  N   . GLY A 1 96  ? -0.290  2.594   -6.232  1.00 10.50 ? 96  GLY A N   1 
ATOM   759  C  CA  . GLY A 1 96  ? -1.528  3.195   -5.736  1.00 10.18 ? 96  GLY A CA  1 
ATOM   760  C  C   . GLY A 1 96  ? -2.725  2.370   -6.147  1.00 14.95 ? 96  GLY A C   1 
ATOM   761  O  O   . GLY A 1 96  ? -2.585  1.167   -6.349  1.00 13.60 ? 96  GLY A O   1 
ATOM   762  N  N   . GLY A 1 97  ? -3.865  3.026   -6.340  1.00 12.23 ? 97  GLY A N   1 
ATOM   763  C  CA  . GLY A 1 97  ? -5.110  2.364   -6.724  1.00 11.64 ? 97  GLY A CA  1 
ATOM   764  C  C   . GLY A 1 97  ? -4.990  1.424   -7.904  1.00 15.12 ? 97  GLY A C   1 
ATOM   765  O  O   . GLY A 1 97  ? -5.440  0.290   -7.806  1.00 14.29 ? 97  GLY A O   1 
ATOM   766  N  N   . ARG A 1 98  ? -4.418  1.885   -9.031  1.00 12.35 ? 98  ARG A N   1 
ATOM   767  C  CA  . ARG A 1 98  ? -4.255  1.057   -10.243 1.00 12.59 ? 98  ARG A CA  1 
ATOM   768  C  C   . ARG A 1 98  ? -3.336  -0.160  -10.016 1.00 14.38 ? 98  ARG A C   1 
ATOM   769  O  O   . ARG A 1 98  ? -3.657  -1.264  -10.454 1.00 13.34 ? 98  ARG A O   1 
ATOM   770  C  CB  . ARG A 1 98  ? -3.782  1.922   -11.421 1.00 14.47 ? 98  ARG A CB  1 
ATOM   771  C  CG  . ARG A 1 98  ? -4.871  2.925   -11.833 1.00 18.41 ? 98  ARG A CG  1 
ATOM   772  C  CD  . ARG A 1 98  ? -4.324  4.128   -12.547 1.00 21.35 ? 98  ARG A CD  1 
ATOM   773  N  NE  . ARG A 1 98  ? -3.773  3.733   -13.840 1.00 21.43 ? 98  ARG A NE  1 
ATOM   774  C  CZ  . ARG A 1 98  ? -2.873  4.428   -14.526 1.00 28.81 ? 98  ARG A CZ  1 
ATOM   775  N  NH1 . ARG A 1 98  ? -2.428  5.591   -14.065 1.00 19.70 ? 98  ARG A NH1 1 
ATOM   776  N  NH2 . ARG A 1 98  ? -2.419  3.970   -15.680 1.00 13.50 ? 98  ARG A NH2 1 
ATOM   777  N  N   . VAL A 1 99  ? -2.233  0.029   -9.298  1.00 9.67  ? 99  VAL A N   1 
ATOM   778  C  CA  . VAL A 1 99  ? -1.341  -1.088  -8.970  1.00 10.39 ? 99  VAL A CA  1 
ATOM   779  C  C   . VAL A 1 99  ? -2.040  -2.075  -8.009  1.00 15.18 ? 99  VAL A C   1 
ATOM   780  O  O   . VAL A 1 99  ? -1.930  -3.300  -8.196  1.00 11.94 ? 99  VAL A O   1 
ATOM   781  C  CB  . VAL A 1 99  ? 0.048   -0.603  -8.500  1.00 14.37 ? 99  VAL A CB  1 
ATOM   782  C  CG1 . VAL A 1 99  ? 0.855   -1.727  -7.848  1.00 14.81 ? 99  VAL A CG1 1 
ATOM   783  C  CG2 . VAL A 1 99  ? 0.822   -0.021  -9.679  1.00 13.28 ? 99  VAL A CG2 1 
ATOM   784  N  N   . TYR A 1 100 ? -2.808  -1.549  -7.015  1.00 12.89 ? 100 TYR A N   1 
ATOM   785  C  CA  . TYR A 1 100 ? -3.542  -2.463  -6.117  1.00 11.92 ? 100 TYR A CA  1 
ATOM   786  C  C   . TYR A 1 100 ? -4.511  -3.358  -6.896  1.00 15.28 ? 100 TYR A C   1 
ATOM   787  O  O   . TYR A 1 100 ? -4.574  -4.560  -6.642  1.00 14.23 ? 100 TYR A O   1 
ATOM   788  C  CB  . TYR A 1 100 ? -4.337  -1.695  -5.089  1.00 12.17 ? 100 TYR A CB  1 
ATOM   789  C  CG  . TYR A 1 100 ? -3.537  -1.013  -4.011  1.00 10.96 ? 100 TYR A CG  1 
ATOM   790  C  CD1 . TYR A 1 100 ? -2.496  -1.675  -3.354  1.00 11.12 ? 100 TYR A CD1 1 
ATOM   791  C  CD2 . TYR A 1 100 ? -3.856  0.276   -3.599  1.00 10.31 ? 100 TYR A CD2 1 
ATOM   792  C  CE1 . TYR A 1 100 ? -1.803  -1.065  -2.311  1.00 8.05  ? 100 TYR A CE1 1 
ATOM   793  C  CE2 . TYR A 1 100 ? -3.144  0.909   -2.587  1.00 10.15 ? 100 TYR A CE2 1 
ATOM   794  C  CZ  . TYR A 1 100 ? -2.144  0.228   -1.922  1.00 13.95 ? 100 TYR A CZ  1 
ATOM   795  O  OH  . TYR A 1 100 ? -1.493  0.891   -0.913  1.00 11.10 ? 100 TYR A OH  1 
ATOM   796  N  N   . GLU A 1 101 ? -5.247  -2.776  -7.856  1.00 12.38 ? 101 GLU A N   1 
ATOM   797  C  CA  . GLU A 1 101 ? -6.208  -3.530  -8.687  1.00 13.56 ? 101 GLU A CA  1 
ATOM   798  C  C   . GLU A 1 101 ? -5.589  -4.741  -9.362  1.00 16.24 ? 101 GLU A C   1 
ATOM   799  O  O   . GLU A 1 101 ? -6.161  -5.819  -9.309  1.00 15.82 ? 101 GLU A O   1 
ATOM   800  C  CB  . GLU A 1 101 ? -6.817  -2.623  -9.753  1.00 14.61 ? 101 GLU A CB  1 
ATOM   801  C  CG  . GLU A 1 101 ? -7.814  -1.632  -9.186  1.00 16.03 ? 101 GLU A CG  1 
ATOM   802  C  CD  . GLU A 1 101 ? -8.360  -0.715  -10.261 1.00 35.06 ? 101 GLU A CD  1 
ATOM   803  O  OE1 . GLU A 1 101 ? -8.863  0.367   -9.887  1.00 30.03 ? 101 GLU A OE1 1 
ATOM   804  O  OE2 . GLU A 1 101 ? -8.263  -1.053  -11.468 1.00 22.19 ? 101 GLU A OE2 1 
ATOM   805  N  N   . GLN A 1 102 ? -4.386  -4.572  -9.927  1.00 12.76 ? 102 GLN A N   1 
ATOM   806  C  CA  . GLN A 1 102 ? -3.655  -5.635  -10.616 1.00 11.74 ? 102 GLN A CA  1 
ATOM   807  C  C   . GLN A 1 102 ? -3.084  -6.706  -9.739  1.00 15.83 ? 102 GLN A C   1 
ATOM   808  O  O   . GLN A 1 102 ? -3.085  -7.871  -10.150 1.00 14.76 ? 102 GLN A O   1 
ATOM   809  C  CB  . GLN A 1 102 ? -2.592  -5.055  -11.529 1.00 12.06 ? 102 GLN A CB  1 
ATOM   810  C  CG  . GLN A 1 102 ? -3.218  -4.124  -12.523 1.00 14.94 ? 102 GLN A CG  1 
ATOM   811  C  CD  . GLN A 1 102 ? -2.192  -3.245  -13.160 1.00 24.24 ? 102 GLN A CD  1 
ATOM   812  O  OE1 . GLN A 1 102 ? -1.934  -2.111  -12.734 1.00 19.03 ? 102 GLN A OE1 1 
ATOM   813  N  NE2 . GLN A 1 102 ? -1.608  -3.750  -14.199 1.00 10.49 ? 102 GLN A NE2 1 
ATOM   814  N  N   . PHE A 1 103 ? -2.575  -6.335  -8.534  1.00 11.16 ? 103 PHE A N   1 
ATOM   815  C  CA  . PHE A 1 103 ? -1.991  -7.311  -7.618  1.00 10.93 ? 103 PHE A CA  1 
ATOM   816  C  C   . PHE A 1 103 ? -3.007  -7.967  -6.680  1.00 16.19 ? 103 PHE A C   1 
ATOM   817  O  O   . PHE A 1 103 ? -2.724  -9.036  -6.157  1.00 16.36 ? 103 PHE A O   1 
ATOM   818  C  CB  . PHE A 1 103 ? -0.864  -6.663  -6.808  1.00 12.59 ? 103 PHE A CB  1 
ATOM   819  C  CG  . PHE A 1 103 ? 0.422   -6.490  -7.578  1.00 12.29 ? 103 PHE A CG  1 
ATOM   820  C  CD1 . PHE A 1 103 ? 0.654   -5.343  -8.323  1.00 14.50 ? 103 PHE A CD1 1 
ATOM   821  C  CD2 . PHE A 1 103 ? 1.446   -7.434  -7.477  1.00 14.73 ? 103 PHE A CD2 1 
ATOM   822  C  CE1 . PHE A 1 103 ? 1.853   -5.175  -9.024  1.00 15.09 ? 103 PHE A CE1 1 
ATOM   823  C  CE2 . PHE A 1 103 ? 2.651   -7.257  -8.166  1.00 16.46 ? 103 PHE A CE2 1 
ATOM   824  C  CZ  . PHE A 1 103 ? 2.832   -6.142  -8.953  1.00 14.75 ? 103 PHE A CZ  1 
ATOM   825  N  N   . LEU A 1 104 ? -4.189  -7.340  -6.466  1.00 12.54 ? 104 LEU A N   1 
ATOM   826  C  CA  . LEU A 1 104 ? -5.206  -7.931  -5.589  1.00 12.72 ? 104 LEU A CA  1 
ATOM   827  C  C   . LEU A 1 104 ? -5.499  -9.413  -5.923  1.00 16.96 ? 104 LEU A C   1 
ATOM   828  O  O   . LEU A 1 104 ? -5.406  -10.221 -5.002  1.00 16.58 ? 104 LEU A O   1 
ATOM   829  C  CB  . LEU A 1 104 ? -6.503  -7.098  -5.526  1.00 12.44 ? 104 LEU A CB  1 
ATOM   830  C  CG  . LEU A 1 104 ? -7.638  -7.690  -4.660  1.00 15.90 ? 104 LEU A CG  1 
ATOM   831  C  CD1 . LEU A 1 104 ? -7.252  -7.781  -3.183  1.00 15.88 ? 104 LEU A CD1 1 
ATOM   832  C  CD2 . LEU A 1 104 ? -8.896  -6.892  -4.804  1.00 19.44 ? 104 LEU A CD2 1 
ATOM   833  N  N   . PRO A 1 105 ? -5.772  -9.824  -7.193  1.00 15.15 ? 105 PRO A N   1 
ATOM   834  C  CA  . PRO A 1 105 ? -6.027  -11.255 -7.442  1.00 14.08 ? 105 PRO A CA  1 
ATOM   835  C  C   . PRO A 1 105 ? -4.861  -12.200 -7.120  1.00 17.05 ? 105 PRO A C   1 
ATOM   836  O  O   . PRO A 1 105 ? -5.113  -13.382 -6.891  1.00 17.26 ? 105 PRO A O   1 
ATOM   837  C  CB  . PRO A 1 105 ? -6.432  -11.296 -8.916  1.00 16.37 ? 105 PRO A CB  1 
ATOM   838  C  CG  . PRO A 1 105 ? -5.838  -10.071 -9.514  1.00 21.93 ? 105 PRO A CG  1 
ATOM   839  C  CD  . PRO A 1 105 ? -5.968  -9.037  -8.436  1.00 16.77 ? 105 PRO A CD  1 
ATOM   840  N  N   . LYS A 1 106 ? -3.613  -11.679 -7.056  1.00 12.72 ? 106 LYS A N   1 
ATOM   841  C  CA  . LYS A 1 106 ? -2.399  -12.467 -6.783  1.00 13.04 ? 106 LYS A CA  1 
ATOM   842  C  C   . LYS A 1 106 ? -2.009  -12.468 -5.324  1.00 17.05 ? 106 LYS A C   1 
ATOM   843  O  O   . LYS A 1 106 ? -1.106  -13.209 -4.931  1.00 18.74 ? 106 LYS A O   1 
ATOM   844  C  CB  . LYS A 1 106 ? -1.208  -11.905 -7.585  1.00 15.01 ? 106 LYS A CB  1 
ATOM   845  C  CG  . LYS A 1 106 ? -1.370  -11.974 -9.092  1.00 20.54 ? 106 LYS A CG  1 
ATOM   846  C  CD  . LYS A 1 106 ? -0.020  -11.721 -9.751  1.00 34.36 ? 106 LYS A CD  1 
ATOM   847  C  CE  . LYS A 1 106 ? -0.036  -11.921 -11.234 1.00 38.90 ? 106 LYS A CE  1 
ATOM   848  N  NZ  . LYS A 1 106 ? -0.033  -13.367 -11.565 1.00 41.85 ? 106 LYS A NZ  1 
ATOM   849  N  N   . ALA A 1 107 ? -2.653  -11.622 -4.527  1.00 13.25 ? 107 ALA A N   1 
ATOM   850  C  CA  . ALA A 1 107 ? -2.289  -11.415 -3.130  1.00 13.49 ? 107 ALA A CA  1 
ATOM   851  C  C   . ALA A 1 107 ? -2.937  -12.402 -2.168  1.00 16.86 ? 107 ALA A C   1 
ATOM   852  O  O   . ALA A 1 107 ? -4.098  -12.782 -2.338  1.00 16.92 ? 107 ALA A O   1 
ATOM   853  C  CB  . ALA A 1 107 ? -2.600  -9.982  -2.731  1.00 13.90 ? 107 ALA A CB  1 
ATOM   854  N  N   . GLN A 1 108 ? -2.185  -12.764 -1.120  1.00 13.55 ? 108 GLN A N   1 
ATOM   855  C  CA  . GLN A 1 108 ? -2.592  -13.707 -0.079  1.00 14.67 ? 108 GLN A CA  1 
ATOM   856  C  C   . GLN A 1 108 ? -2.891  -12.994 1.220   1.00 15.84 ? 108 GLN A C   1 
ATOM   857  O  O   . GLN A 1 108 ? -3.505  -13.607 2.096   1.00 14.61 ? 108 GLN A O   1 
ATOM   858  C  CB  . GLN A 1 108 ? -1.453  -14.740 0.205   1.00 16.31 ? 108 GLN A CB  1 
ATOM   859  C  CG  . GLN A 1 108 ? -1.259  -15.808 -0.862  1.00 24.19 ? 108 GLN A CG  1 
ATOM   860  C  CD  . GLN A 1 108 ? -0.739  -15.253 -2.169  1.00 47.10 ? 108 GLN A CD  1 
ATOM   861  O  OE1 . GLN A 1 108 ? 0.361   -14.678 -2.244  1.00 43.50 ? 108 GLN A OE1 1 
ATOM   862  N  NE2 . GLN A 1 108 ? -1.533  -15.411 -3.226  1.00 30.51 ? 108 GLN A NE2 1 
ATOM   863  N  N   . LYS A 1 109 ? -2.429  -11.724 1.363   1.00 13.45 ? 109 LYS A N   1 
ATOM   864  C  CA  . LYS A 1 109 ? -2.566  -10.952 2.611   1.00 13.52 ? 109 LYS A CA  1 
ATOM   865  C  C   . LYS A 1 109 ? -2.817  -9.439  2.366   1.00 14.93 ? 109 LYS A C   1 
ATOM   866  O  O   . LYS A 1 109 ? -2.236  -8.850  1.447   1.00 11.90 ? 109 LYS A O   1 
ATOM   867  C  CB  . LYS A 1 109 ? -1.263  -11.141 3.397   1.00 14.70 ? 109 LYS A CB  1 
ATOM   868  C  CG  . LYS A 1 109 ? -1.214  -10.702 4.827   1.00 19.62 ? 109 LYS A CG  1 
ATOM   869  C  CD  . LYS A 1 109 ? 0.052   -11.347 5.436   1.00 18.82 ? 109 LYS A CD  1 
ATOM   870  C  CE  . LYS A 1 109 ? 0.114   -11.183 6.929   1.00 20.61 ? 109 LYS A CE  1 
ATOM   871  N  NZ  . LYS A 1 109 ? 1.364   -11.772 7.513   1.00 25.22 ? 109 LYS A NZ  1 
ATOM   872  N  N   . LEU A 1 110 ? -3.695  -8.840  3.179   1.00 12.09 ? 110 LEU A N   1 
ATOM   873  C  CA  . LEU A 1 110 ? -3.968  -7.407  3.128   1.00 10.14 ? 110 LEU A CA  1 
ATOM   874  C  C   . LEU A 1 110 ? -3.637  -6.814  4.485   1.00 14.18 ? 110 LEU A C   1 
ATOM   875  O  O   . LEU A 1 110 ? -4.124  -7.326  5.500   1.00 15.33 ? 110 LEU A O   1 
ATOM   876  C  CB  . LEU A 1 110 ? -5.439  -7.072  2.778   1.00 9.95  ? 110 LEU A CB  1 
ATOM   877  C  CG  . LEU A 1 110 ? -5.990  -7.660  1.478   1.00 12.90 ? 110 LEU A CG  1 
ATOM   878  C  CD1 . LEU A 1 110 ? -7.439  -7.318  1.323   1.00 11.99 ? 110 LEU A CD1 1 
ATOM   879  C  CD2 . LEU A 1 110 ? -5.206  -7.144  0.241   1.00 11.77 ? 110 LEU A CD2 1 
ATOM   880  N  N   . TYR A 1 111 ? -2.799  -5.762  4.515   1.00 10.86 ? 111 TYR A N   1 
ATOM   881  C  CA  . TYR A 1 111 ? -2.461  -5.015  5.745   1.00 10.86 ? 111 TYR A CA  1 
ATOM   882  C  C   . TYR A 1 111 ? -3.189  -3.696  5.584   1.00 16.59 ? 111 TYR A C   1 
ATOM   883  O  O   . TYR A 1 111 ? -2.795  -2.859  4.771   1.00 15.22 ? 111 TYR A O   1 
ATOM   884  C  CB  . TYR A 1 111 ? -0.952  -4.754  5.891   1.00 12.11 ? 111 TYR A CB  1 
ATOM   885  C  CG  . TYR A 1 111 ? -0.070  -5.976  6.054   1.00 14.02 ? 111 TYR A CG  1 
ATOM   886  C  CD1 . TYR A 1 111 ? 0.259   -6.777  4.961   1.00 15.54 ? 111 TYR A CD1 1 
ATOM   887  C  CD2 . TYR A 1 111 ? 0.497   -6.291  7.288   1.00 14.00 ? 111 TYR A CD2 1 
ATOM   888  C  CE1 . TYR A 1 111 ? 1.132   -7.863  5.093   1.00 14.23 ? 111 TYR A CE1 1 
ATOM   889  C  CE2 . TYR A 1 111 ? 1.433   -7.321  7.412   1.00 14.61 ? 111 TYR A CE2 1 
ATOM   890  C  CZ  . TYR A 1 111 ? 1.743   -8.108  6.313   1.00 15.63 ? 111 TYR A CZ  1 
ATOM   891  O  OH  . TYR A 1 111 ? 2.603   -9.173  6.450   1.00 17.02 ? 111 TYR A OH  1 
ATOM   892  N  N   . LEU A 1 112 ? -4.321  -3.542  6.278   1.00 13.44 ? 112 LEU A N   1 
ATOM   893  C  CA  . LEU A 1 112 ? -5.141  -2.350  6.058   1.00 12.44 ? 112 LEU A CA  1 
ATOM   894  C  C   . LEU A 1 112 ? -5.225  -1.485  7.289   1.00 17.14 ? 112 LEU A C   1 
ATOM   895  O  O   . LEU A 1 112 ? -5.353  -2.006  8.392   1.00 15.46 ? 112 LEU A O   1 
ATOM   896  C  CB  . LEU A 1 112 ? -6.566  -2.745  5.616   1.00 11.59 ? 112 LEU A CB  1 
ATOM   897  C  CG  . LEU A 1 112 ? -6.724  -3.639  4.352   1.00 15.53 ? 112 LEU A CG  1 
ATOM   898  C  CD1 . LEU A 1 112 ? -8.225  -3.915  4.064   1.00 15.73 ? 112 LEU A CD1 1 
ATOM   899  C  CD2 . LEU A 1 112 ? -6.108  -2.994  3.126   1.00 16.66 ? 112 LEU A CD2 1 
ATOM   900  N  N   . THR A 1 113 ? -5.148  -0.156  7.090   1.00 13.49 ? 113 THR A N   1 
ATOM   901  C  CA  . THR A 1 113 ? -5.355  0.812   8.163   1.00 11.48 ? 113 THR A CA  1 
ATOM   902  C  C   . THR A 1 113 ? -6.687  1.455   7.793   1.00 15.55 ? 113 THR A C   1 
ATOM   903  O  O   . THR A 1 113 ? -6.749  2.162   6.782   1.00 14.44 ? 113 THR A O   1 
ATOM   904  C  CB  . THR A 1 113 ? -4.254  1.867   8.216   1.00 16.34 ? 113 THR A CB  1 
ATOM   905  O  OG1 . THR A 1 113 ? -2.967  1.235   8.301   1.00 11.07 ? 113 THR A OG1 1 
ATOM   906  C  CG2 . THR A 1 113 ? -4.440  2.844   9.391   1.00 17.06 ? 113 THR A CG2 1 
ATOM   907  N  N   . HIS A 1 114 ? -7.740  1.184   8.579   1.00 12.20 ? 114 HIS A N   1 
ATOM   908  C  CA  . HIS A 1 114 ? -9.069  1.753   8.356   1.00 13.36 ? 114 HIS A CA  1 
ATOM   909  C  C   . HIS A 1 114 ? -9.096  3.049   9.116   1.00 15.51 ? 114 HIS A C   1 
ATOM   910  O  O   . HIS A 1 114 ? -9.121  3.050   10.343  1.00 14.38 ? 114 HIS A O   1 
ATOM   911  C  CB  . HIS A 1 114 ? -10.167 0.789   8.859   1.00 15.52 ? 114 HIS A CB  1 
ATOM   912  C  CG  . HIS A 1 114 ? -10.148 -0.525  8.144   1.00 18.83 ? 114 HIS A CG  1 
ATOM   913  N  ND1 . HIS A 1 114 ? -10.524 -0.628  6.817   1.00 20.89 ? 114 HIS A ND1 1 
ATOM   914  C  CD2 . HIS A 1 114 ? -9.713  -1.734  8.568   1.00 21.29 ? 114 HIS A CD2 1 
ATOM   915  C  CE1 . HIS A 1 114 ? -10.345 -1.902  6.484   1.00 20.54 ? 114 HIS A CE1 1 
ATOM   916  N  NE2 . HIS A 1 114 ? -9.872  -2.610  7.505   1.00 21.11 ? 114 HIS A NE2 1 
ATOM   917  N  N   . ILE A 1 115 ? -9.065  4.153   8.388   1.00 11.84 ? 115 ILE A N   1 
ATOM   918  C  CA  . ILE A 1 115 ? -9.029  5.467   8.982   1.00 11.63 ? 115 ILE A CA  1 
ATOM   919  C  C   . ILE A 1 115 ? -10.408 6.081   9.025   1.00 14.07 ? 115 ILE A C   1 
ATOM   920  O  O   . ILE A 1 115 ? -11.077 6.163   8.001   1.00 14.20 ? 115 ILE A O   1 
ATOM   921  C  CB  . ILE A 1 115 ? -8.047  6.411   8.231   1.00 14.38 ? 115 ILE A CB  1 
ATOM   922  C  CG1 . ILE A 1 115 ? -6.637  5.809   8.115   1.00 14.82 ? 115 ILE A CG1 1 
ATOM   923  C  CG2 . ILE A 1 115 ? -8.008  7.807   8.911   1.00 15.19 ? 115 ILE A CG2 1 
ATOM   924  C  CD1 . ILE A 1 115 ? -5.758  6.581   7.148   1.00 17.68 ? 115 ILE A CD1 1 
ATOM   925  N  N   . ASP A 1 116 ? -10.814 6.571   10.215  1.00 10.98 ? 116 ASP A N   1 
ATOM   926  C  CA  . ASP A 1 116 ? -12.072 7.279   10.333  1.00 10.09 ? 116 ASP A CA  1 
ATOM   927  C  C   . ASP A 1 116 ? -11.927 8.723   9.896   1.00 15.22 ? 116 ASP A C   1 
ATOM   928  O  O   . ASP A 1 116 ? -11.946 9.635   10.723  1.00 13.82 ? 116 ASP A O   1 
ATOM   929  C  CB  . ASP A 1 116 ? -12.657 7.126   11.748  1.00 12.21 ? 116 ASP A CB  1 
ATOM   930  C  CG  . ASP A 1 116 ? -13.008 5.680   12.020  1.00 14.62 ? 116 ASP A CG  1 
ATOM   931  O  OD1 . ASP A 1 116 ? -13.680 5.052   11.147  1.00 13.48 ? 116 ASP A OD1 1 
ATOM   932  O  OD2 . ASP A 1 116 ? -12.584 5.156   13.079  1.00 14.34 ? 116 ASP A OD2 1 
ATOM   933  N  N   . ALA A 1 117 ? -11.751 8.927   8.577   1.00 13.05 ? 117 ALA A N   1 
ATOM   934  C  CA  . ALA A 1 117 ? -11.592 10.260  7.966   1.00 13.49 ? 117 ALA A CA  1 
ATOM   935  C  C   . ALA A 1 117 ? -12.480 10.365  6.745   1.00 16.55 ? 117 ALA A C   1 
ATOM   936  O  O   . ALA A 1 117 ? -12.618 9.394   6.004   1.00 15.69 ? 117 ALA A O   1 
ATOM   937  C  CB  . ALA A 1 117 ? -10.147 10.493  7.545   1.00 14.84 ? 117 ALA A CB  1 
ATOM   938  N  N   . GLU A 1 118 ? -13.116 11.526  6.571   1.00 14.30 ? 118 GLU A N   1 
ATOM   939  C  CA  . GLU A 1 118 ? -13.950 11.868  5.434   1.00 13.46 ? 118 GLU A CA  1 
ATOM   940  C  C   . GLU A 1 118 ? -13.002 12.558  4.427   1.00 17.77 ? 118 GLU A C   1 
ATOM   941  O  O   . GLU A 1 118 ? -12.540 13.683  4.662   1.00 18.92 ? 118 GLU A O   1 
ATOM   942  C  CB  . GLU A 1 118 ? -15.079 12.845  5.855   1.00 14.54 ? 118 GLU A CB  1 
ATOM   943  C  CG  . GLU A 1 118 ? -15.876 12.429  7.100   1.00 19.61 ? 118 GLU A CG  1 
ATOM   944  C  CD  . GLU A 1 118 ? -16.752 11.203  6.931   1.00 40.83 ? 118 GLU A CD  1 
ATOM   945  O  OE1 . GLU A 1 118 ? -17.226 10.961  5.792   1.00 35.61 ? 118 GLU A OE1 1 
ATOM   946  O  OE2 . GLU A 1 118 ? -16.945 10.470  7.931   1.00 24.29 ? 118 GLU A OE2 1 
ATOM   947  N  N   . VAL A 1 119 ? -12.691 11.883  3.327   1.00 15.94 ? 119 VAL A N   1 
ATOM   948  C  CA  A VAL A 1 119 ? -11.837 12.503  2.315   0.50 16.41 ? 119 VAL A CA  1 
ATOM   949  C  CA  B VAL A 1 119 ? -11.768 12.409  2.306   0.50 14.76 ? 119 VAL A CA  1 
ATOM   950  C  C   . VAL A 1 119 ? -12.444 12.437  0.945   1.00 18.31 ? 119 VAL A C   1 
ATOM   951  O  O   . VAL A 1 119 ? -12.964 11.396  0.526   1.00 17.06 ? 119 VAL A O   1 
ATOM   952  C  CB  A VAL A 1 119 ? -10.282 12.276  2.392   0.50 21.39 ? 119 VAL A CB  1 
ATOM   953  C  CB  B VAL A 1 119 ? -10.427 11.588  2.262   0.50 16.98 ? 119 VAL A CB  1 
ATOM   954  C  CG1 A VAL A 1 119 ? -9.882  11.205  3.396   0.50 21.56 ? 119 VAL A CG1 1 
ATOM   955  C  CG1 B VAL A 1 119 ? -9.533  12.038  1.102   0.50 16.68 ? 119 VAL A CG1 1 
ATOM   956  C  CG2 A VAL A 1 119 ? -9.634  12.041  1.027   0.50 21.07 ? 119 VAL A CG2 1 
ATOM   957  C  CG2 B VAL A 1 119 ? -9.661  11.696  3.588   0.50 16.94 ? 119 VAL A CG2 1 
ATOM   958  N  N   . GLU A 1 120 ? -12.437 13.606  0.271   1.00 16.20 ? 120 GLU A N   1 
ATOM   959  C  CA  . GLU A 1 120 ? -12.956 13.753  -1.081  1.00 17.80 ? 120 GLU A CA  1 
ATOM   960  C  C   . GLU A 1 120 ? -11.777 13.404  -1.957  1.00 24.35 ? 120 GLU A C   1 
ATOM   961  O  O   . GLU A 1 120 ? -10.924 14.261  -2.164  1.00 27.87 ? 120 GLU A O   1 
ATOM   962  C  CB  . GLU A 1 120 ? -13.388 15.209  -1.324  1.00 19.50 ? 120 GLU A CB  1 
ATOM   963  C  CG  . GLU A 1 120 ? -14.812 15.484  -0.899  1.00 35.22 ? 120 GLU A CG  1 
ATOM   964  C  CD  . GLU A 1 120 ? -15.870 15.150  -1.937  1.00 53.53 ? 120 GLU A CD  1 
ATOM   965  O  OE1 . GLU A 1 120 ? -15.512 14.609  -3.009  1.00 38.33 ? 120 GLU A OE1 1 
ATOM   966  O  OE2 . GLU A 1 120 ? -17.064 15.427  -1.674  1.00 48.31 ? 120 GLU A OE2 1 
ATOM   967  N  N   . GLY A 1 121 ? -11.688 12.147  -2.394  1.00 19.26 ? 121 GLY A N   1 
ATOM   968  C  CA  . GLY A 1 121 ? -10.545 11.679  -3.177  1.00 17.88 ? 121 GLY A CA  1 
ATOM   969  C  C   . GLY A 1 121 ? -10.761 11.379  -4.647  1.00 20.90 ? 121 GLY A C   1 
ATOM   970  O  O   . GLY A 1 121 ? -11.853 11.570  -5.186  1.00 22.23 ? 121 GLY A O   1 
ATOM   971  N  N   . ASP A 1 122 ? -9.698  10.899  -5.308  1.00 14.60 ? 122 ASP A N   1 
ATOM   972  C  CA  . ASP A 1 122 ? -9.720  10.568  -6.731  1.00 12.31 ? 122 ASP A CA  1 
ATOM   973  C  C   . ASP A 1 122 ? -9.081  9.211   -6.941  1.00 15.22 ? 122 ASP A C   1 
ATOM   974  O  O   . ASP A 1 122 ? -8.828  8.813   -8.081  1.00 16.76 ? 122 ASP A O   1 
ATOM   975  C  CB  . ASP A 1 122 ? -8.977  11.664  -7.550  1.00 12.97 ? 122 ASP A CB  1 
ATOM   976  C  CG  . ASP A 1 122 ? -7.551  11.941  -7.086  1.00 20.91 ? 122 ASP A CG  1 
ATOM   977  O  OD1 . ASP A 1 122 ? -6.936  11.041  -6.464  1.00 18.22 ? 122 ASP A OD1 1 
ATOM   978  O  OD2 . ASP A 1 122 ? -7.024  13.014  -7.411  1.00 24.60 ? 122 ASP A OD2 1 
ATOM   979  N  N   . THR A 1 123 ? -8.831  8.494   -5.836  1.00 11.16 ? 123 THR A N   1 
ATOM   980  C  CA  . THR A 1 123 ? -8.194  7.177   -5.840  1.00 11.31 ? 123 THR A CA  1 
ATOM   981  C  C   . THR A 1 123 ? -8.815  6.359   -4.764  1.00 15.65 ? 123 THR A C   1 
ATOM   982  O  O   . THR A 1 123 ? -8.996  6.835   -3.621  1.00 12.78 ? 123 THR A O   1 
ATOM   983  C  CB  . THR A 1 123 ? -6.654  7.269   -5.675  1.00 18.06 ? 123 THR A CB  1 
ATOM   984  O  OG1 . THR A 1 123 ? -6.121  8.355   -6.463  1.00 15.37 ? 123 THR A OG1 1 
ATOM   985  C  CG2 . THR A 1 123 ? -5.944  5.959   -6.073  1.00 13.29 ? 123 THR A CG2 1 
ATOM   986  N  N   . HIS A 1 124 ? -9.103  5.101   -5.118  1.00 12.78 ? 124 HIS A N   1 
ATOM   987  C  CA  . HIS A 1 124 ? -9.731  4.164   -4.206  1.00 12.49 ? 124 HIS A CA  1 
ATOM   988  C  C   . HIS A 1 124 ? -8.986  2.850   -4.175  1.00 14.17 ? 124 HIS A C   1 
ATOM   989  O  O   . HIS A 1 124 ? -8.313  2.470   -5.143  1.00 13.26 ? 124 HIS A O   1 
ATOM   990  C  CB  . HIS A 1 124 ? -11.199 3.921   -4.601  1.00 13.64 ? 124 HIS A CB  1 
ATOM   991  C  CG  . HIS A 1 124 ? -12.067 5.145   -4.529  1.00 16.97 ? 124 HIS A CG  1 
ATOM   992  N  ND1 . HIS A 1 124 ? -12.093 6.068   -5.556  1.00 18.50 ? 124 HIS A ND1 1 
ATOM   993  C  CD2 . HIS A 1 124 ? -12.937 5.538   -3.565  1.00 18.82 ? 124 HIS A CD2 1 
ATOM   994  C  CE1 . HIS A 1 124 ? -12.929 7.020   -5.161  1.00 17.57 ? 124 HIS A CE1 1 
ATOM   995  N  NE2 . HIS A 1 124 ? -13.496 6.720   -3.992  1.00 17.89 ? 124 HIS A NE2 1 
ATOM   996  N  N   . PHE A 1 125 ? -9.066  2.175   -3.026  1.00 10.79 ? 125 PHE A N   1 
ATOM   997  C  CA  . PHE A 1 125 ? -8.533  0.826   -2.901  1.00 9.30  ? 125 PHE A CA  1 
ATOM   998  C  C   . PHE A 1 125 ? -9.548  -0.095  -3.628  1.00 13.42 ? 125 PHE A C   1 
ATOM   999  O  O   . PHE A 1 125 ? -10.735 0.258   -3.681  1.00 13.15 ? 125 PHE A O   1 
ATOM   1000 C  CB  . PHE A 1 125 ? -8.472  0.459   -1.405  1.00 10.99 ? 125 PHE A CB  1 
ATOM   1001 C  CG  . PHE A 1 125 ? -7.715  -0.821  -1.172  1.00 11.96 ? 125 PHE A CG  1 
ATOM   1002 C  CD1 . PHE A 1 125 ? -6.330  -0.862  -1.297  1.00 13.79 ? 125 PHE A CD1 1 
ATOM   1003 C  CD2 . PHE A 1 125 ? -8.390  -2.009  -0.914  1.00 12.50 ? 125 PHE A CD2 1 
ATOM   1004 C  CE1 . PHE A 1 125 ? -5.634  -2.074  -1.166  1.00 14.33 ? 125 PHE A CE1 1 
ATOM   1005 C  CE2 . PHE A 1 125 ? -7.691  -3.220  -0.767  1.00 14.98 ? 125 PHE A CE2 1 
ATOM   1006 C  CZ  . PHE A 1 125 ? -6.314  -3.236  -0.857  1.00 13.27 ? 125 PHE A CZ  1 
ATOM   1007 N  N   . PRO A 1 126 ? -9.153  -1.251  -4.218  1.00 9.99  ? 126 PRO A N   1 
ATOM   1008 C  CA  . PRO A 1 126 ? -10.157 -2.092  -4.906  1.00 10.50 ? 126 PRO A CA  1 
ATOM   1009 C  C   . PRO A 1 126 ? -11.305 -2.539  -4.015  1.00 15.21 ? 126 PRO A C   1 
ATOM   1010 O  O   . PRO A 1 126 ? -11.170 -2.621  -2.790  1.00 14.70 ? 126 PRO A O   1 
ATOM   1011 C  CB  . PRO A 1 126 ? -9.353  -3.318  -5.387  1.00 11.69 ? 126 PRO A CB  1 
ATOM   1012 C  CG  . PRO A 1 126 ? -7.942  -2.855  -5.425  1.00 16.71 ? 126 PRO A CG  1 
ATOM   1013 C  CD  . PRO A 1 126 ? -7.784  -1.778  -4.401  1.00 11.48 ? 126 PRO A CD  1 
ATOM   1014 N  N   . ASP A 1 127 ? -12.448 -2.818  -4.646  1.00 13.79 ? 127 ASP A N   1 
ATOM   1015 C  CA  . ASP A 1 127 ? -13.644 -3.260  -3.935  1.00 14.84 ? 127 ASP A CA  1 
ATOM   1016 C  C   . ASP A 1 127 ? -13.499 -4.762  -3.748  1.00 20.14 ? 127 ASP A C   1 
ATOM   1017 O  O   . ASP A 1 127 ? -14.086 -5.536  -4.496  1.00 21.58 ? 127 ASP A O   1 
ATOM   1018 C  CB  . ASP A 1 127 ? -14.883 -2.920  -4.762  1.00 15.06 ? 127 ASP A CB  1 
ATOM   1019 C  CG  . ASP A 1 127 ? -16.214 -3.024  -4.046  1.00 22.78 ? 127 ASP A CG  1 
ATOM   1020 O  OD1 . ASP A 1 127 ? -16.221 -3.337  -2.822  1.00 21.42 ? 127 ASP A OD1 1 
ATOM   1021 O  OD2 . ASP A 1 127 ? -17.253 -2.866  -4.718  1.00 32.07 ? 127 ASP A OD2 1 
ATOM   1022 N  N   . TYR A 1 128 ? -12.656 -5.163  -2.793  1.00 16.98 ? 128 TYR A N   1 
ATOM   1023 C  CA  . TYR A 1 128 ? -12.362 -6.564  -2.479  1.00 16.07 ? 128 TYR A CA  1 
ATOM   1024 C  C   . TYR A 1 128 ? -13.591 -7.269  -1.913  1.00 20.74 ? 128 TYR A C   1 
ATOM   1025 O  O   . TYR A 1 128 ? -14.396 -6.665  -1.207  1.00 20.72 ? 128 TYR A O   1 
ATOM   1026 C  CB  . TYR A 1 128 ? -11.142 -6.733  -1.552  1.00 15.88 ? 128 TYR A CB  1 
ATOM   1027 C  CG  . TYR A 1 128 ? -11.258 -6.096  -0.186  1.00 19.77 ? 128 TYR A CG  1 
ATOM   1028 C  CD1 . TYR A 1 128 ? -10.977 -4.747  0.002   1.00 21.25 ? 128 TYR A CD1 1 
ATOM   1029 C  CD2 . TYR A 1 128 ? -11.607 -6.852  0.934   1.00 20.90 ? 128 TYR A CD2 1 
ATOM   1030 C  CE1 . TYR A 1 128 ? -11.122 -4.146  1.249   1.00 21.99 ? 128 TYR A CE1 1 
ATOM   1031 C  CE2 . TYR A 1 128 ? -11.738 -6.260  2.194   1.00 22.03 ? 128 TYR A CE2 1 
ATOM   1032 C  CZ  . TYR A 1 128 ? -11.495 -4.906  2.346   1.00 31.09 ? 128 TYR A CZ  1 
ATOM   1033 O  OH  . TYR A 1 128 ? -11.609 -4.307  3.588   1.00 33.47 ? 128 TYR A OH  1 
ATOM   1034 N  N   . GLU A 1 129 ? -13.738 -8.536  -2.293  1.00 16.38 ? 129 GLU A N   1 
ATOM   1035 C  CA  . GLU A 1 129 ? -14.823 -9.427  -1.893  1.00 15.56 ? 129 GLU A CA  1 
ATOM   1036 C  C   . GLU A 1 129 ? -14.648 -9.798  -0.386  1.00 19.66 ? 129 GLU A C   1 
ATOM   1037 O  O   . GLU A 1 129 ? -13.730 -10.561 -0.036  1.00 17.40 ? 129 GLU A O   1 
ATOM   1038 C  CB  . GLU A 1 129 ? -14.811 -10.658 -2.822  1.00 15.92 ? 129 GLU A CB  1 
ATOM   1039 C  CG  . GLU A 1 129 ? -15.836 -11.739 -2.514  1.00 18.12 ? 129 GLU A CG  1 
ATOM   1040 C  CD  . GLU A 1 129 ? -17.228 -11.222 -2.243  1.00 23.89 ? 129 GLU A CD  1 
ATOM   1041 O  OE1 . GLU A 1 129 ? -17.864 -10.718 -3.195  1.00 21.11 ? 129 GLU A OE1 1 
ATOM   1042 O  OE2 . GLU A 1 129 ? -17.655 -11.249 -1.066  1.00 17.19 ? 129 GLU A OE2 1 
ATOM   1043 N  N   . PRO A 1 130 ? -15.521 -9.283  0.510   1.00 17.67 ? 130 PRO A N   1 
ATOM   1044 C  CA  . PRO A 1 130 ? -15.360 -9.582  1.957   1.00 17.46 ? 130 PRO A CA  1 
ATOM   1045 C  C   . PRO A 1 130 ? -15.423 -11.064 2.318   1.00 17.33 ? 130 PRO A C   1 
ATOM   1046 O  O   . PRO A 1 130 ? -14.818 -11.470 3.308   1.00 15.14 ? 130 PRO A O   1 
ATOM   1047 C  CB  . PRO A 1 130 ? -16.499 -8.794  2.612   1.00 19.63 ? 130 PRO A CB  1 
ATOM   1048 C  CG  . PRO A 1 130 ? -17.487 -8.565  1.516   1.00 22.92 ? 130 PRO A CG  1 
ATOM   1049 C  CD  . PRO A 1 130 ? -16.659 -8.366  0.288   1.00 17.87 ? 130 PRO A CD  1 
ATOM   1050 N  N   . ASP A 1 131 ? -16.140 -11.878 1.520   1.00 14.81 ? 131 ASP A N   1 
ATOM   1051 C  CA  . ASP A 1 131 ? -16.261 -13.323 1.800   1.00 15.60 ? 131 ASP A CA  1 
ATOM   1052 C  C   . ASP A 1 131 ? -14.950 -14.096 1.618   1.00 18.70 ? 131 ASP A C   1 
ATOM   1053 O  O   . ASP A 1 131 ? -14.789 -15.178 2.183   1.00 19.72 ? 131 ASP A O   1 
ATOM   1054 C  CB  . ASP A 1 131 ? -17.322 -13.968 0.903   1.00 17.10 ? 131 ASP A CB  1 
ATOM   1055 C  CG  . ASP A 1 131 ? -18.720 -13.415 1.070   1.00 16.30 ? 131 ASP A CG  1 
ATOM   1056 O  OD1 . ASP A 1 131 ? -18.936 -12.589 2.016   1.00 15.11 ? 131 ASP A OD1 1 
ATOM   1057 O  OD2 . ASP A 1 131 ? -19.620 -13.849 0.304   1.00 12.72 ? 131 ASP A OD2 1 
ATOM   1058 N  N   . ASP A 1 132 ? -14.043 -13.556 0.815   1.00 14.38 ? 132 ASP A N   1 
ATOM   1059 C  CA  . ASP A 1 132 ? -12.786 -14.200 0.440   1.00 13.83 ? 132 ASP A CA  1 
ATOM   1060 C  C   . ASP A 1 132 ? -11.626 -13.880 1.350   1.00 17.79 ? 132 ASP A C   1 
ATOM   1061 O  O   . ASP A 1 132 ? -10.528 -14.431 1.173   1.00 16.96 ? 132 ASP A O   1 
ATOM   1062 C  CB  . ASP A 1 132 ? -12.466 -13.812 -0.989  1.00 15.49 ? 132 ASP A CB  1 
ATOM   1063 C  CG  . ASP A 1 132 ? -13.443 -14.378 -1.984  1.00 23.91 ? 132 ASP A CG  1 
ATOM   1064 O  OD1 . ASP A 1 132 ? -14.391 -15.108 -1.555  1.00 24.25 ? 132 ASP A OD1 1 
ATOM   1065 O  OD2 . ASP A 1 132 ? -13.264 -14.125 -3.172  1.00 22.70 ? 132 ASP A OD2 1 
ATOM   1066 N  N   . TRP A 1 133 ? -11.858 -12.987 2.326   1.00 14.76 ? 133 TRP A N   1 
ATOM   1067 C  CA  . TRP A 1 133 ? -10.809 -12.564 3.242   1.00 14.46 ? 133 TRP A CA  1 
ATOM   1068 C  C   . TRP A 1 133 ? -11.212 -12.792 4.676   1.00 18.42 ? 133 TRP A C   1 
ATOM   1069 O  O   . TRP A 1 133 ? -12.356 -12.536 5.049   1.00 18.89 ? 133 TRP A O   1 
ATOM   1070 C  CB  . TRP A 1 133 ? -10.469 -11.087 2.992   1.00 13.15 ? 133 TRP A CB  1 
ATOM   1071 C  CG  . TRP A 1 133 ? -9.920  -10.859 1.612   1.00 13.37 ? 133 TRP A CG  1 
ATOM   1072 C  CD1 . TRP A 1 133 ? -10.622 -10.562 0.474   1.00 15.80 ? 133 TRP A CD1 1 
ATOM   1073 C  CD2 . TRP A 1 133 ? -8.551  -10.964 1.228   1.00 12.40 ? 133 TRP A CD2 1 
ATOM   1074 N  NE1 . TRP A 1 133 ? -9.764  -10.501 -0.607  1.00 14.09 ? 133 TRP A NE1 1 
ATOM   1075 C  CE2 . TRP A 1 133 ? -8.486  -10.735 -0.168  1.00 16.17 ? 133 TRP A CE2 1 
ATOM   1076 C  CE3 . TRP A 1 133 ? -7.358  -11.233 1.931   1.00 12.39 ? 133 TRP A CE3 1 
ATOM   1077 C  CZ2 . TRP A 1 133 ? -7.275  -10.779 -0.874  1.00 14.67 ? 133 TRP A CZ2 1 
ATOM   1078 C  CZ3 . TRP A 1 133 ? -6.165  -11.298 1.224   1.00 13.18 ? 133 TRP A CZ3 1 
ATOM   1079 C  CH2 . TRP A 1 133 ? -6.131  -11.072 -0.157  1.00 14.29 ? 133 TRP A CH2 1 
ATOM   1080 N  N   . GLU A 1 134 ? -10.284 -13.289 5.491   1.00 13.39 ? 134 GLU A N   1 
ATOM   1081 C  CA  . GLU A 1 134 ? -10.576 -13.498 6.912   1.00 12.90 ? 134 GLU A CA  1 
ATOM   1082 C  C   . GLU A 1 134 ? -9.716  -12.578 7.756   1.00 17.10 ? 134 GLU A C   1 
ATOM   1083 O  O   . GLU A 1 134 ? -8.534  -12.425 7.463   1.00 15.68 ? 134 GLU A O   1 
ATOM   1084 C  CB  . GLU A 1 134 ? -10.395 -14.964 7.331   1.00 14.38 ? 134 GLU A CB  1 
ATOM   1085 C  CG  . GLU A 1 134 ? -8.997  -15.485 7.035   1.00 26.54 ? 134 GLU A CG  1 
ATOM   1086 C  CD  . GLU A 1 134 ? -8.713  -16.943 7.292   1.00 44.71 ? 134 GLU A CD  1 
ATOM   1087 O  OE1 . GLU A 1 134 ? -9.604  -17.646 7.816   1.00 38.15 ? 134 GLU A OE1 1 
ATOM   1088 O  OE2 . GLU A 1 134 ? -7.593  -17.383 6.946   1.00 29.37 ? 134 GLU A OE2 1 
ATOM   1089 N  N   . SER A 1 135 ? -10.305 -11.964 8.792   1.00 15.44 ? 135 SER A N   1 
ATOM   1090 C  CA  . SER A 1 135 ? -9.563  -11.074 9.701   1.00 15.33 ? 135 SER A CA  1 
ATOM   1091 C  C   . SER A 1 135 ? -8.712  -11.886 10.667  1.00 21.03 ? 135 SER A C   1 
ATOM   1092 O  O   . SER A 1 135 ? -9.221  -12.739 11.407  1.00 22.72 ? 135 SER A O   1 
ATOM   1093 C  CB  . SER A 1 135 ? -10.521 -10.140 10.443  1.00 18.29 ? 135 SER A CB  1 
ATOM   1094 O  OG  . SER A 1 135 ? -9.818  -9.128  11.143  1.00 20.12 ? 135 SER A OG  1 
ATOM   1095 N  N   . VAL A 1 136 ? -7.402  -11.656 10.666  1.00 15.78 ? 136 VAL A N   1 
ATOM   1096 C  CA  . VAL A 1 136 ? -6.568  -12.442 11.583  1.00 16.35 ? 136 VAL A CA  1 
ATOM   1097 C  C   . VAL A 1 136 ? -5.922  -11.582 12.652  1.00 20.89 ? 136 VAL A C   1 
ATOM   1098 O  O   . VAL A 1 136 ? -5.338  -12.116 13.587  1.00 21.41 ? 136 VAL A O   1 
ATOM   1099 C  CB  . VAL A 1 136 ? -5.566  -13.363 10.852  1.00 18.86 ? 136 VAL A CB  1 
ATOM   1100 C  CG1 . VAL A 1 136 ? -6.304  -14.389 9.976   1.00 18.34 ? 136 VAL A CG1 1 
ATOM   1101 C  CG2 . VAL A 1 136 ? -4.570  -12.542 10.030  1.00 18.07 ? 136 VAL A CG2 1 
ATOM   1102 N  N   . PHE A 1 137 ? -5.967  -10.252 12.453  1.00 16.69 ? 137 PHE A N   1 
ATOM   1103 C  CA  . PHE A 1 137 ? -5.413  -9.245  13.346  1.00 16.39 ? 137 PHE A CA  1 
ATOM   1104 C  C   . PHE A 1 137 ? -6.263  -7.977  13.220  1.00 19.13 ? 137 PHE A C   1 
ATOM   1105 O  O   . PHE A 1 137 ? -6.562  -7.559  12.115  1.00 16.19 ? 137 PHE A O   1 
ATOM   1106 C  CB  . PHE A 1 137 ? -3.936  -8.945  12.986  1.00 17.28 ? 137 PHE A CB  1 
ATOM   1107 C  CG  . PHE A 1 137 ? -3.281  -7.849  13.799  1.00 18.07 ? 137 PHE A CG  1 
ATOM   1108 C  CD1 . PHE A 1 137 ? -2.599  -8.146  14.984  1.00 20.26 ? 137 PHE A CD1 1 
ATOM   1109 C  CD2 . PHE A 1 137 ? -3.376  -6.512  13.403  1.00 16.94 ? 137 PHE A CD2 1 
ATOM   1110 C  CE1 . PHE A 1 137 ? -2.036  -7.124  15.759  1.00 20.64 ? 137 PHE A CE1 1 
ATOM   1111 C  CE2 . PHE A 1 137 ? -2.814  -5.495  14.173  1.00 19.42 ? 137 PHE A CE2 1 
ATOM   1112 C  CZ  . PHE A 1 137 ? -2.143  -5.804  15.344  1.00 18.89 ? 137 PHE A CZ  1 
ATOM   1113 N  N   . SER A 1 138 ? -6.681  -7.385  14.359  1.00 17.29 ? 138 SER A N   1 
ATOM   1114 C  CA  . SER A 1 138 ? -7.404  -6.127  14.360  1.00 18.58 ? 138 SER A CA  1 
ATOM   1115 C  C   . SER A 1 138 ? -7.080  -5.392  15.632  1.00 23.91 ? 138 SER A C   1 
ATOM   1116 O  O   . SER A 1 138 ? -7.145  -5.964  16.718  1.00 25.23 ? 138 SER A O   1 
ATOM   1117 C  CB  . SER A 1 138 ? -8.909  -6.292  14.157  1.00 23.30 ? 138 SER A CB  1 
ATOM   1118 O  OG  . SER A 1 138 ? -9.453  -7.316  14.971  1.00 38.14 ? 138 SER A OG  1 
ATOM   1119 N  N   . GLU A 1 139 ? -6.652  -4.150  15.492  1.00 17.99 ? 139 GLU A N   1 
ATOM   1120 C  CA  . GLU A 1 139 ? -6.268  -3.355  16.651  1.00 15.94 ? 139 GLU A CA  1 
ATOM   1121 C  C   . GLU A 1 139 ? -6.795  -1.955  16.417  1.00 19.54 ? 139 GLU A C   1 
ATOM   1122 O  O   . GLU A 1 139 ? -6.297  -1.260  15.527  1.00 18.98 ? 139 GLU A O   1 
ATOM   1123 C  CB  . GLU A 1 139 ? -4.735  -3.363  16.716  1.00 17.99 ? 139 GLU A CB  1 
ATOM   1124 C  CG  . GLU A 1 139 ? -4.081  -2.757  17.927  1.00 30.27 ? 139 GLU A CG  1 
ATOM   1125 C  CD  . GLU A 1 139 ? -2.570  -2.762  17.758  1.00 41.12 ? 139 GLU A CD  1 
ATOM   1126 O  OE1 . GLU A 1 139 ? -1.938  -3.752  18.186  1.00 32.15 ? 139 GLU A OE1 1 
ATOM   1127 O  OE2 . GLU A 1 139 ? -2.022  -1.807  17.161  1.00 23.53 ? 139 GLU A OE2 1 
ATOM   1128 N  N   . PHE A 1 140 ? -7.810  -1.544  17.189  1.00 14.53 ? 140 PHE A N   1 
ATOM   1129 C  CA  . PHE A 1 140 ? -8.395  -0.200  17.084  1.00 13.31 ? 140 PHE A CA  1 
ATOM   1130 C  C   . PHE A 1 140 ? -7.682  0.780   17.997  1.00 17.00 ? 140 PHE A C   1 
ATOM   1131 O  O   . PHE A 1 140 ? -7.358  0.426   19.131  1.00 15.32 ? 140 PHE A O   1 
ATOM   1132 C  CB  . PHE A 1 140 ? -9.866  -0.232  17.485  1.00 13.77 ? 140 PHE A CB  1 
ATOM   1133 C  CG  . PHE A 1 140 ? -10.559 1.102   17.447  1.00 14.37 ? 140 PHE A CG  1 
ATOM   1134 C  CD1 . PHE A 1 140 ? -10.865 1.712   16.230  1.00 15.40 ? 140 PHE A CD1 1 
ATOM   1135 C  CD2 . PHE A 1 140 ? -10.939 1.739   18.621  1.00 15.97 ? 140 PHE A CD2 1 
ATOM   1136 C  CE1 . PHE A 1 140 ? -11.511 2.940   16.195  1.00 15.03 ? 140 PHE A CE1 1 
ATOM   1137 C  CE2 . PHE A 1 140 ? -11.593 2.967   18.581  1.00 17.19 ? 140 PHE A CE2 1 
ATOM   1138 C  CZ  . PHE A 1 140 ? -11.882 3.556   17.372  1.00 14.34 ? 140 PHE A CZ  1 
ATOM   1139 N  N   . HIS A 1 141 ? -7.552  2.039   17.543  1.00 14.43 ? 141 HIS A N   1 
ATOM   1140 C  CA  . HIS A 1 141 ? -6.946  3.120   18.307  1.00 14.41 ? 141 HIS A CA  1 
ATOM   1141 C  C   . HIS A 1 141 ? -7.775  4.380   18.230  1.00 18.31 ? 141 HIS A C   1 
ATOM   1142 O  O   . HIS A 1 141 ? -8.099  4.846   17.131  1.00 16.40 ? 141 HIS A O   1 
ATOM   1143 C  CB  . HIS A 1 141 ? -5.564  3.436   17.755  1.00 14.80 ? 141 HIS A CB  1 
ATOM   1144 C  CG  . HIS A 1 141 ? -4.620  2.290   17.833  1.00 17.55 ? 141 HIS A CG  1 
ATOM   1145 N  ND1 . HIS A 1 141 ? -3.813  2.097   18.940  1.00 18.97 ? 141 HIS A ND1 1 
ATOM   1146 C  CD2 . HIS A 1 141 ? -4.391  1.303   16.943  1.00 19.69 ? 141 HIS A CD2 1 
ATOM   1147 C  CE1 . HIS A 1 141 ? -3.122  0.997   18.691  1.00 18.49 ? 141 HIS A CE1 1 
ATOM   1148 N  NE2 . HIS A 1 141 ? -3.451  0.472   17.514  1.00 19.26 ? 141 HIS A NE2 1 
ATOM   1149 N  N   . ASP A 1 142 ? -8.045  4.993   19.392  1.00 16.81 ? 142 ASP A N   1 
ATOM   1150 C  CA  . ASP A 1 142 ? -8.716  6.279   19.405  1.00 16.47 ? 142 ASP A CA  1 
ATOM   1151 C  C   . ASP A 1 142 ? -7.707  7.331   18.987  1.00 18.05 ? 142 ASP A C   1 
ATOM   1152 O  O   . ASP A 1 142 ? -6.503  7.113   19.130  1.00 16.72 ? 142 ASP A O   1 
ATOM   1153 C  CB  . ASP A 1 142 ? -9.267  6.605   20.805  1.00 18.93 ? 142 ASP A CB  1 
ATOM   1154 C  CG  . ASP A 1 142 ? -10.586 5.916   21.050  1.00 24.05 ? 142 ASP A CG  1 
ATOM   1155 O  OD1 . ASP A 1 142 ? -11.492 6.057   20.200  1.00 23.73 ? 142 ASP A OD1 1 
ATOM   1156 O  OD2 . ASP A 1 142 ? -10.689 5.171   22.049  1.00 24.96 ? 142 ASP A OD2 1 
ATOM   1157 N  N   . ALA A 1 143 ? -8.192  8.459   18.446  1.00 16.12 ? 143 ALA A N   1 
ATOM   1158 C  CA  . ALA A 1 143 ? -7.338  9.591   18.053  1.00 16.45 ? 143 ALA A CA  1 
ATOM   1159 C  C   . ALA A 1 143 ? -6.633  10.094  19.306  1.00 20.00 ? 143 ALA A C   1 
ATOM   1160 O  O   . ALA A 1 143 ? -7.120  9.870   20.426  1.00 17.85 ? 143 ALA A O   1 
ATOM   1161 C  CB  . ALA A 1 143 ? -8.192  10.710  17.498  1.00 17.47 ? 143 ALA A CB  1 
ATOM   1162 N  N   . ASP A 1 144 ? -5.486  10.759  19.120  1.00 16.54 ? 144 ASP A N   1 
ATOM   1163 C  CA  . ASP A 1 144 ? -4.709  11.355  20.206  1.00 15.31 ? 144 ASP A CA  1 
ATOM   1164 C  C   . ASP A 1 144 ? -4.136  12.686  19.733  1.00 21.33 ? 144 ASP A C   1 
ATOM   1165 O  O   . ASP A 1 144 ? -4.462  13.124  18.622  1.00 19.12 ? 144 ASP A O   1 
ATOM   1166 C  CB  . ASP A 1 144 ? -3.625  10.377  20.733  1.00 16.80 ? 144 ASP A CB  1 
ATOM   1167 C  CG  . ASP A 1 144 ? -2.630  9.882   19.701  1.00 19.91 ? 144 ASP A CG  1 
ATOM   1168 O  OD1 . ASP A 1 144 ? -2.232  10.675  18.827  1.00 20.12 ? 144 ASP A OD1 1 
ATOM   1169 O  OD2 . ASP A 1 144 ? -2.229  8.707   19.784  1.00 21.79 ? 144 ASP A OD2 1 
ATOM   1170 N  N   . ALA A 1 145 ? -3.236  13.309  20.534  1.00 19.04 ? 145 ALA A N   1 
ATOM   1171 C  CA  . ALA A 1 145 ? -2.619  14.592  20.175  1.00 18.06 ? 145 ALA A CA  1 
ATOM   1172 C  C   . ALA A 1 145 ? -1.763  14.530  18.893  1.00 20.96 ? 145 ALA A C   1 
ATOM   1173 O  O   . ALA A 1 145 ? -1.531  15.576  18.272  1.00 19.95 ? 145 ALA A O   1 
ATOM   1174 C  CB  . ALA A 1 145 ? -1.779  15.110  21.348  1.00 19.22 ? 145 ALA A CB  1 
ATOM   1175 N  N   . GLN A 1 146 ? -1.276  13.313  18.508  1.00 15.14 ? 146 GLN A N   1 
ATOM   1176 C  CA  . GLN A 1 146 ? -0.456  13.146  17.310  1.00 14.28 ? 146 GLN A CA  1 
ATOM   1177 C  C   . GLN A 1 146 ? -1.231  12.633  16.098  1.00 17.25 ? 146 GLN A C   1 
ATOM   1178 O  O   . GLN A 1 146 ? -0.776  12.855  14.976  1.00 17.16 ? 146 GLN A O   1 
ATOM   1179 C  CB  . GLN A 1 146 ? 0.678   12.148  17.574  1.00 15.50 ? 146 GLN A CB  1 
ATOM   1180 C  CG  . GLN A 1 146 ? 1.791   12.649  18.460  1.00 18.54 ? 146 GLN A CG  1 
ATOM   1181 C  CD  . GLN A 1 146 ? 2.743   11.500  18.627  1.00 29.20 ? 146 GLN A CD  1 
ATOM   1182 O  OE1 . GLN A 1 146 ? 3.397   11.077  17.661  1.00 21.00 ? 146 GLN A OE1 1 
ATOM   1183 N  NE2 . GLN A 1 146 ? 2.699   10.866  19.798  1.00 19.93 ? 146 GLN A NE2 1 
ATOM   1184 N  N   . ASN A 1 147 ? -2.359  11.912  16.325  1.00 13.24 ? 147 ASN A N   1 
ATOM   1185 C  CA  . ASN A 1 147 ? -3.151  11.256  15.273  1.00 12.38 ? 147 ASN A CA  1 
ATOM   1186 C  C   . ASN A 1 147 ? -4.561  11.786  15.322  1.00 17.70 ? 147 ASN A C   1 
ATOM   1187 O  O   . ASN A 1 147 ? -5.277  11.532  16.278  1.00 15.88 ? 147 ASN A O   1 
ATOM   1188 C  CB  . ASN A 1 147 ? -3.118  9.749   15.437  1.00 13.41 ? 147 ASN A CB  1 
ATOM   1189 C  CG  . ASN A 1 147 ? -1.728  9.198   15.335  1.00 22.04 ? 147 ASN A CG  1 
ATOM   1190 O  OD1 . ASN A 1 147 ? -1.241  8.887   14.243  1.00 17.09 ? 147 ASN A OD1 1 
ATOM   1191 N  ND2 . ASN A 1 147 ? -1.057  9.085   16.465  1.00 12.99 ? 147 ASN A ND2 1 
ATOM   1192 N  N   . SER A 1 148 ? -4.928  12.583  14.324  1.00 15.04 ? 148 SER A N   1 
ATOM   1193 C  CA  . SER A 1 148 ? -6.206  13.291  14.299  1.00 16.39 ? 148 SER A CA  1 
ATOM   1194 C  C   . SER A 1 148 ? -7.470  12.466  14.042  1.00 20.73 ? 148 SER A C   1 
ATOM   1195 O  O   . SER A 1 148 ? -8.577  12.996  14.120  1.00 23.14 ? 148 SER A O   1 
ATOM   1196 C  CB  . SER A 1 148 ? -6.116  14.500  13.385  1.00 19.51 ? 148 SER A CB  1 
ATOM   1197 O  OG  . SER A 1 148 ? -6.401  14.150  12.048  1.00 26.82 ? 148 SER A OG  1 
ATOM   1198 N  N   . HIS A 1 149 ? -7.321  11.187  13.767  1.00 13.71 ? 149 HIS A N   1 
ATOM   1199 C  CA  . HIS A 1 149 ? -8.472  10.316  13.585  1.00 11.25 ? 149 HIS A CA  1 
ATOM   1200 C  C   . HIS A 1 149 ? -8.299  9.088   14.395  1.00 13.80 ? 149 HIS A C   1 
ATOM   1201 O  O   . HIS A 1 149 ? -7.174  8.739   14.759  1.00 13.77 ? 149 HIS A O   1 
ATOM   1202 C  CB  . HIS A 1 149 ? -8.601  9.880   12.117  1.00 11.31 ? 149 HIS A CB  1 
ATOM   1203 C  CG  . HIS A 1 149 ? -8.667  11.026  11.160  1.00 13.73 ? 149 HIS A CG  1 
ATOM   1204 N  ND1 . HIS A 1 149 ? -9.812  11.811  11.045  1.00 14.11 ? 149 HIS A ND1 1 
ATOM   1205 C  CD2 . HIS A 1 149 ? -7.702  11.534  10.365  1.00 15.09 ? 149 HIS A CD2 1 
ATOM   1206 C  CE1 . HIS A 1 149 ? -9.519  12.726  10.144  1.00 14.51 ? 149 HIS A CE1 1 
ATOM   1207 N  NE2 . HIS A 1 149 ? -8.256  12.605  9.710   1.00 15.04 ? 149 HIS A NE2 1 
ATOM   1208 N  N   . SER A 1 150 ? -9.411  8.390   14.645  1.00 11.90 ? 150 SER A N   1 
ATOM   1209 C  CA  . SER A 1 150 ? -9.351  7.047   15.198  1.00 12.87 ? 150 SER A CA  1 
ATOM   1210 C  C   . SER A 1 150 ? -9.010  6.175   13.968  1.00 16.25 ? 150 SER A C   1 
ATOM   1211 O  O   . SER A 1 150 ? -9.267  6.570   12.829  1.00 16.01 ? 150 SER A O   1 
ATOM   1212 C  CB  . SER A 1 150 ? -10.689 6.619   15.795  1.00 13.40 ? 150 SER A CB  1 
ATOM   1213 O  OG  . SER A 1 150 ? -11.738 6.821   14.868  1.00 14.16 ? 150 SER A OG  1 
ATOM   1214 N  N   . TYR A 1 151 ? -8.400  5.035   14.192  1.00 12.68 ? 151 TYR A N   1 
ATOM   1215 C  CA  . TYR A 1 151 ? -7.980  4.176   13.090  1.00 12.28 ? 151 TYR A CA  1 
ATOM   1216 C  C   . TYR A 1 151 ? -7.873  2.738   13.599  1.00 15.86 ? 151 TYR A C   1 
ATOM   1217 O  O   . TYR A 1 151 ? -7.661  2.488   14.801  1.00 12.98 ? 151 TYR A O   1 
ATOM   1218 C  CB  . TYR A 1 151 ? -6.627  4.675   12.465  1.00 13.27 ? 151 TYR A CB  1 
ATOM   1219 C  CG  . TYR A 1 151 ? -5.553  4.873   13.507  1.00 14.97 ? 151 TYR A CG  1 
ATOM   1220 C  CD1 . TYR A 1 151 ? -5.508  6.031   14.285  1.00 16.58 ? 151 TYR A CD1 1 
ATOM   1221 C  CD2 . TYR A 1 151 ? -4.634  3.866   13.792  1.00 14.78 ? 151 TYR A CD2 1 
ATOM   1222 C  CE1 . TYR A 1 151 ? -4.567  6.183   15.307  1.00 15.03 ? 151 TYR A CE1 1 
ATOM   1223 C  CE2 . TYR A 1 151 ? -3.675  4.021   14.793  1.00 14.59 ? 151 TYR A CE2 1 
ATOM   1224 C  CZ  . TYR A 1 151 ? -3.652  5.175   15.555  1.00 17.51 ? 151 TYR A CZ  1 
ATOM   1225 O  OH  . TYR A 1 151 ? -2.737  5.288   16.591  1.00 19.17 ? 151 TYR A OH  1 
ATOM   1226 N  N   . CYS A 1 152 ? -8.021  1.788   12.679  1.00 15.04 ? 152 CYS A N   1 
ATOM   1227 C  CA  . CYS A 1 152 ? -7.909  0.377   13.048  1.00 15.24 ? 152 CYS A CA  1 
ATOM   1228 C  C   . CYS A 1 152 ? -6.903  -0.322  12.142  1.00 16.70 ? 152 CYS A C   1 
ATOM   1229 O  O   . CYS A 1 152 ? -7.024  -0.206  10.933  1.00 15.98 ? 152 CYS A O   1 
ATOM   1230 C  CB  . CYS A 1 152 ? -9.277  -0.297  12.987  1.00 16.39 ? 152 CYS A CB  1 
ATOM   1231 S  SG  . CYS A 1 152 ? -9.259  -2.037  13.502  1.00 21.33 ? 152 CYS A SG  1 
ATOM   1232 N  N   . PHE A 1 153 ? -5.897  -1.010  12.713  1.00 11.16 ? 153 PHE A N   1 
ATOM   1233 C  CA  . PHE A 1 153 ? -4.931  -1.757  11.883  1.00 11.02 ? 153 PHE A CA  1 
ATOM   1234 C  C   . PHE A 1 153 ? -5.494  -3.139  11.731  1.00 16.50 ? 153 PHE A C   1 
ATOM   1235 O  O   . PHE A 1 153 ? -5.719  -3.813  12.732  1.00 17.27 ? 153 PHE A O   1 
ATOM   1236 C  CB  . PHE A 1 153 ? -3.544  -1.844  12.551  1.00 10.87 ? 153 PHE A CB  1 
ATOM   1237 C  CG  . PHE A 1 153 ? -2.842  -0.518  12.655  1.00 13.40 ? 153 PHE A CG  1 
ATOM   1238 C  CD1 . PHE A 1 153 ? -2.625  0.265   11.528  1.00 16.39 ? 153 PHE A CD1 1 
ATOM   1239 C  CD2 . PHE A 1 153 ? -2.402  -0.043  13.885  1.00 15.01 ? 153 PHE A CD2 1 
ATOM   1240 C  CE1 . PHE A 1 153 ? -1.980  1.503   11.631  1.00 16.41 ? 153 PHE A CE1 1 
ATOM   1241 C  CE2 . PHE A 1 153 ? -1.733  1.185   13.977  1.00 17.03 ? 153 PHE A CE2 1 
ATOM   1242 C  CZ  . PHE A 1 153 ? -1.526  1.941   12.854  1.00 14.87 ? 153 PHE A CZ  1 
ATOM   1243 N  N   . GLU A 1 154 ? -5.714  -3.575  10.493  1.00 13.33 ? 154 GLU A N   1 
ATOM   1244 C  CA  . GLU A 1 154 ? -6.265  -4.900  10.266  1.00 12.36 ? 154 GLU A CA  1 
ATOM   1245 C  C   . GLU A 1 154 ? -5.397  -5.716  9.324   1.00 16.85 ? 154 GLU A C   1 
ATOM   1246 O  O   . GLU A 1 154 ? -4.922  -5.197  8.309   1.00 17.99 ? 154 GLU A O   1 
ATOM   1247 C  CB  . GLU A 1 154 ? -7.674  -4.764  9.676   1.00 13.27 ? 154 GLU A CB  1 
ATOM   1248 C  CG  . GLU A 1 154 ? -8.442  -6.080  9.598   1.00 19.20 ? 154 GLU A CG  1 
ATOM   1249 C  CD  . GLU A 1 154 ? -9.780  -6.057  8.889   1.00 31.24 ? 154 GLU A CD  1 
ATOM   1250 O  OE1 . GLU A 1 154 ? -9.968  -5.248  7.955   1.00 21.56 ? 154 GLU A OE1 1 
ATOM   1251 O  OE2 . GLU A 1 154 ? -10.612 -6.932  9.206   1.00 24.85 ? 154 GLU A OE2 1 
ATOM   1252 N  N   . ILE A 1 155 ? -5.229  -7.002  9.633   1.00 12.06 ? 155 ILE A N   1 
ATOM   1253 C  CA  . ILE A 1 155 ? -4.568  -7.930  8.712   1.00 12.10 ? 155 ILE A CA  1 
ATOM   1254 C  C   . ILE A 1 155 ? -5.623  -8.956  8.257   1.00 16.35 ? 155 ILE A C   1 
ATOM   1255 O  O   . ILE A 1 155 ? -6.288  -9.586  9.100   1.00 13.81 ? 155 ILE A O   1 
ATOM   1256 C  CB  . ILE A 1 155 ? -3.267  -8.576  9.254   1.00 13.53 ? 155 ILE A CB  1 
ATOM   1257 C  CG1 . ILE A 1 155 ? -2.240  -7.486  9.649   1.00 13.38 ? 155 ILE A CG1 1 
ATOM   1258 C  CG2 . ILE A 1 155 ? -2.649  -9.559  8.214   1.00 12.48 ? 155 ILE A CG2 1 
ATOM   1259 C  CD1 . ILE A 1 155 ? -0.999  -8.018  10.503  1.00 20.75 ? 155 ILE A CD1 1 
ATOM   1260 N  N   . LEU A 1 156 ? -5.795  -9.077  6.920   1.00 14.67 ? 156 LEU A N   1 
ATOM   1261 C  CA  . LEU A 1 156 ? -6.719  -10.023 6.289   1.00 15.01 ? 156 LEU A CA  1 
ATOM   1262 C  C   . LEU A 1 156 ? -5.924  -11.098 5.538   1.00 17.33 ? 156 LEU A C   1 
ATOM   1263 O  O   . LEU A 1 156 ? -4.924  -10.776 4.893   1.00 15.61 ? 156 LEU A O   1 
ATOM   1264 C  CB  . LEU A 1 156 ? -7.667  -9.337  5.292   1.00 16.12 ? 156 LEU A CB  1 
ATOM   1265 C  CG  . LEU A 1 156 ? -8.655  -8.290  5.825   1.00 23.77 ? 156 LEU A CG  1 
ATOM   1266 C  CD1 . LEU A 1 156 ? -9.375  -7.608  4.666   1.00 26.17 ? 156 LEU A CD1 1 
ATOM   1267 C  CD2 . LEU A 1 156 ? -9.734  -8.931  6.691   1.00 27.22 ? 156 LEU A CD2 1 
ATOM   1268 N  N   . GLU A 1 157 ? -6.363  -12.372 5.646   1.00 11.96 ? 157 GLU A N   1 
ATOM   1269 C  CA  A GLU A 1 157 ? -5.721  -13.479 4.949   0.50 11.75 ? 157 GLU A CA  1 
ATOM   1270 C  CA  B GLU A 1 157 ? -5.722  -13.499 4.962   0.50 11.69 ? 157 GLU A CA  1 
ATOM   1271 C  C   . GLU A 1 157 ? -6.711  -14.086 3.962   1.00 16.56 ? 157 GLU A C   1 
ATOM   1272 O  O   . GLU A 1 157 ? -7.880  -14.247 4.304   1.00 16.89 ? 157 GLU A O   1 
ATOM   1273 C  CB  A GLU A 1 157 ? -5.204  -14.517 5.937   0.50 12.89 ? 157 GLU A CB  1 
ATOM   1274 C  CB  B GLU A 1 157 ? -5.289  -14.583 5.957   0.50 12.79 ? 157 GLU A CB  1 
ATOM   1275 C  CG  A GLU A 1 157 ? -4.053  -13.987 6.764   0.50 17.22 ? 157 GLU A CG  1 
ATOM   1276 C  CG  B GLU A 1 157 ? -3.943  -14.335 6.621   0.50 16.33 ? 157 GLU A CG  1 
ATOM   1277 C  CD  A GLU A 1 157 ? -2.915  -14.962 6.934   0.50 35.86 ? 157 GLU A CD  1 
ATOM   1278 C  CD  B GLU A 1 157 ? -2.664  -14.569 5.830   0.50 35.10 ? 157 GLU A CD  1 
ATOM   1279 O  OE1 A GLU A 1 157 ? -3.003  -15.813 7.848   0.50 17.34 ? 157 GLU A OE1 1 
ATOM   1280 O  OE1 B GLU A 1 157 ? -2.714  -15.079 4.685   0.50 21.61 ? 157 GLU A OE1 1 
ATOM   1281 O  OE2 A GLU A 1 157 ? -1.925  -14.864 6.173   0.50 27.25 ? 157 GLU A OE2 1 
ATOM   1282 O  OE2 B GLU A 1 157 ? -1.588  -14.264 6.392   0.50 33.99 ? 157 GLU A OE2 1 
ATOM   1283 N  N   . ARG A 1 158 ? -6.261  -14.363 2.722   1.00 13.33 ? 158 ARG A N   1 
ATOM   1284 C  CA  . ARG A 1 158 ? -7.162  -14.942 1.722   1.00 13.32 ? 158 ARG A CA  1 
ATOM   1285 C  C   . ARG A 1 158 ? -7.604  -16.307 2.226   1.00 19.45 ? 158 ARG A C   1 
ATOM   1286 O  O   . ARG A 1 158 ? -6.756  -17.122 2.594   1.00 21.97 ? 158 ARG A O   1 
ATOM   1287 C  CB  . ARG A 1 158 ? -6.467  -15.057 0.348   1.00 12.83 ? 158 ARG A CB  1 
ATOM   1288 C  CG  . ARG A 1 158 ? -7.472  -15.384 -0.741  1.00 16.97 ? 158 ARG A CG  1 
ATOM   1289 C  CD  . ARG A 1 158 ? -6.834  -15.589 -2.109  1.00 16.64 ? 158 ARG A CD  1 
ATOM   1290 N  NE  . ARG A 1 158 ? -6.425  -14.330 -2.737  1.00 14.45 ? 158 ARG A NE  1 
ATOM   1291 C  CZ  . ARG A 1 158 ? -7.243  -13.526 -3.408  1.00 27.18 ? 158 ARG A CZ  1 
ATOM   1292 N  NH1 . ARG A 1 158 ? -8.535  -13.812 -3.506  1.00 14.77 ? 158 ARG A NH1 1 
ATOM   1293 N  NH2 . ARG A 1 158 ? -6.780  -12.413 -3.963  1.00 18.82 ? 158 ARG A NH2 1 
ATOM   1294 N  N   . ARG A 1 159 ? -8.919  -16.541 2.286   1.00 14.08 ? 159 ARG A N   1 
ATOM   1295 C  CA  A ARG A 1 159 ? -9.492  -17.811 2.762   0.50 12.74 ? 159 ARG A CA  1 
ATOM   1296 C  CA  B ARG A 1 159 ? -9.454  -17.808 2.775   0.50 13.00 ? 159 ARG A CA  1 
ATOM   1297 C  C   . ARG A 1 159 ? -9.114  -18.993 1.865   1.00 14.45 ? 159 ARG A C   1 
ATOM   1298 O  O   . ARG A 1 159 ? -8.958  -20.117 2.391   1.00 19.45 ? 159 ARG A O   1 
ATOM   1299 C  CB  A ARG A 1 159 ? -11.027 -17.725 2.875   0.50 11.10 ? 159 ARG A CB  1 
ATOM   1300 C  CB  B ARG A 1 159 ? -10.964 -17.689 2.946   0.50 11.83 ? 159 ARG A CB  1 
ATOM   1301 C  CG  A ARG A 1 159 ? -11.543 -16.766 3.951   0.50 16.37 ? 159 ARG A CG  1 
ATOM   1302 C  CG  B ARG A 1 159 ? -11.405 -16.754 4.085   0.50 17.56 ? 159 ARG A CG  1 
ATOM   1303 C  CD  A ARG A 1 159 ? -12.958 -17.145 4.373   0.50 16.62 ? 159 ARG A CD  1 
ATOM   1304 C  CD  B ARG A 1 159 ? -12.902 -16.848 4.370   0.50 20.50 ? 159 ARG A CD  1 
ATOM   1305 N  NE  A ARG A 1 159 ? -13.508 -16.231 5.378   0.50 15.58 ? 159 ARG A NE  1 
ATOM   1306 N  NE  B ARG A 1 159 ? -13.383 -18.227 4.272   0.50 15.65 ? 159 ARG A NE  1 
ATOM   1307 C  CZ  A ARG A 1 159 ? -13.422 -16.427 6.690   0.50 23.41 ? 159 ARG A CZ  1 
ATOM   1308 C  CZ  B ARG A 1 159 ? -13.974 -18.747 3.201   0.50 26.27 ? 159 ARG A CZ  1 
ATOM   1309 N  NH1 A ARG A 1 159 ? -12.767 -17.483 7.171   0.50 3.96  ? 159 ARG A NH1 1 
ATOM   1310 N  NH1 B ARG A 1 159 ? -14.248 -17.984 2.149   0.50 16.86 ? 159 ARG A NH1 1 
ATOM   1311 N  NH2 A ARG A 1 159 ? -13.937 -15.537 7.535   0.50 9.51  ? 159 ARG A NH2 1 
ATOM   1312 N  NH2 B ARG A 1 159 ? -14.324 -20.025 3.186   0.50 16.74 ? 159 ARG A NH2 1 
ATOM   1313 O  OXT A ARG A 1 159 ? -8.993  -18.800 0.636   0.50 21.27 ? 159 ARG A OXT 1 
ATOM   1314 O  OXT B ARG A 1 159 ? -9.032  -18.805 0.633   0.50 14.80 ? 159 ARG A OXT 1 
HETATM 1315 N  N1  A 7ME B 2 .   ? 0.764   3.656   4.711   0.50 13.88 ? 160 7ME A N1  1 
HETATM 1316 N  N1  B 7ME B 2 .   ? 0.699   3.648   4.725   0.50 13.40 ? 160 7ME A N1  1 
HETATM 1317 C  C2  A 7ME B 2 .   ? 0.151   2.467   4.536   0.50 18.85 ? 160 7ME A C2  1 
HETATM 1318 C  C2  B 7ME B 2 .   ? 0.105   2.486   4.546   0.50 18.16 ? 160 7ME A C2  1 
HETATM 1319 N  N3  A 7ME B 2 .   ? 0.281   1.812   3.359   0.50 11.76 ? 160 7ME A N3  1 
HETATM 1320 N  N3  B 7ME B 2 .   ? 0.257   1.782   3.404   0.50 11.35 ? 160 7ME A N3  1 
HETATM 1321 C  C4  A 7ME B 2 .   ? 1.008   2.345   2.333   0.50 12.17 ? 160 7ME A C4  1 
HETATM 1322 C  C4  B 7ME B 2 .   ? 1.018   2.372   2.427   0.50 12.07 ? 160 7ME A C4  1 
HETATM 1323 C  C5  A 7ME B 2 .   ? 2.540   4.144   1.398   0.50 13.85 ? 160 7ME A C5  1 
HETATM 1324 C  C5  B 7ME B 2 .   ? 2.506   4.133   1.372   0.50 13.55 ? 160 7ME A C5  1 
HETATM 1325 C  C6  A 7ME B 2 .   ? 3.570   5.150   1.901   0.50 18.57 ? 160 7ME A C6  1 
HETATM 1326 C  C6  B 7ME B 2 .   ? 3.180   5.483   1.665   0.50 18.32 ? 160 7ME A C6  1 
HETATM 1327 C  C7  A 7ME B 2 .   ? 3.031   6.147   2.912   0.50 14.76 ? 160 7ME A C7  1 
HETATM 1328 C  C7  B 7ME B 2 .   ? 3.418   5.721   3.126   0.50 13.13 ? 160 7ME A C7  1 
HETATM 1329 C  C8  A 7ME B 2 .   ? 2.277   5.499   4.077   0.50 17.42 ? 160 7ME A C8  1 
HETATM 1330 C  C8  B 7ME B 2 .   ? 2.148   5.619   4.028   0.50 13.15 ? 160 7ME A C8  1 
HETATM 1331 C  C13 A 7ME B 2 .   ? 4.140   7.076   3.402   0.50 16.88 ? 160 7ME A C13 1 
HETATM 1332 C  C13 B 7ME B 2 .   ? 4.137   7.061   3.233   0.50 12.23 ? 160 7ME A C13 1 
HETATM 1333 C  C4A A 7ME B 2 .   ? 1.714   3.543   2.525   0.50 13.67 ? 160 7ME A C4A 1 
HETATM 1334 C  C4A B 7ME B 2 .   ? 1.679   3.605   2.546   0.50 12.00 ? 160 7ME A C4A 1 
HETATM 1335 C  C8A A 7ME B 2 .   ? 1.568   4.196   3.742   0.50 11.87 ? 160 7ME A C8A 1 
HETATM 1336 C  C8A B 7ME B 2 .   ? 1.497   4.270   3.755   0.50 12.19 ? 160 7ME A C8A 1 
HETATM 1337 N  NA2 A 7ME B 2 .   ? -0.593  1.951   5.560   0.50 13.74 ? 160 7ME A NA2 1 
HETATM 1338 N  NA2 B 7ME B 2 .   ? -0.600  1.948   5.563   0.50 12.73 ? 160 7ME A NA2 1 
HETATM 1339 N  NA4 A 7ME B 2 .   ? 1.088   1.656   1.167   0.50 13.50 ? 160 7ME A NA4 1 
HETATM 1340 N  NA4 B 7ME B 2 .   ? 1.113   1.669   1.311   0.50 13.58 ? 160 7ME A NA4 1 
HETATM 1341 P  PA  . NDP C 3 .   ? -0.300  4.331   -9.226  1.00 14.47 ? 161 NDP A PA  1 
HETATM 1342 O  O1A . NDP C 3 .   ? 0.536   4.805   -8.064  1.00 13.82 ? 161 NDP A O1A 1 
HETATM 1343 O  O2A . NDP C 3 .   ? -0.962  2.984   -9.181  1.00 13.95 ? 161 NDP A O2A 1 
HETATM 1344 O  O5B . NDP C 3 .   ? 0.606   4.357   -10.542 1.00 13.55 ? 161 NDP A O5B 1 
HETATM 1345 C  C5B . NDP C 3 .   ? 0.044   4.026   -11.810 1.00 14.54 ? 161 NDP A C5B 1 
HETATM 1346 C  C4B . NDP C 3 .   ? 1.199   4.096   -12.788 1.00 11.54 ? 161 NDP A C4B 1 
HETATM 1347 O  O4B . NDP C 3 .   ? 2.046   2.955   -12.582 1.00 16.42 ? 161 NDP A O4B 1 
HETATM 1348 C  C3B . NDP C 3 .   ? 0.732   4.006   -14.239 1.00 19.07 ? 161 NDP A C3B 1 
HETATM 1349 O  O3B . NDP C 3 .   ? 0.420   5.296   -14.781 1.00 13.67 ? 161 NDP A O3B 1 
HETATM 1350 C  C2B . NDP C 3 .   ? 1.897   3.318   -14.946 1.00 15.53 ? 161 NDP A C2B 1 
HETATM 1351 O  O2B . NDP C 3 .   ? 2.926   4.261   -15.245 1.00 17.17 ? 161 NDP A O2B 1 
HETATM 1352 C  C1B . NDP C 3 .   ? 2.426   2.387   -13.847 1.00 18.39 ? 161 NDP A C1B 1 
HETATM 1353 N  N9A . NDP C 3 .   ? 1.824   1.037   -13.964 1.00 14.59 ? 161 NDP A N9A 1 
HETATM 1354 C  C8A . NDP C 3 .   ? 0.790   0.534   -13.241 1.00 16.25 ? 161 NDP A C8A 1 
HETATM 1355 N  N7A . NDP C 3 .   ? 0.560   -0.745  -13.636 1.00 14.01 ? 161 NDP A N7A 1 
HETATM 1356 C  C5A . NDP C 3 .   ? 1.465   -1.039  -14.608 1.00 19.32 ? 161 NDP A C5A 1 
HETATM 1357 C  C6A . NDP C 3 .   ? 1.727   -2.180  -15.382 1.00 25.18 ? 161 NDP A C6A 1 
HETATM 1358 N  N6A . NDP C 3 .   ? 1.026   -3.335  -15.204 1.00 21.07 ? 161 NDP A N6A 1 
HETATM 1359 N  N1A . NDP C 3 .   ? 2.731   -2.136  -16.295 1.00 13.48 ? 161 NDP A N1A 1 
HETATM 1360 C  C2A . NDP C 3 .   ? 3.464   -1.020  -16.459 1.00 13.03 ? 161 NDP A C2A 1 
HETATM 1361 N  N3A . NDP C 3 .   ? 3.223   0.105   -15.744 1.00 14.54 ? 161 NDP A N3A 1 
HETATM 1362 C  C4A . NDP C 3 .   ? 2.251   0.094   -14.797 1.00 14.41 ? 161 NDP A C4A 1 
HETATM 1363 O  O3  . NDP C 3 .   ? -1.336  5.547   -9.571  1.00 13.90 ? 161 NDP A O3  1 
HETATM 1364 P  PN  . NDP C 3 .   ? -2.768  5.879   -8.925  1.00 15.92 ? 161 NDP A PN  1 
HETATM 1365 O  O1N . NDP C 3 .   ? -3.759  4.771   -9.190  1.00 11.50 ? 161 NDP A O1N 1 
HETATM 1366 O  O2N . NDP C 3 .   ? -3.116  7.237   -9.481  1.00 13.04 ? 161 NDP A O2N 1 
HETATM 1367 O  O5D . NDP C 3 .   ? -2.482  5.947   -7.339  1.00 16.15 ? 161 NDP A O5D 1 
HETATM 1368 C  C5D . NDP C 3 .   ? -1.722  7.014   -6.764  1.00 9.14  ? 161 NDP A C5D 1 
HETATM 1369 C  C4D . NDP C 3 .   ? -2.560  7.609   -5.644  1.00 13.11 ? 161 NDP A C4D 1 
HETATM 1370 O  O4D . NDP C 3 .   ? -2.643  6.630   -4.605  1.00 11.13 ? 161 NDP A O4D 1 
HETATM 1371 C  C3D . NDP C 3 .   ? -1.961  8.884   -5.028  1.00 18.75 ? 161 NDP A C3D 1 
HETATM 1372 O  O3D . NDP C 3 .   ? -3.068  9.718   -4.655  1.00 13.44 ? 161 NDP A O3D 1 
HETATM 1373 C  C2D . NDP C 3 .   ? -1.354  8.382   -3.731  1.00 16.45 ? 161 NDP A C2D 1 
HETATM 1374 O  O2D . NDP C 3 .   ? -1.287  9.395   -2.717  1.00 11.58 ? 161 NDP A O2D 1 
HETATM 1375 C  C1D . NDP C 3 .   ? -2.288  7.211   -3.365  1.00 12.57 ? 161 NDP A C1D 1 
HETATM 1376 N  N1N . NDP C 3 .   ? -1.693  6.192   -2.508  1.00 18.81 ? 161 NDP A N1N 1 
HETATM 1377 C  C2N . NDP C 3 .   ? -2.349  5.899   -1.365  1.00 13.96 ? 161 NDP A C2N 1 
HETATM 1378 C  C3N . NDP C 3 .   ? -1.852  4.955   -0.476  1.00 14.01 ? 161 NDP A C3N 1 
HETATM 1379 C  C7N . NDP C 3 .   ? -2.585  4.682   0.808   1.00 13.17 ? 161 NDP A C7N 1 
HETATM 1380 O  O7N . NDP C 3 .   ? -2.239  3.705   1.474   1.00 13.89 ? 161 NDP A O7N 1 
HETATM 1381 N  N7N . NDP C 3 .   ? -3.518  5.473   1.196   1.00 11.29 ? 161 NDP A N7N 1 
HETATM 1382 C  C4N . NDP C 3 .   ? -0.655  4.282   -0.793  1.00 11.72 ? 161 NDP A C4N 1 
HETATM 1383 C  C5N . NDP C 3 .   ? -0.004  4.589   -2.003  1.00 14.72 ? 161 NDP A C5N 1 
HETATM 1384 C  C6N . NDP C 3 .   ? -0.560  5.542   -2.858  1.00 11.57 ? 161 NDP A C6N 1 
HETATM 1385 P  P2B . NDP C 3 .   ? 3.161   4.946   -16.693 1.00 14.77 ? 161 NDP A P2B 1 
HETATM 1386 O  O1X . NDP C 3 .   ? 3.033   3.807   -17.673 1.00 18.87 ? 161 NDP A O1X 1 
HETATM 1387 O  O2X . NDP C 3 .   ? 4.511   5.569   -16.622 1.00 15.72 ? 161 NDP A O2X 1 
HETATM 1388 O  O3X . NDP C 3 .   ? 2.032   5.963   -16.764 1.00 13.45 ? 161 NDP A O3X 1 
HETATM 1389 CA CA  . CA  D 4 .   ? -12.272 11.603  11.966  1.00 13.53 2 213 CA  A CA  1 
HETATM 1390 CL CL  . CL  E 5 .   ? 8.780   4.107   6.013   1.00 24.76 ? 227 CL  A CL  1 
HETATM 1391 CA CA  . CA  F 4 .   ? 11.490  -13.055 -15.788 1.00 49.53 2 300 CA  A CA  1 
HETATM 1392 O  O   . HOH G 6 .   ? 14.555  -5.634  0.645   1.00 9.31  ? 162 HOH A O   1 
HETATM 1393 O  O   . HOH G 6 .   ? 10.130  9.990   -6.318  1.00 16.01 ? 163 HOH A O   1 
HETATM 1394 O  O   . HOH G 6 .   ? -9.955  -16.372 -2.997  1.00 22.53 ? 164 HOH A O   1 
HETATM 1395 O  O   . HOH G 6 .   ? -1.862  -0.553  6.451   1.00 15.29 ? 165 HOH A O   1 
HETATM 1396 O  O   . HOH G 6 .   ? 10.458  -10.665 2.094   1.00 17.10 ? 166 HOH A O   1 
HETATM 1397 O  O   . HOH G 6 .   ? -10.071 -19.836 5.619   1.00 16.45 ? 167 HOH A O   1 
HETATM 1398 O  O   . HOH G 6 .   ? -14.434 10.449  11.738  1.00 15.34 ? 168 HOH A O   1 
HETATM 1399 O  O   . HOH G 6 .   ? -9.001  -11.072 -5.576  1.00 21.23 ? 169 HOH A O   1 
HETATM 1400 O  O   . HOH G 6 .   ? 4.174   -1.694  -19.877 1.00 15.50 ? 170 HOH A O   1 
HETATM 1401 O  O   . HOH G 6 .   ? 15.936  -0.722  -13.227 1.00 17.80 ? 171 HOH A O   1 
HETATM 1402 O  O   . HOH G 6 .   ? 16.155  2.071   -0.862  1.00 18.60 ? 172 HOH A O   1 
HETATM 1403 O  O   . HOH G 6 .   ? -12.363 3.813   6.977   1.00 27.49 ? 173 HOH A O   1 
HETATM 1404 O  O   . HOH G 6 .   ? 15.714  2.005   -3.557  1.00 19.79 ? 174 HOH A O   1 
HETATM 1405 O  O   . HOH G 6 .   ? 9.797   1.162   -16.301 1.00 15.83 ? 175 HOH A O   1 
HETATM 1406 O  O   . HOH G 6 .   ? -4.212  11.084  -6.679  1.00 18.26 ? 176 HOH A O   1 
HETATM 1407 O  O   . HOH G 6 .   ? 10.810  14.655  -4.511  1.00 18.89 ? 177 HOH A O   1 
HETATM 1408 O  O   . HOH G 6 .   ? 11.972  9.662   -11.169 1.00 14.71 ? 178 HOH A O   1 
HETATM 1409 O  O   . HOH G 6 .   ? -3.962  7.334   18.354  1.00 24.63 ? 179 HOH A O   1 
HETATM 1410 O  O   . HOH G 6 .   ? 16.009  -0.484  -4.354  1.00 15.47 ? 180 HOH A O   1 
HETATM 1411 O  O   . HOH G 6 .   ? -19.114 -14.666 -2.297  1.00 14.27 ? 181 HOH A O   1 
HETATM 1412 O  O   . HOH G 6 .   ? 5.565   -9.946  -18.080 1.00 16.21 ? 182 HOH A O   1 
HETATM 1413 O  O   . HOH G 6 .   ? 16.427  4.788   -14.227 1.00 22.68 ? 183 HOH A O   1 
HETATM 1414 O  O   . HOH G 6 .   ? 7.787   -11.203 -17.115 1.00 22.04 ? 184 HOH A O   1 
HETATM 1415 O  O   . HOH G 6 .   ? 7.691   -6.493  -18.504 1.00 16.55 ? 185 HOH A O   1 
HETATM 1416 O  O   . HOH G 6 .   ? -13.658 9.805   -6.479  1.00 28.20 ? 186 HOH A O   1 
HETATM 1417 O  O   . HOH G 6 .   ? -15.290 9.095   9.520   1.00 25.93 ? 187 HOH A O   1 
HETATM 1418 O  O   . HOH G 6 .   ? 14.000  10.864  -9.435  1.00 16.77 ? 188 HOH A O   1 
HETATM 1419 O  O   . HOH G 6 .   ? 11.762  -0.555  -17.020 1.00 19.17 ? 189 HOH A O   1 
HETATM 1420 O  O   . HOH G 6 .   ? 9.567   -12.981 -6.772  1.00 18.66 ? 190 HOH A O   1 
HETATM 1421 O  O   . HOH G 6 .   ? 19.014  0.412   -7.697  1.00 20.85 ? 191 HOH A O   1 
HETATM 1422 O  O   . HOH G 6 .   ? -11.080 2.880   12.363  1.00 17.56 ? 192 HOH A O   1 
HETATM 1423 O  O   . HOH G 6 .   ? 17.285  1.288   -12.244 1.00 17.27 ? 193 HOH A O   1 
HETATM 1424 O  O   . HOH G 6 .   ? 9.102   6.106   -16.390 1.00 18.86 ? 194 HOH A O   1 
HETATM 1425 O  O   . HOH G 6 .   ? 14.010  1.305   -17.285 1.00 20.55 ? 195 HOH A O   1 
HETATM 1426 O  O   . HOH G 6 .   ? 10.205  -11.113 4.787   1.00 14.47 ? 196 HOH A O   1 
HETATM 1427 O  O   . HOH G 6 .   ? 13.022  -9.792  2.194   1.00 15.13 ? 197 HOH A O   1 
HETATM 1428 O  O   . HOH G 6 .   ? 13.913  12.232  -4.862  1.00 17.67 ? 198 HOH A O   1 
HETATM 1429 O  O   . HOH G 6 .   ? 17.043  -1.066  -6.806  1.00 20.53 ? 199 HOH A O   1 
HETATM 1430 O  O   . HOH G 6 .   ? 2.269   11.599  -10.461 1.00 20.97 ? 200 HOH A O   1 
HETATM 1431 O  O   . HOH G 6 .   ? -15.407 8.217   -2.807  1.00 26.15 ? 201 HOH A O   1 
HETATM 1432 O  O   . HOH G 6 .   ? -17.789 7.907   -2.135  1.00 27.17 ? 202 HOH A O   1 
HETATM 1433 O  O   . HOH G 6 .   ? -12.431 3.170   9.603   1.00 24.58 ? 203 HOH A O   1 
HETATM 1434 O  O   . HOH G 6 .   ? -3.783  7.414   -12.128 1.00 16.22 ? 204 HOH A O   1 
HETATM 1435 O  O   . HOH G 6 .   ? 12.557  -5.873  9.604   1.00 21.82 ? 205 HOH A O   1 
HETATM 1436 O  O   . HOH G 6 .   ? -14.513 11.026  -2.452  1.00 26.69 ? 206 HOH A O   1 
HETATM 1437 O  O   . HOH G 6 .   ? -2.635  9.863   -9.141  1.00 26.33 ? 207 HOH A O   1 
HETATM 1438 O  O   . HOH G 6 .   ? -19.511 -12.594 -4.081  1.00 18.63 ? 208 HOH A O   1 
HETATM 1439 O  O   . HOH G 6 .   ? -14.240 -11.047 5.573   1.00 13.07 ? 209 HOH A O   1 
HETATM 1440 O  O   . HOH G 6 .   ? 2.745   -8.977  -18.685 1.00 16.45 ? 210 HOH A O   1 
HETATM 1441 O  O   . HOH G 6 .   ? 7.565   -11.638 5.866   1.00 16.42 ? 211 HOH A O   1 
HETATM 1442 O  O   . HOH G 6 .   ? 9.198   -5.787  8.054   1.00 25.07 ? 212 HOH A O   1 
HETATM 1443 O  O   . HOH G 6 .   ? -11.820 10.357  13.965  1.00 17.67 ? 214 HOH A O   1 
HETATM 1444 O  O   . HOH G 6 .   ? 2.159   11.573  -7.709  1.00 34.51 ? 215 HOH A O   1 
HETATM 1445 O  O   . HOH G 6 .   ? -7.139  -19.535 5.649   1.00 18.16 ? 216 HOH A O   1 
HETATM 1446 O  O   . HOH G 6 .   ? 0.421   6.987   -18.338 1.00 21.98 ? 217 HOH A O   1 
HETATM 1447 O  O   . HOH G 6 .   ? -20.943 -10.941 1.504   1.00 18.94 ? 218 HOH A O   1 
HETATM 1448 O  O   . HOH G 6 .   ? 7.288   -13.312 -12.425 1.00 19.57 ? 219 HOH A O   1 
HETATM 1449 O  O   . HOH G 6 .   ? 3.116   -12.221 -18.373 1.00 23.38 ? 220 HOH A O   1 
HETATM 1450 O  O   . HOH G 6 .   ? -13.873 8.833   14.940  1.00 25.74 ? 221 HOH A O   1 
HETATM 1451 O  O   . HOH G 6 .   ? -10.556 -16.837 -0.430  1.00 15.62 ? 222 HOH A O   1 
HETATM 1452 O  O   . HOH G 6 .   ? -10.595 14.088  6.809   1.00 16.15 ? 223 HOH A O   1 
HETATM 1453 O  O   . HOH G 6 .   ? -9.229  0.703   -6.951  1.00 21.53 ? 224 HOH A O   1 
HETATM 1454 O  O   . HOH G 6 .   ? -9.327  -9.947  13.616  1.00 28.61 ? 225 HOH A O   1 
HETATM 1455 O  O   . HOH G 6 .   ? -13.854 9.424   2.077   1.00 17.69 ? 226 HOH A O   1 
HETATM 1456 O  O   . HOH G 6 .   ? -7.749  8.599   -10.282 1.00 17.21 ? 228 HOH A O   1 
HETATM 1457 O  O   . HOH G 6 .   ? 0.186   11.756  21.695  1.00 16.10 ? 229 HOH A O   1 
HETATM 1458 O  O   . HOH G 6 .   ? 3.135   -0.383  14.557  1.00 18.45 ? 230 HOH A O   1 
HETATM 1459 O  O   . HOH G 6 .   ? -18.602 -11.708 4.508   1.00 22.30 ? 231 HOH A O   1 
HETATM 1460 O  O   . HOH G 6 .   ? 8.565   9.263   -12.232 1.00 21.06 ? 232 HOH A O   1 
HETATM 1461 O  O   . HOH G 6 .   ? 18.331  -5.071  8.814   1.00 22.55 ? 233 HOH A O   1 
HETATM 1462 O  O   . HOH G 6 .   ? 5.655   7.529   12.626  1.00 18.40 ? 234 HOH A O   1 
HETATM 1463 O  O   . HOH G 6 .   ? 16.109  12.058  -2.453  1.00 20.67 ? 235 HOH A O   1 
HETATM 1464 O  O   . HOH G 6 .   ? 7.885   1.512   12.934  1.00 19.79 ? 236 HOH A O   1 
HETATM 1465 O  O   . HOH G 6 .   ? 5.220   -7.703  8.748   1.00 24.11 ? 237 HOH A O   1 
HETATM 1466 O  O   . HOH G 6 .   ? -7.343  -14.437 -7.713  1.00 24.60 ? 238 HOH A O   1 
HETATM 1467 O  O   . HOH G 6 .   ? 10.299  -0.014  11.995  1.00 23.53 ? 239 HOH A O   1 
HETATM 1468 O  O   . HOH G 6 .   ? -16.339 3.425   4.290   1.00 23.63 ? 240 HOH A O   1 
HETATM 1469 O  O   . HOH G 6 .   ? -1.063  7.740   -15.785 1.00 21.89 ? 241 HOH A O   1 
HETATM 1470 O  O   . HOH G 6 .   ? 18.574  2.132   2.237   1.00 24.44 ? 242 HOH A O   1 
HETATM 1471 O  O   . HOH G 6 .   ? -11.181 11.767  16.164  1.00 23.15 ? 243 HOH A O   1 
HETATM 1472 O  O   . HOH G 6 .   ? -11.797 1.729   5.997   1.00 31.80 ? 244 HOH A O   1 
HETATM 1473 O  O   . HOH G 6 .   ? -5.179  -17.368 8.159   1.00 26.76 ? 245 HOH A O   1 
HETATM 1474 O  O   . HOH G 6 .   ? -11.593 -12.685 -4.304  1.00 28.63 ? 246 HOH A O   1 
HETATM 1475 O  O   . HOH G 6 .   ? 3.886   12.955  15.719  1.00 24.63 ? 247 HOH A O   1 
HETATM 1476 O  O   . HOH G 6 .   ? -3.427  12.570  23.406  1.00 22.82 ? 248 HOH A O   1 
HETATM 1477 O  O   . HOH G 6 .   ? 0.685   12.685  1.184   1.00 22.80 ? 249 HOH A O   1 
HETATM 1478 O  O   . HOH G 6 .   ? 11.772  -8.936  6.257   1.00 23.00 ? 250 HOH A O   1 
HETATM 1479 O  O   . HOH G 6 .   ? -8.122  15.873  10.884  1.00 22.19 ? 251 HOH A O   1 
HETATM 1480 O  O   . HOH G 6 .   ? -13.251 -17.372 -1.085  1.00 29.86 ? 252 HOH A O   1 
HETATM 1481 O  O   . HOH G 6 .   ? 1.760   2.425   15.099  1.00 19.07 ? 253 HOH A O   1 
HETATM 1482 O  O   . HOH G 6 .   ? 12.124  -3.367  -17.566 1.00 22.24 ? 254 HOH A O   1 
HETATM 1483 O  O   . HOH G 6 .   ? -15.214 -13.162 5.954   1.00 32.16 ? 255 HOH A O   1 
HETATM 1484 O  O   . HOH G 6 .   ? 10.370  -8.150  8.433   1.00 22.47 ? 256 HOH A O   1 
HETATM 1485 O  O   . HOH G 6 .   ? 4.123   -11.611 6.997   1.00 23.01 ? 257 HOH A O   1 
HETATM 1486 O  O   . HOH G 6 .   ? -2.942  17.869  18.231  1.00 26.25 ? 258 HOH A O   1 
HETATM 1487 O  O   . HOH G 6 .   ? 17.687  -0.075  -0.537  1.00 34.49 ? 259 HOH A O   1 
HETATM 1488 O  O   . HOH G 6 .   ? 4.804   -12.103 9.561   1.00 38.46 ? 260 HOH A O   1 
HETATM 1489 O  O   . HOH G 6 .   ? 14.406  -7.991  9.497   1.00 23.73 ? 261 HOH A O   1 
HETATM 1490 O  O   . HOH G 6 .   ? 13.509  -6.993  -17.660 1.00 25.35 ? 262 HOH A O   1 
HETATM 1491 O  O   . HOH G 6 .   ? 15.437  8.325   0.655   1.00 20.58 ? 263 HOH A O   1 
HETATM 1492 O  O   . HOH G 6 .   ? -0.682  7.477   6.220   1.00 29.98 ? 264 HOH A O   1 
HETATM 1493 O  O   . HOH G 6 .   ? -6.424  5.035   -9.514  1.00 27.45 ? 265 HOH A O   1 
HETATM 1494 O  O   . HOH G 6 .   ? 10.880  7.584   -19.206 1.00 28.11 ? 266 HOH A O   1 
HETATM 1495 O  O   . HOH G 6 .   ? -16.665 -0.496  -0.230  1.00 33.61 ? 267 HOH A O   1 
HETATM 1496 O  O   . HOH G 6 .   ? -10.213 10.365  20.981  1.00 27.49 ? 268 HOH A O   1 
HETATM 1497 O  O   . HOH G 6 .   ? 9.619   8.364   -14.560 1.00 20.85 ? 269 HOH A O   1 
HETATM 1498 O  O   . HOH G 6 .   ? 5.216   7.473   -18.131 1.00 20.74 ? 270 HOH A O   1 
HETATM 1499 O  O   . HOH G 6 .   ? -8.816  -3.309  19.051  1.00 22.41 ? 271 HOH A O   1 
HETATM 1500 O  O   . HOH G 6 .   ? 3.651   6.857   15.927  1.00 23.75 ? 272 HOH A O   1 
HETATM 1501 O  O   . HOH G 6 .   ? -12.987 1.968   3.583   1.00 26.56 ? 273 HOH A O   1 
HETATM 1502 O  O   . HOH G 6 .   ? 6.146   10.265  12.218  1.00 26.01 ? 274 HOH A O   1 
HETATM 1503 O  O   . HOH G 6 .   ? -5.660  -8.770  16.956  1.00 23.94 ? 275 HOH A O   1 
HETATM 1504 O  O   . HOH G 6 .   ? 3.093   4.317   16.637  1.00 20.72 ? 276 HOH A O   1 
HETATM 1505 O  O   . HOH G 6 .   ? -8.701  4.245   -7.936  1.00 23.62 ? 277 HOH A O   1 
HETATM 1506 O  O   . HOH G 6 .   ? -11.578 16.053  1.607   1.00 21.39 ? 278 HOH A O   1 
HETATM 1507 O  O   . HOH G 6 .   ? -14.400 5.035   15.272  1.00 24.50 ? 279 HOH A O   1 
HETATM 1508 O  O   . HOH G 6 .   ? -11.218 8.627   18.756  1.00 28.19 ? 280 HOH A O   1 
HETATM 1509 O  O   . HOH G 6 .   ? -16.686 -15.581 -2.737  1.00 30.50 ? 281 HOH A O   1 
HETATM 1510 O  O   . HOH G 6 .   ? -5.018  13.807  10.066  1.00 28.29 ? 282 HOH A O   1 
HETATM 1511 O  O   . HOH G 6 .   ? 16.324  10.712  0.094   1.00 22.54 ? 283 HOH A O   1 
HETATM 1512 O  O   . HOH G 6 .   ? 7.595   6.131   11.354  1.00 21.46 ? 284 HOH A O   1 
HETATM 1513 O  O   . HOH G 6 .   ? 13.427  15.090  2.965   1.00 27.44 ? 285 HOH A O   1 
HETATM 1514 O  O   . HOH G 6 .   ? -13.399 -18.154 10.210  1.00 25.81 ? 286 HOH A O   1 
HETATM 1515 O  O   . HOH G 6 .   ? -16.797 -10.045 -5.613  1.00 31.80 ? 287 HOH A O   1 
HETATM 1516 O  O   . HOH G 6 .   ? 8.594   4.008   13.545  1.00 23.45 ? 288 HOH A O   1 
HETATM 1517 O  O   . HOH G 6 .   ? -17.167 -5.948  -2.394  1.00 25.12 ? 289 HOH A O   1 
HETATM 1518 O  O   . HOH G 6 .   ? 15.690  -11.104 -3.723  1.00 29.21 ? 290 HOH A O   1 
HETATM 1519 O  O   . HOH G 6 .   ? -6.800  14.909  8.884   1.00 28.94 ? 291 HOH A O   1 
HETATM 1520 O  O   . HOH G 6 .   ? 6.753   12.295  -14.457 1.00 25.91 ? 292 HOH A O   1 
HETATM 1521 O  O   . HOH G 6 .   ? -9.153  6.645   -9.674  1.00 27.73 ? 293 HOH A O   1 
HETATM 1522 O  O   . HOH G 6 .   ? 0.877   -7.129  13.623  1.00 29.81 ? 294 HOH A O   1 
HETATM 1523 O  O   . HOH G 6 .   ? -4.156  -11.997 -12.013 1.00 22.21 ? 295 HOH A O   1 
HETATM 1524 O  O   . HOH G 6 .   ? 17.747  3.959   -0.003  1.00 25.67 ? 296 HOH A O   1 
HETATM 1525 O  O   . HOH G 6 .   ? 0.785   2.834   -18.396 1.00 22.60 ? 297 HOH A O   1 
HETATM 1526 O  O   . HOH G 6 .   ? 18.351  -3.151  -5.652  1.00 28.91 ? 298 HOH A O   1 
HETATM 1527 O  O   . HOH G 6 .   ? 16.317  -15.201 -1.147  1.00 25.74 ? 299 HOH A O   1 
HETATM 1528 O  O   . HOH G 6 .   ? 18.010  -5.187  4.784   1.00 36.93 ? 301 HOH A O   1 
HETATM 1529 O  O   . HOH G 6 .   ? -5.631  8.284   -8.987  1.00 20.70 ? 302 HOH A O   1 
HETATM 1530 O  O   . HOH G 6 .   ? -10.998 -9.875  -3.547  1.00 7.50  ? 303 HOH A O   1 
HETATM 1531 O  O   . HOH G 6 .   ? -3.047  -9.457  -12.243 1.00 28.67 ? 304 HOH A O   1 
HETATM 1532 O  O   . HOH G 6 .   ? -2.148  -2.359  -16.472 1.00 34.48 ? 305 HOH A O   1 
HETATM 1533 O  O   . HOH G 6 .   ? -2.561  17.454  -3.116  1.00 27.17 ? 306 HOH A O   1 
HETATM 1534 O  O   . HOH G 6 .   ? 0.929   -14.461 6.517   1.00 37.05 ? 307 HOH A O   1 
HETATM 1535 O  O   . HOH G 6 .   ? 22.411  2.774   -9.409  1.00 33.24 ? 308 HOH A O   1 
HETATM 1536 O  O   . HOH G 6 .   ? -18.979 -8.211  -3.088  1.00 28.06 ? 309 HOH A O   1 
HETATM 1537 O  O   . HOH G 6 .   ? -16.289 11.065  3.056   1.00 37.79 ? 310 HOH A O   1 
HETATM 1538 O  O   . HOH G 6 .   ? 4.782   -13.793 -11.866 1.00 31.81 ? 311 HOH A O   1 
HETATM 1539 O  O   . HOH G 6 .   ? -9.657  -16.737 10.317  1.00 52.13 ? 312 HOH A O   1 
HETATM 1540 O  O   . HOH G 6 .   ? 7.673   13.740  -7.097  1.00 34.02 ? 313 HOH A O   1 
HETATM 1541 O  O   . HOH G 6 .   ? -2.954  14.212  12.865  1.00 36.07 ? 314 HOH A O   1 
HETATM 1542 O  O   . HOH G 6 .   ? -2.477  15.967  14.989  1.00 27.37 ? 315 HOH A O   1 
HETATM 1543 O  O   . HOH G 6 .   ? 2.368   0.431   -22.482 1.00 36.48 ? 316 HOH A O   1 
HETATM 1544 O  O   . HOH G 6 .   ? 16.174  -13.444 -2.940  1.00 42.99 ? 317 HOH A O   1 
HETATM 1545 O  O   . HOH G 6 .   ? 1.156   10.934  -16.773 1.00 37.98 ? 318 HOH A O   1 
HETATM 1546 O  O   . HOH G 6 .   ? -13.095 -1.648  3.445   1.00 37.37 ? 319 HOH A O   1 
HETATM 1547 O  O   . HOH G 6 .   ? -14.805 -3.941  -0.593  1.00 32.40 ? 320 HOH A O   1 
HETATM 1548 O  O   . HOH G 6 .   ? 9.741   11.967  -7.995  1.00 38.50 ? 321 HOH A O   1 
HETATM 1549 O  O   . HOH G 6 .   ? 1.627   -10.468 10.188  1.00 39.57 ? 322 HOH A O   1 
HETATM 1550 O  O   . HOH G 6 .   ? -8.022  -8.238  17.803  1.00 33.35 ? 323 HOH A O   1 
HETATM 1551 O  O   . HOH G 6 .   ? -13.324 -9.202  4.845   1.00 26.38 ? 324 HOH A O   1 
HETATM 1552 O  O   . HOH G 6 .   ? 9.919   11.675  -10.960 1.00 32.74 ? 325 HOH A O   1 
HETATM 1553 O  O   . HOH G 6 .   ? 8.348   14.710  -0.829  1.00 47.70 ? 326 HOH A O   1 
HETATM 1554 O  O   . HOH G 6 .   ? -12.990 -13.326 9.721   1.00 34.22 ? 327 HOH A O   1 
HETATM 1555 O  O   . HOH G 6 .   ? 17.083  5.446   -16.564 1.00 35.42 ? 328 HOH A O   1 
HETATM 1556 O  O   . HOH G 6 .   ? -1.332  -13.522 9.052   1.00 40.90 ? 329 HOH A O   1 
HETATM 1557 O  O   . HOH G 6 .   ? -9.542  -19.961 8.838   1.00 37.10 ? 330 HOH A O   1 
HETATM 1558 O  O   . HOH G 6 .   ? -12.182 -8.810  -5.958  1.00 29.69 ? 331 HOH A O   1 
HETATM 1559 O  O   . HOH G 6 .   ? -18.064 -6.194  -4.774  1.00 48.10 ? 332 HOH A O   1 
HETATM 1560 O  O   . HOH G 6 .   ? 15.931  -13.311 0.503   1.00 44.54 ? 333 HOH A O   1 
HETATM 1561 O  O   . HOH G 6 .   ? 16.321  -4.553  2.378   1.00 48.59 ? 334 HOH A O   1 
HETATM 1562 O  O   . HOH G 6 .   ? 18.246  -15.724 0.262   1.00 33.69 ? 336 HOH A O   1 
HETATM 1563 O  O   . HOH G 6 .   ? -3.017  -16.576 9.952   1.00 32.77 ? 337 HOH A O   1 
HETATM 1564 O  O   . HOH G 6 .   ? -11.976 -5.089  6.161   1.00 26.90 ? 338 HOH A O   1 
HETATM 1565 O  O   . HOH G 6 .   ? 4.093   -9.923  9.055   1.00 51.42 ? 339 HOH A O   1 
HETATM 1566 O  O   . HOH G 6 .   ? -8.029  14.151  6.764   1.00 52.03 ? 340 HOH A O   1 
HETATM 1567 O  O   . HOH G 6 .   ? 6.862   12.321  0.968   1.00 40.97 ? 341 HOH A O   1 
HETATM 1568 O  O   . HOH G 6 .   ? 4.727   15.266  -7.818  1.00 40.68 ? 342 HOH A O   1 
HETATM 1569 O  O   . HOH G 6 .   ? -13.839 -6.790  4.886   1.00 32.31 ? 343 HOH A O   1 
HETATM 1570 O  O   . HOH G 6 .   ? 3.176   9.516   -19.002 1.00 40.00 ? 344 HOH A O   1 
HETATM 1571 O  O   . HOH G 6 .   ? -9.684  -0.007  21.645  1.00 47.81 ? 345 HOH A O   1 
HETATM 1572 O  O   . HOH G 6 .   ? 13.760  0.831   -21.016 1.00 51.54 ? 347 HOH A O   1 
HETATM 1573 O  O   . HOH G 6 .   ? 21.990  0.962   -11.346 1.00 35.12 ? 348 HOH A O   1 
HETATM 1574 O  O   . HOH G 6 .   ? -16.838 3.286   -2.164  1.00 33.67 ? 349 HOH A O   1 
HETATM 1575 O  O   . HOH G 6 .   ? 15.852  2.713   -16.055 1.00 45.42 ? 351 HOH A O   1 
HETATM 1576 O  O   . HOH G 6 .   ? -8.205  15.009  -8.714  1.00 40.47 ? 352 HOH A O   1 
HETATM 1577 O  O   . HOH G 6 .   ? 11.756  8.034   2.336   1.00 37.45 ? 353 HOH A O   1 
HETATM 1578 O  O   . HOH G 6 .   ? -4.279  15.244  16.827  1.00 27.01 ? 354 HOH A O   1 
HETATM 1579 O  O   . HOH G 6 .   ? -3.458  4.306   20.763  1.00 41.68 ? 358 HOH A O   1 
HETATM 1580 O  O   . HOH G 6 .   ? 1.866   11.934  8.762   1.00 36.76 ? 359 HOH A O   1 
HETATM 1581 O  O   . HOH G 6 .   ? -9.689  -6.269  17.863  1.00 54.25 ? 360 HOH A O   1 
HETATM 1582 O  O   . HOH G 6 .   ? -4.856  13.469  -9.121  1.00 36.67 ? 361 HOH A O   1 
HETATM 1583 O  O   . HOH G 6 .   ? -21.066 -7.971  -1.586  1.00 3.39  ? 362 HOH A O   1 
HETATM 1584 O  O   . HOH G 6 .   ? 8.002   -10.978 8.544   1.00 44.11 ? 363 HOH A O   1 
HETATM 1585 O  O   . HOH G 6 .   ? 19.644  -1.350  -9.614  1.00 44.32 ? 364 HOH A O   1 
HETATM 1586 O  O   . HOH G 6 .   ? 4.470   13.983  -1.613  1.00 30.61 ? 365 HOH A O   1 
HETATM 1587 O  O   . HOH G 6 .   ? 14.549  -12.012 2.441   1.00 33.14 ? 366 HOH A O   1 
HETATM 1588 O  O   . HOH G 6 .   ? -3.182  -16.014 12.450  1.00 36.73 ? 367 HOH A O   1 
HETATM 1589 O  O   . HOH G 6 .   ? 9.109   8.903   -20.500 1.00 39.26 ? 369 HOH A O   1 
# 
